data_2FNF
#
_entry.id   2FNF
#
loop_
_entity.id
_entity.type
_entity.pdbx_description
1 polymer 'putative Ras Effector Nore1'
2 non-polymer 'ZINC ION'
#
_entity_poly.entity_id   1
_entity_poly.type   'polypeptide(L)'
_entity_poly.pdbx_seq_one_letter_code
;PRDVRSIFEQPQDPRVLAERGEGHRFVELALRGGPGWCDLCGREVLRQALRCANCKFTCHSECRSLIQLDCR
;
_entity_poly.pdbx_strand_id   X
#
# COMPACT_ATOMS: atom_id res chain seq x y z
N PRO A 14 -8.74 -17.54 5.50
CA PRO A 14 -8.77 -16.90 6.85
C PRO A 14 -8.10 -15.54 6.75
N ARG A 15 -7.71 -14.95 7.88
CA ARG A 15 -7.05 -13.63 7.88
C ARG A 15 -5.82 -13.60 6.98
N VAL A 16 -5.66 -12.52 6.23
CA VAL A 16 -4.49 -12.39 5.36
C VAL A 16 -3.33 -12.06 6.31
N LEU A 17 -2.52 -13.07 6.59
CA LEU A 17 -1.38 -12.96 7.50
C LEU A 17 -0.21 -12.20 6.84
N ALA A 18 -0.48 -10.98 6.39
CA ALA A 18 0.52 -10.13 5.76
C ALA A 18 1.67 -9.84 6.74
N GLU A 19 1.35 -9.95 8.03
CA GLU A 19 2.30 -9.73 9.12
C GLU A 19 3.51 -10.65 9.07
N ARG A 20 3.46 -11.69 8.24
CA ARG A 20 4.56 -12.65 8.12
C ARG A 20 5.86 -12.00 7.65
N GLY A 21 5.75 -10.89 6.93
CA GLY A 21 6.93 -10.22 6.41
C GLY A 21 7.53 -9.22 7.37
N GLU A 22 8.85 -9.28 7.52
CA GLU A 22 9.57 -8.35 8.40
C GLU A 22 9.55 -6.95 7.77
N GLY A 23 9.30 -6.91 6.46
CA GLY A 23 9.24 -5.67 5.72
C GLY A 23 7.81 -5.14 5.62
N HIS A 24 7.60 -4.12 4.80
CA HIS A 24 6.26 -3.55 4.65
C HIS A 24 5.13 -4.51 4.30
N ARG A 25 4.14 -4.56 5.17
CA ARG A 25 2.96 -5.40 4.95
C ARG A 25 2.15 -5.00 3.72
N PHE A 26 1.99 -3.69 3.47
CA PHE A 26 1.23 -3.21 2.30
C PHE A 26 -0.18 -3.80 2.22
N VAL A 27 -1.00 -3.58 3.23
CA VAL A 27 -2.37 -4.13 3.19
C VAL A 27 -3.30 -3.38 2.21
N GLU A 28 -3.67 -4.07 1.14
CA GLU A 28 -4.54 -3.52 0.09
C GLU A 28 -5.93 -3.03 0.55
N LEU A 29 -6.30 -1.85 0.10
CA LEU A 29 -7.61 -1.29 0.43
C LEU A 29 -8.61 -1.44 -0.72
N ALA A 30 -9.76 -2.01 -0.40
CA ALA A 30 -10.80 -2.20 -1.40
C ALA A 30 -11.29 -0.85 -1.93
N LEU A 31 -11.26 -0.66 -3.25
CA LEU A 31 -11.73 0.61 -3.83
C LEU A 31 -13.24 0.71 -3.61
N ARG A 32 -13.65 1.73 -2.85
CA ARG A 32 -15.06 1.98 -2.50
C ARG A 32 -16.07 2.31 -3.63
N GLY A 33 -15.93 1.71 -4.78
CA GLY A 33 -16.85 1.97 -5.89
C GLY A 33 -16.52 3.29 -6.57
N GLY A 34 -15.42 3.87 -6.15
CA GLY A 34 -14.94 5.13 -6.70
C GLY A 34 -13.44 5.11 -6.53
N PRO A 35 -12.72 6.18 -6.88
CA PRO A 35 -11.26 6.18 -6.74
C PRO A 35 -10.73 6.03 -5.32
N GLY A 36 -9.42 6.10 -5.24
CA GLY A 36 -8.70 6.02 -3.99
C GLY A 36 -7.51 6.86 -4.38
N TRP A 37 -6.63 7.22 -3.46
CA TRP A 37 -5.49 8.05 -3.80
C TRP A 37 -4.16 7.51 -3.25
N CYS A 38 -3.12 7.48 -4.08
CA CYS A 38 -1.79 7.02 -3.65
C CYS A 38 -1.37 8.25 -2.85
N ASP A 39 -1.44 8.21 -1.53
CA ASP A 39 -1.12 9.42 -0.75
C ASP A 39 0.30 9.86 -1.05
N LEU A 40 1.12 8.87 -1.38
CA LEU A 40 2.49 9.07 -1.78
C LEU A 40 2.59 9.96 -3.04
N CYS A 41 1.85 9.59 -4.08
CA CYS A 41 1.85 10.33 -5.34
C CYS A 41 0.96 11.57 -5.41
N GLY A 42 -0.14 11.51 -4.68
CA GLY A 42 -1.12 12.58 -4.69
C GLY A 42 -2.07 12.31 -5.86
N ARG A 43 -1.75 11.28 -6.64
CA ARG A 43 -2.52 10.86 -7.81
C ARG A 43 -3.46 9.69 -7.50
N GLU A 44 -4.61 9.69 -8.14
CA GLU A 44 -5.61 8.62 -7.95
C GLU A 44 -5.09 7.23 -8.31
N VAL A 45 -5.52 6.24 -7.53
CA VAL A 45 -5.14 4.84 -7.73
C VAL A 45 -6.25 4.04 -8.44
N LEU A 46 -6.09 3.85 -9.74
CA LEU A 46 -7.08 3.08 -10.51
C LEU A 46 -7.10 1.64 -9.99
N ARG A 47 -5.93 1.16 -9.61
CA ARG A 47 -5.76 -0.20 -9.08
C ARG A 47 -5.83 -0.12 -7.54
N GLN A 48 -6.06 -1.23 -6.85
CA GLN A 48 -6.13 -1.25 -5.39
C GLN A 48 -4.82 -0.87 -4.72
N ALA A 49 -4.83 0.29 -4.12
CA ALA A 49 -3.68 0.83 -3.40
C ALA A 49 -3.35 -0.04 -2.19
N LEU A 50 -2.07 -0.30 -1.99
CA LEU A 50 -1.64 -1.12 -0.86
C LEU A 50 -1.07 -0.23 0.23
N ARG A 51 -1.51 -0.45 1.45
CA ARG A 51 -1.14 0.41 2.58
C ARG A 51 -0.25 -0.23 3.61
N CYS A 52 1.00 0.13 3.70
CA CYS A 52 1.77 -0.47 4.78
C CYS A 52 1.34 0.24 6.08
N ALA A 53 0.38 -0.36 6.76
CA ALA A 53 -0.19 0.17 7.98
C ALA A 53 0.83 0.37 9.08
N ASN A 54 1.93 -0.35 8.99
CA ASN A 54 2.98 -0.25 10.00
C ASN A 54 3.70 1.07 10.09
N CYS A 55 3.62 1.87 9.04
CA CYS A 55 4.35 3.12 9.07
C CYS A 55 4.05 4.14 7.96
N LYS A 56 4.13 3.65 6.74
CA LYS A 56 3.99 4.50 5.56
C LYS A 56 2.61 4.93 5.01
N PHE A 57 2.35 4.57 3.77
CA PHE A 57 1.15 4.98 3.03
C PHE A 57 0.41 3.97 2.20
N THR A 58 -0.70 4.41 1.60
CA THR A 58 -1.50 3.57 0.71
C THR A 58 -1.07 4.01 -0.69
N CYS A 59 -0.20 3.24 -1.29
CA CYS A 59 0.34 3.60 -2.60
C CYS A 59 -0.09 2.73 -3.76
N HIS A 60 0.05 3.22 -4.98
CA HIS A 60 -0.28 2.40 -6.17
C HIS A 60 0.56 1.11 -6.05
N SER A 61 0.03 0.01 -6.53
CA SER A 61 0.74 -1.27 -6.50
C SER A 61 2.08 -1.05 -7.16
N GLU A 62 2.02 -0.41 -8.30
CA GLU A 62 3.17 -0.06 -9.11
C GLU A 62 4.17 0.83 -8.34
N CYS A 63 3.64 1.80 -7.59
CA CYS A 63 4.46 2.72 -6.82
C CYS A 63 5.24 2.04 -5.70
N ARG A 64 4.80 0.86 -5.27
CA ARG A 64 5.52 0.12 -4.20
C ARG A 64 6.98 -0.09 -4.59
N SER A 65 7.25 -0.15 -5.89
CA SER A 65 8.60 -0.33 -6.41
C SER A 65 9.58 0.72 -5.90
N LEU A 66 9.11 1.96 -5.81
CA LEU A 66 9.93 3.09 -5.35
C LEU A 66 10.30 3.05 -3.86
N ILE A 67 9.80 2.08 -3.12
CA ILE A 67 10.10 1.98 -1.70
C ILE A 67 11.23 0.99 -1.45
N GLN A 68 12.43 1.53 -1.24
CA GLN A 68 13.61 0.71 -0.98
C GLN A 68 13.98 0.65 0.51
N LEU A 69 13.07 1.10 1.37
CA LEU A 69 13.32 1.09 2.81
C LEU A 69 12.07 0.67 3.58
N ASP A 70 12.19 -0.44 4.30
CA ASP A 70 11.12 -1.06 5.12
C ASP A 70 10.52 -0.28 6.29
N CYS A 71 9.62 -0.94 7.01
CA CYS A 71 8.89 -0.34 8.11
C CYS A 71 9.75 0.46 9.11
N ARG A 72 9.34 1.72 9.21
CA ARG A 72 9.97 2.71 10.09
C ARG A 72 9.96 2.27 11.55
N PRO A 14 -0.74 -15.93 15.37
CA PRO A 14 0.08 -17.03 15.93
C PRO A 14 1.55 -16.67 15.77
N ARG A 15 2.45 -17.65 15.85
CA ARG A 15 3.90 -17.37 15.72
C ARG A 15 4.35 -16.94 14.32
N VAL A 16 3.42 -16.96 13.37
CA VAL A 16 3.72 -16.56 11.99
C VAL A 16 3.41 -15.08 11.77
N LEU A 17 3.60 -14.29 12.83
CA LEU A 17 3.37 -12.84 12.77
C LEU A 17 4.27 -12.17 11.73
N ALA A 18 3.72 -11.85 10.57
CA ALA A 18 4.47 -11.20 9.50
C ALA A 18 5.13 -9.91 10.00
N GLU A 19 4.31 -9.10 10.66
CA GLU A 19 4.71 -7.81 11.22
C GLU A 19 5.85 -7.84 12.23
N ARG A 20 6.35 -9.02 12.61
CA ARG A 20 7.47 -9.06 13.55
C ARG A 20 8.66 -8.37 12.92
N GLY A 21 8.86 -8.61 11.63
CA GLY A 21 9.96 -7.98 10.92
C GLY A 21 9.48 -6.67 10.36
N GLU A 22 10.39 -5.73 10.18
CA GLU A 22 10.07 -4.40 9.64
C GLU A 22 9.80 -4.45 8.11
N GLY A 23 9.21 -5.53 7.62
CA GLY A 23 8.91 -5.64 6.21
C GLY A 23 7.54 -5.08 5.92
N HIS A 24 7.41 -4.25 4.89
CA HIS A 24 6.12 -3.66 4.55
C HIS A 24 5.01 -4.63 4.23
N ARG A 25 4.03 -4.72 5.11
CA ARG A 25 2.89 -5.61 4.88
C ARG A 25 2.08 -5.16 3.66
N PHE A 26 1.92 -3.86 3.46
CA PHE A 26 1.18 -3.33 2.31
C PHE A 26 -0.23 -3.90 2.28
N VAL A 27 -0.99 -3.67 3.35
CA VAL A 27 -2.38 -4.20 3.38
C VAL A 27 -3.26 -3.52 2.32
N GLU A 28 -3.64 -4.29 1.30
CA GLU A 28 -4.44 -3.78 0.18
C GLU A 28 -5.79 -3.17 0.53
N LEU A 29 -5.99 -1.92 0.12
CA LEU A 29 -7.23 -1.23 0.31
C LEU A 29 -8.11 -1.86 -0.76
N ALA A 30 -9.12 -2.60 -0.35
CA ALA A 30 -10.01 -3.31 -1.28
C ALA A 30 -10.89 -2.49 -2.26
N LEU A 31 -10.51 -1.27 -2.62
CA LEU A 31 -11.32 -0.47 -3.56
C LEU A 31 -11.44 -1.26 -4.88
N ARG A 32 -12.66 -1.42 -5.36
CA ARG A 32 -12.88 -2.16 -6.60
C ARG A 32 -13.76 -1.37 -7.55
N GLY A 33 -13.71 -0.06 -7.38
CA GLY A 33 -14.46 0.86 -8.20
C GLY A 33 -14.41 2.22 -7.53
N GLY A 34 -14.50 3.28 -8.32
CA GLY A 34 -14.44 4.63 -7.78
C GLY A 34 -12.98 5.02 -7.52
N PRO A 35 -12.69 6.30 -7.26
CA PRO A 35 -11.28 6.61 -7.03
C PRO A 35 -10.78 6.19 -5.66
N GLY A 36 -9.54 6.54 -5.40
CA GLY A 36 -8.90 6.28 -4.13
C GLY A 36 -7.65 7.08 -4.40
N TRP A 37 -6.84 7.40 -3.42
CA TRP A 37 -5.65 8.22 -3.68
C TRP A 37 -4.34 7.60 -3.16
N CYS A 38 -3.31 7.54 -4.02
CA CYS A 38 -1.99 7.04 -3.61
C CYS A 38 -1.52 8.25 -2.83
N ASP A 39 -1.60 8.19 -1.50
CA ASP A 39 -1.25 9.39 -0.68
C ASP A 39 0.16 9.83 -1.02
N LEU A 40 0.98 8.85 -1.35
CA LEU A 40 2.35 9.05 -1.77
C LEU A 40 2.43 9.93 -3.05
N CYS A 41 1.70 9.53 -4.08
CA CYS A 41 1.70 10.26 -5.36
C CYS A 41 0.81 11.50 -5.42
N GLY A 42 -0.28 11.46 -4.70
CA GLY A 42 -1.25 12.54 -4.71
C GLY A 42 -2.19 12.27 -5.88
N ARG A 43 -1.84 11.27 -6.67
CA ARG A 43 -2.61 10.86 -7.85
C ARG A 43 -3.53 9.70 -7.56
N GLU A 44 -4.69 9.71 -8.19
CA GLU A 44 -5.69 8.65 -8.01
C GLU A 44 -5.23 7.23 -8.33
N VAL A 45 -5.72 6.29 -7.54
CA VAL A 45 -5.40 4.88 -7.71
C VAL A 45 -6.62 4.12 -8.31
N LEU A 46 -6.67 4.01 -9.64
CA LEU A 46 -7.77 3.27 -10.28
C LEU A 46 -7.49 1.81 -9.98
N ARG A 47 -6.20 1.57 -9.97
CA ARG A 47 -5.58 0.29 -9.68
C ARG A 47 -5.49 0.21 -8.16
N GLN A 48 -5.60 -0.99 -7.58
CA GLN A 48 -5.58 -1.10 -6.14
C GLN A 48 -4.32 -0.58 -5.46
N ALA A 49 -4.56 0.17 -4.40
CA ALA A 49 -3.52 0.75 -3.59
C ALA A 49 -3.28 -0.10 -2.35
N LEU A 50 -2.03 -0.35 -2.05
CA LEU A 50 -1.70 -1.18 -0.90
C LEU A 50 -1.08 -0.32 0.18
N ARG A 51 -1.48 -0.53 1.43
CA ARG A 51 -1.01 0.33 2.50
C ARG A 51 -0.16 -0.29 3.56
N CYS A 52 1.11 0.04 3.61
CA CYS A 52 1.91 -0.51 4.68
C CYS A 52 1.59 0.38 5.90
N ALA A 53 0.50 0.02 6.58
CA ALA A 53 0.01 0.75 7.74
C ALA A 53 1.03 0.77 8.87
N ASN A 54 2.05 -0.06 8.76
CA ASN A 54 3.10 -0.13 9.76
C ASN A 54 3.96 1.11 9.85
N CYS A 55 3.92 1.95 8.83
CA CYS A 55 4.77 3.11 8.84
C CYS A 55 4.38 4.23 7.88
N LYS A 56 4.27 3.80 6.64
CA LYS A 56 4.09 4.70 5.50
C LYS A 56 2.73 5.01 4.86
N PHE A 57 2.60 4.70 3.57
CA PHE A 57 1.40 5.03 2.82
C PHE A 57 0.58 3.96 2.17
N THR A 58 -0.52 4.44 1.58
CA THR A 58 -1.37 3.58 0.80
C THR A 58 -1.00 4.04 -0.60
N CYS A 59 -0.15 3.27 -1.23
CA CYS A 59 0.35 3.62 -2.54
C CYS A 59 -0.10 2.71 -3.66
N HIS A 60 -0.05 3.19 -4.90
CA HIS A 60 -0.40 2.31 -6.04
C HIS A 60 0.46 1.04 -5.92
N SER A 61 -0.05 -0.10 -6.38
CA SER A 61 0.71 -1.36 -6.32
C SER A 61 2.08 -1.13 -6.94
N GLU A 62 2.09 -0.51 -8.10
CA GLU A 62 3.32 -0.19 -8.82
C GLU A 62 4.25 0.71 -7.98
N CYS A 63 3.67 1.71 -7.31
CA CYS A 63 4.42 2.64 -6.50
C CYS A 63 5.16 1.97 -5.33
N ARG A 64 4.68 0.82 -4.89
CA ARG A 64 5.36 0.10 -3.78
C ARG A 64 6.83 -0.13 -4.13
N SER A 65 7.11 -0.26 -5.42
CA SER A 65 8.47 -0.50 -5.90
C SER A 65 9.50 0.53 -5.45
N LEU A 66 9.16 1.82 -5.50
CA LEU A 66 10.11 2.86 -5.08
C LEU A 66 10.37 2.93 -3.58
N ILE A 67 9.67 2.13 -2.79
CA ILE A 67 9.86 2.17 -1.33
C ILE A 67 10.88 1.11 -0.89
N GLN A 68 12.12 1.51 -0.60
CA GLN A 68 13.13 0.54 -0.14
C GLN A 68 13.31 0.55 1.38
N LEU A 69 13.18 1.73 1.97
CA LEU A 69 13.34 1.92 3.42
C LEU A 69 12.24 1.14 4.16
N ASP A 70 12.65 0.28 5.09
CA ASP A 70 11.77 -0.60 5.92
C ASP A 70 10.63 0.11 6.70
N CYS A 71 9.83 -0.64 7.46
CA CYS A 71 8.76 -0.01 8.25
C CYS A 71 9.34 0.74 9.47
N ARG A 72 9.86 1.93 9.24
CA ARG A 72 10.48 2.72 10.29
C ARG A 72 9.93 4.14 10.25
N PRO A 14 2.18 -22.30 6.63
CA PRO A 14 2.00 -22.74 5.22
C PRO A 14 2.85 -21.83 4.33
N ARG A 15 2.58 -21.81 3.03
CA ARG A 15 3.34 -20.96 2.10
C ARG A 15 3.23 -19.51 2.55
N VAL A 16 4.36 -18.84 2.74
CA VAL A 16 4.38 -17.44 3.17
C VAL A 16 4.37 -16.47 1.98
N LEU A 17 3.45 -16.71 1.05
CA LEU A 17 3.30 -15.87 -0.14
C LEU A 17 3.07 -14.41 0.28
N ALA A 18 2.14 -14.25 1.21
CA ALA A 18 1.78 -12.94 1.76
C ALA A 18 3.02 -12.26 2.34
N GLU A 19 3.20 -10.99 2.01
CA GLU A 19 4.34 -10.22 2.49
C GLU A 19 4.44 -10.27 4.02
N ARG A 20 5.68 -10.20 4.50
CA ARG A 20 5.97 -10.25 5.94
C ARG A 20 5.16 -9.12 6.62
N GLY A 21 4.24 -9.49 7.50
CA GLY A 21 3.40 -8.48 8.13
C GLY A 21 4.02 -7.57 9.17
N GLU A 22 5.10 -7.99 9.79
CA GLU A 22 5.78 -7.14 10.77
C GLU A 22 6.57 -6.07 10.01
N GLY A 23 6.87 -6.36 8.75
CA GLY A 23 7.59 -5.44 7.88
C GLY A 23 6.53 -4.77 7.02
N HIS A 24 6.85 -4.24 5.85
CA HIS A 24 5.79 -3.62 5.06
C HIS A 24 4.74 -4.63 4.61
N ARG A 25 3.63 -4.67 5.32
CA ARG A 25 2.54 -5.57 4.98
C ARG A 25 1.89 -5.20 3.67
N PHE A 26 1.80 -3.90 3.38
CA PHE A 26 1.19 -3.40 2.15
C PHE A 26 -0.21 -3.94 2.05
N VAL A 27 -1.01 -3.66 3.05
CA VAL A 27 -2.40 -4.18 3.02
C VAL A 27 -3.27 -3.51 1.97
N GLU A 28 -3.54 -4.24 0.90
CA GLU A 28 -4.36 -3.76 -0.20
C GLU A 28 -5.73 -3.24 0.21
N LEU A 29 -6.21 -2.25 -0.51
CA LEU A 29 -7.53 -1.69 -0.25
C LEU A 29 -8.50 -2.24 -1.27
N ALA A 30 -9.74 -2.41 -0.83
CA ALA A 30 -10.79 -2.94 -1.70
C ALA A 30 -11.47 -1.84 -2.52
N LEU A 31 -10.65 -1.00 -3.15
CA LEU A 31 -11.17 0.11 -3.96
C LEU A 31 -12.01 -0.38 -5.14
N ARG A 32 -11.47 -1.38 -5.86
CA ARG A 32 -12.17 -2.00 -6.99
C ARG A 32 -12.52 -0.93 -8.05
N GLY A 33 -11.60 0.00 -8.28
CA GLY A 33 -11.84 1.08 -9.24
C GLY A 33 -12.39 2.36 -8.66
N GLY A 34 -12.73 2.37 -7.38
CA GLY A 34 -13.24 3.59 -6.77
C GLY A 34 -12.05 4.46 -6.37
N PRO A 35 -12.23 5.77 -6.15
CA PRO A 35 -11.03 6.51 -5.78
C PRO A 35 -10.41 6.17 -4.44
N GLY A 36 -9.11 6.34 -4.40
CA GLY A 36 -8.31 6.12 -3.22
C GLY A 36 -7.17 6.96 -3.70
N TRP A 37 -6.25 7.41 -2.87
CA TRP A 37 -5.16 8.26 -3.34
C TRP A 37 -3.77 7.72 -2.98
N CYS A 38 -2.83 7.73 -3.92
CA CYS A 38 -1.47 7.27 -3.64
C CYS A 38 -0.92 8.42 -2.85
N ASP A 39 -0.79 8.27 -1.54
CA ASP A 39 -0.32 9.37 -0.66
C ASP A 39 0.97 9.94 -1.24
N LEU A 40 1.78 9.02 -1.71
CA LEU A 40 3.05 9.32 -2.34
C LEU A 40 2.93 10.19 -3.62
N CYS A 41 2.06 9.79 -4.55
CA CYS A 41 1.89 10.52 -5.81
C CYS A 41 0.94 11.71 -5.77
N GLY A 42 -0.05 11.62 -4.91
CA GLY A 42 -1.07 12.65 -4.81
C GLY A 42 -2.10 12.39 -5.89
N ARG A 43 -1.89 11.30 -6.64
CA ARG A 43 -2.77 10.89 -7.74
C ARG A 43 -3.60 9.69 -7.32
N GLU A 44 -4.84 9.63 -7.79
CA GLU A 44 -5.74 8.53 -7.45
C GLU A 44 -5.27 7.12 -7.84
N VAL A 45 -5.48 6.19 -6.93
CA VAL A 45 -5.14 4.79 -7.15
C VAL A 45 -6.41 3.99 -7.39
N LEU A 46 -6.95 4.04 -8.60
CA LEU A 46 -8.15 3.25 -8.90
C LEU A 46 -7.81 1.75 -8.95
N ARG A 47 -6.52 1.46 -9.03
CA ARG A 47 -6.01 0.10 -9.09
C ARG A 47 -5.91 -0.45 -7.64
N GLN A 48 -5.32 -1.63 -7.49
CA GLN A 48 -5.12 -2.30 -6.20
C GLN A 48 -4.15 -1.53 -5.27
N ALA A 49 -4.63 -0.48 -4.63
CA ALA A 49 -3.80 0.32 -3.73
C ALA A 49 -3.25 -0.52 -2.59
N LEU A 50 -1.96 -0.42 -2.34
CA LEU A 50 -1.27 -1.18 -1.29
C LEU A 50 -0.86 -0.28 -0.15
N ARG A 51 -1.40 -0.52 1.04
CA ARG A 51 -1.10 0.34 2.17
C ARG A 51 -0.26 -0.24 3.26
N CYS A 52 0.99 0.14 3.38
CA CYS A 52 1.74 -0.39 4.51
C CYS A 52 1.32 0.41 5.74
N ALA A 53 0.26 -0.09 6.37
CA ALA A 53 -0.34 0.53 7.54
C ALA A 53 0.62 0.65 8.71
N ASN A 54 1.69 -0.15 8.69
CA ASN A 54 2.68 -0.11 9.75
C ASN A 54 3.45 1.18 9.87
N CYS A 55 3.54 1.95 8.81
CA CYS A 55 4.32 3.16 8.89
C CYS A 55 4.12 4.18 7.78
N LYS A 56 4.14 3.67 6.58
CA LYS A 56 4.05 4.49 5.39
C LYS A 56 2.64 4.76 4.85
N PHE A 57 2.43 4.52 3.58
CA PHE A 57 1.17 4.84 2.94
C PHE A 57 0.49 3.89 1.99
N THR A 58 -0.68 4.32 1.52
CA THR A 58 -1.46 3.58 0.54
C THR A 58 -1.06 4.08 -0.82
N CYS A 59 -0.20 3.32 -1.46
CA CYS A 59 0.34 3.68 -2.77
C CYS A 59 -0.19 2.87 -3.93
N HIS A 60 0.11 3.29 -5.15
CA HIS A 60 -0.29 2.48 -6.32
C HIS A 60 0.51 1.18 -6.14
N SER A 61 -0.04 0.06 -6.61
CA SER A 61 0.66 -1.21 -6.48
C SER A 61 2.07 -1.05 -7.08
N GLU A 62 2.11 -0.50 -8.28
CA GLU A 62 3.36 -0.24 -8.97
C GLU A 62 4.26 0.74 -8.20
N CYS A 63 3.67 1.72 -7.54
CA CYS A 63 4.42 2.70 -6.76
C CYS A 63 5.12 2.13 -5.52
N ARG A 64 4.66 1.00 -4.96
CA ARG A 64 5.37 0.50 -3.75
C ARG A 64 6.84 0.26 -4.03
N SER A 65 7.16 -0.02 -5.29
CA SER A 65 8.54 -0.29 -5.70
C SER A 65 9.48 0.85 -5.30
N LEU A 66 8.99 2.08 -5.43
CA LEU A 66 9.77 3.27 -5.10
C LEU A 66 10.13 3.41 -3.62
N ILE A 67 9.57 2.57 -2.75
CA ILE A 67 9.89 2.67 -1.34
C ILE A 67 11.20 1.91 -1.11
N GLN A 68 12.29 2.66 -1.02
CA GLN A 68 13.62 2.08 -0.83
C GLN A 68 13.89 1.37 0.51
N LEU A 69 13.29 1.85 1.59
CA LEU A 69 13.52 1.27 2.93
C LEU A 69 12.29 0.72 3.66
N ASP A 70 12.59 -0.07 4.69
CA ASP A 70 11.64 -0.72 5.61
C ASP A 70 10.81 0.16 6.53
N CYS A 71 9.99 -0.52 7.33
CA CYS A 71 9.11 0.14 8.26
C CYS A 71 9.87 1.08 9.18
N ARG A 72 9.42 2.32 9.12
CA ARG A 72 9.96 3.43 9.91
C ARG A 72 9.94 3.10 11.41
N PRO A 14 -2.54 -8.25 -1.10
CA PRO A 14 -2.65 -9.46 -1.94
C PRO A 14 -3.39 -10.53 -1.15
N ARG A 15 -3.79 -11.62 -1.82
CA ARG A 15 -4.51 -12.72 -1.17
C ARG A 15 -3.72 -13.59 -0.20
N VAL A 16 -2.43 -13.32 -0.03
CA VAL A 16 -1.60 -14.13 0.87
C VAL A 16 -1.53 -13.47 2.24
N LEU A 17 -0.82 -14.09 3.18
CA LEU A 17 -0.65 -13.56 4.54
C LEU A 17 0.34 -12.39 4.62
N ALA A 18 0.32 -11.50 3.64
CA ALA A 18 1.22 -10.35 3.59
C ALA A 18 1.07 -9.44 4.80
N GLU A 19 -0.10 -9.50 5.43
CA GLU A 19 -0.39 -8.69 6.63
C GLU A 19 0.69 -8.87 7.70
N ARG A 20 0.96 -10.12 8.03
CA ARG A 20 1.95 -10.48 9.04
C ARG A 20 3.34 -10.70 8.46
N GLY A 21 3.56 -10.22 7.25
CA GLY A 21 4.86 -10.40 6.60
C GLY A 21 5.91 -9.42 7.08
N GLU A 22 7.16 -9.77 6.86
CA GLU A 22 8.29 -8.94 7.25
C GLU A 22 8.37 -7.72 6.31
N GLY A 23 8.89 -6.60 6.80
CA GLY A 23 9.00 -5.39 5.99
C GLY A 23 7.64 -4.77 5.77
N HIS A 24 7.48 -3.96 4.72
CA HIS A 24 6.17 -3.34 4.47
C HIS A 24 5.09 -4.36 4.15
N ARG A 25 4.11 -4.50 5.05
CA ARG A 25 3.02 -5.43 4.81
C ARG A 25 2.20 -5.05 3.59
N PHE A 26 2.00 -3.74 3.37
CA PHE A 26 1.23 -3.26 2.23
C PHE A 26 -0.15 -3.88 2.14
N VAL A 27 -0.95 -3.68 3.17
CA VAL A 27 -2.31 -4.23 3.16
C VAL A 27 -3.21 -3.56 2.11
N GLU A 28 -3.31 -4.22 0.96
CA GLU A 28 -4.11 -3.79 -0.19
C GLU A 28 -5.56 -3.48 0.18
N LEU A 29 -5.94 -2.22 0.11
CA LEU A 29 -7.31 -1.83 0.45
C LEU A 29 -8.35 -2.22 -0.62
N ALA A 30 -9.32 -3.02 -0.19
CA ALA A 30 -10.41 -3.49 -1.05
C ALA A 30 -11.53 -2.44 -1.15
N LEU A 31 -11.17 -1.20 -1.48
CA LEU A 31 -12.15 -0.12 -1.58
C LEU A 31 -13.33 -0.40 -2.53
N ARG A 32 -14.53 -0.38 -1.97
CA ARG A 32 -15.78 -0.61 -2.74
C ARG A 32 -16.21 0.72 -3.38
N GLY A 33 -15.48 1.78 -3.06
CA GLY A 33 -15.79 3.11 -3.58
C GLY A 33 -15.19 3.38 -4.94
N GLY A 34 -15.20 4.65 -5.33
CA GLY A 34 -14.66 5.07 -6.61
C GLY A 34 -13.18 5.40 -6.52
N PRO A 35 -12.80 6.69 -6.58
CA PRO A 35 -11.36 6.96 -6.50
C PRO A 35 -10.72 6.64 -5.15
N GLY A 36 -9.41 6.48 -5.19
CA GLY A 36 -8.63 6.21 -3.99
C GLY A 36 -7.42 7.03 -4.36
N TRP A 37 -6.55 7.36 -3.42
CA TRP A 37 -5.38 8.18 -3.75
C TRP A 37 -4.06 7.62 -3.21
N CYS A 38 -3.02 7.63 -4.03
CA CYS A 38 -1.70 7.15 -3.63
C CYS A 38 -1.17 8.30 -2.79
N ASP A 39 -1.15 8.15 -1.46
CA ASP A 39 -0.71 9.22 -0.56
C ASP A 39 0.62 9.76 -1.04
N LEU A 40 1.46 8.83 -1.45
CA LEU A 40 2.78 9.11 -2.00
C LEU A 40 2.76 9.99 -3.26
N CYS A 41 1.97 9.61 -4.25
CA CYS A 41 1.89 10.36 -5.50
C CYS A 41 0.97 11.58 -5.53
N GLY A 42 -0.09 11.50 -4.75
CA GLY A 42 -1.09 12.56 -4.71
C GLY A 42 -2.08 12.28 -5.84
N ARG A 43 -1.74 11.28 -6.66
CA ARG A 43 -2.55 10.87 -7.80
C ARG A 43 -3.45 9.67 -7.53
N GLU A 44 -4.59 9.66 -8.20
CA GLU A 44 -5.59 8.60 -8.10
C GLU A 44 -5.08 7.18 -8.34
N VAL A 45 -5.45 6.26 -7.46
CA VAL A 45 -5.05 4.86 -7.60
C VAL A 45 -6.08 4.07 -8.39
N LEU A 46 -5.79 3.85 -9.67
CA LEU A 46 -6.70 3.09 -10.53
C LEU A 46 -6.85 1.66 -9.97
N ARG A 47 -5.79 1.12 -9.39
CA ARG A 47 -5.82 -0.23 -8.82
C ARG A 47 -6.08 -0.15 -7.30
N GLN A 48 -5.97 -1.29 -6.63
CA GLN A 48 -6.18 -1.35 -5.19
C GLN A 48 -4.88 -0.93 -4.50
N ALA A 49 -4.93 0.20 -3.82
CA ALA A 49 -3.78 0.76 -3.13
C ALA A 49 -3.20 -0.11 -2.00
N LEU A 50 -1.89 -0.30 -2.06
CA LEU A 50 -1.14 -1.07 -1.06
C LEU A 50 -0.82 -0.19 0.15
N ARG A 51 -1.45 -0.45 1.29
CA ARG A 51 -1.21 0.37 2.47
C ARG A 51 -0.34 -0.25 3.51
N CYS A 52 0.90 0.16 3.62
CA CYS A 52 1.71 -0.42 4.68
C CYS A 52 1.31 0.34 5.96
N ALA A 53 0.26 -0.16 6.58
CA ALA A 53 -0.30 0.44 7.80
C ALA A 53 0.70 0.48 8.94
N ASN A 54 1.78 -0.29 8.83
CA ASN A 54 2.81 -0.32 9.85
C ASN A 54 3.54 0.97 10.04
N CYS A 55 3.53 1.82 9.04
CA CYS A 55 4.29 3.05 9.16
C CYS A 55 3.99 4.17 8.19
N LYS A 56 3.96 3.79 6.93
CA LYS A 56 3.81 4.73 5.82
C LYS A 56 2.41 5.00 5.23
N PHE A 57 2.28 4.77 3.94
CA PHE A 57 1.06 5.07 3.19
C PHE A 57 0.37 3.99 2.35
N THR A 58 -0.69 4.42 1.65
CA THR A 58 -1.45 3.58 0.72
C THR A 58 -1.04 4.05 -0.67
N CYS A 59 -0.17 3.30 -1.31
CA CYS A 59 0.35 3.68 -2.62
C CYS A 59 -0.17 2.84 -3.79
N HIS A 60 0.05 3.29 -5.03
CA HIS A 60 -0.34 2.47 -6.19
C HIS A 60 0.46 1.20 -6.02
N SER A 61 -0.12 0.06 -6.41
CA SER A 61 0.60 -1.20 -6.30
C SER A 61 1.95 -1.05 -7.00
N GLU A 62 1.91 -0.44 -8.17
CA GLU A 62 3.10 -0.17 -8.96
C GLU A 62 4.11 0.71 -8.18
N CYS A 63 3.59 1.76 -7.54
CA CYS A 63 4.41 2.68 -6.78
C CYS A 63 5.12 2.06 -5.58
N ARG A 64 4.66 0.93 -5.06
CA ARG A 64 5.36 0.36 -3.89
C ARG A 64 6.81 0.07 -4.27
N SER A 65 7.02 -0.25 -5.53
CA SER A 65 8.35 -0.57 -6.06
C SER A 65 9.32 0.56 -5.86
N LEU A 66 8.80 1.77 -5.99
CA LEU A 66 9.59 3.00 -5.87
C LEU A 66 10.18 3.26 -4.49
N ILE A 67 9.91 2.41 -3.51
CA ILE A 67 10.44 2.63 -2.17
C ILE A 67 10.88 1.31 -1.52
N GLN A 68 12.18 1.08 -1.57
CA GLN A 68 12.79 -0.13 -1.00
C GLN A 68 13.11 0.08 0.48
N LEU A 69 12.63 1.18 1.04
CA LEU A 69 12.87 1.51 2.44
C LEU A 69 11.71 1.07 3.34
N ASP A 70 11.84 -0.12 3.90
CA ASP A 70 10.86 -0.74 4.81
C ASP A 70 10.43 0.02 6.06
N CYS A 71 9.58 -0.63 6.85
CA CYS A 71 9.02 -0.06 8.04
C CYS A 71 10.07 0.57 8.99
N ARG A 72 9.84 1.86 9.20
CA ARG A 72 10.65 2.72 10.07
C ARG A 72 10.79 2.21 11.51
N PRO A 14 0.62 -11.50 -4.60
CA PRO A 14 -0.82 -11.71 -4.34
C PRO A 14 -1.23 -10.78 -3.22
N ARG A 15 -2.37 -11.01 -2.59
CA ARG A 15 -2.83 -10.16 -1.48
C ARG A 15 -1.83 -10.05 -0.35
N VAL A 16 -1.40 -11.17 0.20
CA VAL A 16 -0.42 -11.16 1.30
C VAL A 16 1.00 -11.04 0.71
N LEU A 17 1.24 -10.04 -0.14
CA LEU A 17 2.58 -9.84 -0.73
C LEU A 17 3.56 -9.36 0.33
N ALA A 18 3.03 -9.01 1.50
CA ALA A 18 3.81 -8.48 2.60
C ALA A 18 5.09 -9.24 2.89
N GLU A 19 6.18 -8.48 2.96
CA GLU A 19 7.50 -9.01 3.22
C GLU A 19 7.53 -9.67 4.60
N ARG A 20 8.34 -10.71 4.72
CA ARG A 20 8.46 -11.46 5.98
C ARG A 20 9.41 -10.80 6.97
N GLY A 21 10.13 -9.80 6.50
CA GLY A 21 11.06 -9.07 7.35
C GLY A 21 10.42 -7.78 7.79
N GLU A 22 11.20 -6.86 8.35
CA GLU A 22 10.70 -5.55 8.79
C GLU A 22 10.34 -4.61 7.63
N GLY A 23 10.40 -5.12 6.40
CA GLY A 23 10.07 -4.33 5.23
C GLY A 23 8.57 -4.11 5.10
N HIS A 24 8.19 -3.06 4.39
CA HIS A 24 6.77 -2.71 4.22
C HIS A 24 5.79 -3.77 3.77
N ARG A 25 4.79 -3.99 4.62
CA ARG A 25 3.71 -4.95 4.37
C ARG A 25 2.84 -4.57 3.17
N PHE A 26 2.45 -3.31 3.05
CA PHE A 26 1.61 -2.84 1.93
C PHE A 26 0.32 -3.66 1.71
N VAL A 27 -0.55 -3.68 2.70
CA VAL A 27 -1.81 -4.45 2.59
C VAL A 27 -2.93 -3.76 1.79
N GLU A 28 -3.32 -4.38 0.69
CA GLU A 28 -4.35 -3.84 -0.23
C GLU A 28 -5.74 -3.39 0.27
N LEU A 29 -6.38 -2.56 -0.54
CA LEU A 29 -7.73 -2.03 -0.29
C LEU A 29 -8.73 -2.68 -1.26
N ALA A 30 -10.01 -2.61 -0.91
CA ALA A 30 -11.08 -3.14 -1.76
C ALA A 30 -11.56 -2.06 -2.76
N LEU A 31 -10.64 -1.30 -3.36
CA LEU A 31 -10.97 -0.22 -4.32
C LEU A 31 -11.57 -0.63 -5.67
N ARG A 32 -12.62 -1.44 -5.65
CA ARG A 32 -13.28 -1.87 -6.88
C ARG A 32 -14.50 -1.00 -7.15
N GLY A 33 -14.75 -0.09 -6.21
CA GLY A 33 -15.86 0.85 -6.33
C GLY A 33 -15.36 2.21 -6.79
N GLY A 34 -15.27 3.15 -5.85
CA GLY A 34 -14.79 4.48 -6.16
C GLY A 34 -13.28 4.58 -6.03
N PRO A 35 -12.69 5.76 -6.30
CA PRO A 35 -11.23 5.95 -6.22
C PRO A 35 -10.63 5.85 -4.81
N GLY A 36 -9.39 6.30 -4.75
CA GLY A 36 -8.63 6.34 -3.52
C GLY A 36 -7.44 7.10 -4.02
N TRP A 37 -6.54 7.56 -3.17
CA TRP A 37 -5.39 8.34 -3.62
C TRP A 37 -4.04 7.78 -3.12
N CYS A 38 -3.03 7.72 -3.98
CA CYS A 38 -1.71 7.23 -3.59
C CYS A 38 -1.10 8.38 -2.81
N ASP A 39 -0.99 8.26 -1.48
CA ASP A 39 -0.47 9.37 -0.65
C ASP A 39 0.85 9.88 -1.22
N LEU A 40 1.67 8.92 -1.61
CA LEU A 40 2.95 9.18 -2.22
C LEU A 40 2.87 9.99 -3.53
N CYS A 41 2.01 9.56 -4.45
CA CYS A 41 1.87 10.23 -5.75
C CYS A 41 0.99 11.49 -5.79
N GLY A 42 -0.03 11.51 -4.96
CA GLY A 42 -0.99 12.60 -4.95
C GLY A 42 -2.01 12.33 -6.05
N ARG A 43 -1.76 11.26 -6.81
CA ARG A 43 -2.60 10.84 -7.92
C ARG A 43 -3.50 9.68 -7.55
N GLU A 44 -4.70 9.67 -8.10
CA GLU A 44 -5.69 8.62 -7.82
C GLU A 44 -5.20 7.19 -8.10
N VAL A 45 -5.59 6.27 -7.23
CA VAL A 45 -5.22 4.87 -7.41
C VAL A 45 -6.41 4.08 -7.97
N LEU A 46 -6.55 4.09 -9.29
CA LEU A 46 -7.61 3.32 -9.95
C LEU A 46 -7.31 1.85 -9.62
N ARG A 47 -6.05 1.50 -9.81
CA ARG A 47 -5.54 0.18 -9.49
C ARG A 47 -5.64 0.14 -7.98
N GLN A 48 -6.16 -0.93 -7.40
CA GLN A 48 -6.32 -0.99 -5.96
C GLN A 48 -4.97 -0.85 -5.27
N ALA A 49 -4.93 0.14 -4.40
CA ALA A 49 -3.76 0.50 -3.65
C ALA A 49 -3.41 -0.45 -2.51
N LEU A 50 -2.17 -0.34 -2.08
CA LEU A 50 -1.61 -1.15 -1.02
C LEU A 50 -1.22 -0.26 0.18
N ARG A 51 -1.57 -0.67 1.39
CA ARG A 51 -1.28 0.12 2.62
C ARG A 51 -0.26 -0.41 3.57
N CYS A 52 0.91 0.16 3.69
CA CYS A 52 1.80 -0.38 4.69
C CYS A 52 1.33 0.28 6.01
N ALA A 53 0.30 -0.32 6.58
CA ALA A 53 -0.34 0.15 7.80
C ALA A 53 0.63 0.25 8.96
N ASN A 54 1.74 -0.47 8.84
CA ASN A 54 2.76 -0.45 9.86
C ASN A 54 3.50 0.83 10.08
N CYS A 55 3.39 1.78 9.18
CA CYS A 55 4.13 3.00 9.34
C CYS A 55 3.70 4.20 8.52
N LYS A 56 3.65 3.96 7.23
CA LYS A 56 3.46 5.04 6.25
C LYS A 56 2.20 5.32 5.42
N PHE A 57 2.07 4.72 4.25
CA PHE A 57 0.94 5.04 3.36
C PHE A 57 0.31 4.01 2.43
N THR A 58 -0.77 4.47 1.78
CA THR A 58 -1.48 3.68 0.81
C THR A 58 -1.08 4.14 -0.60
N CYS A 59 -0.19 3.38 -1.21
CA CYS A 59 0.32 3.73 -2.54
C CYS A 59 -0.21 2.86 -3.68
N HIS A 60 0.01 3.26 -4.93
CA HIS A 60 -0.41 2.40 -6.06
C HIS A 60 0.35 1.09 -5.88
N SER A 61 -0.23 -0.01 -6.35
CA SER A 61 0.44 -1.30 -6.25
C SER A 61 1.83 -1.17 -6.85
N GLU A 62 1.91 -0.57 -8.03
CA GLU A 62 3.18 -0.35 -8.71
C GLU A 62 4.14 0.51 -7.85
N CYS A 63 3.58 1.54 -7.22
CA CYS A 63 4.36 2.44 -6.39
C CYS A 63 5.01 1.77 -5.18
N ARG A 64 4.48 0.64 -4.70
CA ARG A 64 5.11 0.01 -3.53
C ARG A 64 6.56 -0.35 -3.84
N SER A 65 6.85 -0.64 -5.11
CA SER A 65 8.21 -1.02 -5.50
C SER A 65 9.18 0.14 -5.55
N LEU A 66 8.67 1.35 -5.37
CA LEU A 66 9.51 2.55 -5.38
C LEU A 66 10.04 2.79 -3.97
N ILE A 67 9.65 1.94 -3.03
CA ILE A 67 10.09 2.10 -1.66
C ILE A 67 10.22 0.72 -0.98
N GLN A 68 11.45 0.24 -0.91
CA GLN A 68 11.76 -1.05 -0.28
C GLN A 68 12.20 -0.91 1.17
N LEU A 69 11.93 0.25 1.74
CA LEU A 69 12.31 0.51 3.13
C LEU A 69 11.52 -0.27 4.17
N ASP A 70 11.97 -0.15 5.40
CA ASP A 70 11.37 -0.77 6.57
C ASP A 70 10.24 0.05 7.21
N CYS A 71 9.37 -0.59 7.98
CA CYS A 71 8.26 0.14 8.58
C CYS A 71 8.63 0.88 9.89
N ARG A 72 9.13 2.10 9.75
CA ARG A 72 9.54 2.91 10.90
C ARG A 72 8.77 4.23 10.98
N PRO A 14 -8.14 -18.96 8.70
CA PRO A 14 -8.17 -18.00 7.56
C PRO A 14 -7.28 -16.76 7.74
N ARG A 15 -6.10 -16.92 8.33
CA ARG A 15 -5.18 -15.78 8.54
C ARG A 15 -4.88 -15.10 7.20
N VAL A 16 -5.16 -13.81 7.11
CA VAL A 16 -4.91 -13.04 5.90
C VAL A 16 -3.40 -12.76 5.81
N LEU A 17 -2.87 -12.74 4.59
CA LEU A 17 -1.42 -12.49 4.39
C LEU A 17 -1.00 -11.12 4.88
N ALA A 18 -1.96 -10.23 5.04
CA ALA A 18 -1.72 -8.87 5.53
C ALA A 18 -1.07 -8.84 6.91
N GLU A 19 -1.17 -9.92 7.68
CA GLU A 19 -0.55 -9.94 9.01
C GLU A 19 0.95 -10.31 8.89
N ARG A 20 1.63 -9.61 8.01
CA ARG A 20 3.07 -9.78 7.72
C ARG A 20 3.94 -9.47 8.96
N GLY A 21 3.35 -8.86 9.98
CA GLY A 21 4.13 -8.53 11.17
C GLY A 21 4.89 -7.23 10.98
N GLU A 22 6.10 -7.18 11.51
CA GLU A 22 6.97 -6.01 11.46
C GLU A 22 7.47 -5.59 10.06
N GLY A 23 7.33 -6.46 9.06
CA GLY A 23 7.76 -6.12 7.71
C GLY A 23 6.65 -5.41 6.96
N HIS A 24 6.94 -4.69 5.87
CA HIS A 24 5.88 -3.98 5.13
C HIS A 24 4.70 -4.86 4.72
N ARG A 25 3.63 -4.78 5.47
CA ARG A 25 2.45 -5.56 5.14
C ARG A 25 1.80 -5.19 3.84
N PHE A 26 1.75 -3.90 3.53
CA PHE A 26 1.14 -3.43 2.27
C PHE A 26 -0.29 -3.96 2.15
N VAL A 27 -1.13 -3.59 3.08
CA VAL A 27 -2.53 -4.05 3.05
C VAL A 27 -3.32 -3.49 1.87
N GLU A 28 -3.46 -4.35 0.87
CA GLU A 28 -4.17 -4.07 -0.37
C GLU A 28 -5.64 -3.70 -0.10
N LEU A 29 -6.06 -2.56 -0.60
CA LEU A 29 -7.43 -2.10 -0.44
C LEU A 29 -8.44 -2.72 -1.38
N ALA A 30 -9.64 -2.88 -0.86
CA ALA A 30 -10.77 -3.45 -1.60
C ALA A 30 -11.65 -2.35 -2.26
N LEU A 31 -11.02 -1.30 -2.77
CA LEU A 31 -11.75 -0.16 -3.41
C LEU A 31 -12.48 -0.49 -4.73
N ARG A 32 -13.23 -1.58 -4.78
CA ARG A 32 -13.97 -1.97 -5.99
C ARG A 32 -15.04 -0.94 -6.36
N GLY A 33 -15.32 -0.02 -5.44
CA GLY A 33 -16.32 1.01 -5.65
C GLY A 33 -15.75 2.32 -6.15
N GLY A 34 -15.61 3.29 -5.25
CA GLY A 34 -15.08 4.59 -5.62
C GLY A 34 -13.56 4.65 -5.62
N PRO A 35 -12.97 5.81 -5.96
CA PRO A 35 -11.51 5.99 -6.00
C PRO A 35 -10.78 5.88 -4.68
N GLY A 36 -9.47 6.03 -4.77
CA GLY A 36 -8.60 6.01 -3.62
C GLY A 36 -7.49 6.89 -4.10
N TRP A 37 -6.63 7.39 -3.24
CA TRP A 37 -5.55 8.29 -3.65
C TRP A 37 -4.20 7.76 -3.14
N CYS A 38 -3.16 7.71 -3.98
CA CYS A 38 -1.85 7.22 -3.52
C CYS A 38 -1.29 8.39 -2.71
N ASP A 39 -1.12 8.22 -1.41
CA ASP A 39 -0.64 9.32 -0.53
C ASP A 39 0.63 9.92 -1.10
N LEU A 40 1.50 9.03 -1.51
CA LEU A 40 2.77 9.35 -2.12
C LEU A 40 2.63 10.21 -3.39
N CYS A 41 1.76 9.77 -4.30
CA CYS A 41 1.55 10.47 -5.56
C CYS A 41 0.67 11.72 -5.53
N GLY A 42 -0.42 11.62 -4.78
CA GLY A 42 -1.40 12.67 -4.70
C GLY A 42 -2.41 12.39 -5.81
N ARG A 43 -2.05 11.41 -6.64
CA ARG A 43 -2.84 10.98 -7.78
C ARG A 43 -3.69 9.76 -7.45
N GLU A 44 -4.87 9.71 -8.04
CA GLU A 44 -5.82 8.62 -7.86
C GLU A 44 -5.26 7.21 -8.17
N VAL A 45 -5.63 6.24 -7.36
CA VAL A 45 -5.21 4.87 -7.59
C VAL A 45 -6.35 4.16 -8.30
N LEU A 46 -6.26 4.09 -9.62
CA LEU A 46 -7.30 3.41 -10.39
C LEU A 46 -7.37 1.92 -10.02
N ARG A 47 -6.22 1.33 -9.72
CA ARG A 47 -6.15 -0.08 -9.32
C ARG A 47 -6.09 -0.21 -7.79
N GLN A 48 -5.88 -1.42 -7.29
CA GLN A 48 -5.78 -1.68 -5.87
C GLN A 48 -4.54 -1.06 -5.21
N ALA A 49 -4.77 -0.25 -4.19
CA ALA A 49 -3.68 0.41 -3.47
C ALA A 49 -3.19 -0.36 -2.25
N LEU A 50 -1.90 -0.52 -2.17
CA LEU A 50 -1.22 -1.24 -1.09
C LEU A 50 -0.89 -0.36 0.12
N ARG A 51 -1.50 -0.62 1.28
CA ARG A 51 -1.21 0.19 2.47
C ARG A 51 -0.23 -0.34 3.47
N CYS A 52 1.00 0.12 3.46
CA CYS A 52 1.90 -0.38 4.47
C CYS A 52 1.67 0.53 5.69
N ALA A 53 0.57 0.22 6.36
CA ALA A 53 0.11 0.96 7.54
C ALA A 53 1.17 0.95 8.63
N ASN A 54 2.12 0.03 8.49
CA ASN A 54 3.21 -0.11 9.43
C ASN A 54 4.19 1.02 9.47
N CYS A 55 4.17 1.89 8.48
CA CYS A 55 5.11 3.00 8.48
C CYS A 55 4.75 4.15 7.57
N LYS A 56 4.49 3.80 6.34
CA LYS A 56 4.28 4.77 5.28
C LYS A 56 2.92 5.19 4.71
N PHE A 57 2.41 4.49 3.70
CA PHE A 57 1.15 4.91 3.07
C PHE A 57 0.37 3.93 2.17
N THR A 58 -0.73 4.44 1.59
CA THR A 58 -1.55 3.66 0.66
C THR A 58 -1.00 4.04 -0.72
N CYS A 59 -0.19 3.17 -1.29
CA CYS A 59 0.41 3.48 -2.58
C CYS A 59 -0.11 2.67 -3.75
N HIS A 60 0.06 3.18 -4.97
CA HIS A 60 -0.34 2.39 -6.17
C HIS A 60 0.47 1.09 -6.05
N SER A 61 -0.02 0.01 -6.63
CA SER A 61 0.70 -1.25 -6.57
C SER A 61 2.12 -1.04 -7.07
N GLU A 62 2.28 -0.40 -8.23
CA GLU A 62 3.62 -0.11 -8.77
C GLU A 62 4.44 0.81 -7.85
N CYS A 63 3.78 1.75 -7.18
CA CYS A 63 4.45 2.68 -6.29
C CYS A 63 5.08 1.98 -5.08
N ARG A 64 4.57 0.80 -4.70
CA ARG A 64 5.15 0.12 -3.51
C ARG A 64 6.64 -0.11 -3.74
N SER A 65 7.04 -0.26 -4.99
CA SER A 65 8.44 -0.51 -5.32
C SER A 65 9.36 0.69 -5.18
N LEU A 66 8.79 1.86 -4.91
CA LEU A 66 9.61 3.05 -4.74
C LEU A 66 10.05 3.17 -3.29
N ILE A 67 9.51 2.31 -2.44
CA ILE A 67 9.88 2.32 -1.02
C ILE A 67 11.16 1.50 -0.88
N GLN A 68 12.28 2.20 -0.77
CA GLN A 68 13.59 1.54 -0.65
C GLN A 68 14.07 1.32 0.80
N LEU A 69 13.18 1.45 1.78
CA LEU A 69 13.54 1.27 3.19
C LEU A 69 12.47 0.53 3.99
N ASP A 70 12.90 -0.03 5.12
CA ASP A 70 12.08 -0.78 6.09
C ASP A 70 10.95 0.07 6.74
N CYS A 71 10.15 -0.52 7.64
CA CYS A 71 9.07 0.25 8.27
C CYS A 71 9.60 1.23 9.35
N ARG A 72 10.21 2.30 8.87
CA ARG A 72 10.82 3.33 9.72
C ARG A 72 10.42 4.75 9.34
N PRO A 14 -0.07 -17.46 -2.73
CA PRO A 14 -0.54 -18.02 -1.44
C PRO A 14 -1.98 -17.53 -1.31
N ARG A 15 -2.52 -17.35 -0.11
CA ARG A 15 -3.90 -16.87 0.03
C ARG A 15 -4.09 -15.50 -0.61
N VAL A 16 -3.43 -14.49 -0.07
CA VAL A 16 -3.54 -13.13 -0.59
C VAL A 16 -2.16 -12.73 -1.09
N LEU A 17 -2.03 -12.01 -2.20
CA LEU A 17 -0.69 -11.62 -2.66
C LEU A 17 0.07 -10.80 -1.60
N ALA A 18 -0.63 -9.83 -1.01
CA ALA A 18 -0.09 -8.92 0.01
C ALA A 18 0.44 -9.53 1.32
N GLU A 19 0.21 -10.81 1.59
CA GLU A 19 0.70 -11.39 2.86
C GLU A 19 2.22 -11.22 2.99
N ARG A 20 2.91 -11.31 1.86
CA ARG A 20 4.35 -11.12 1.79
C ARG A 20 4.57 -9.85 0.99
N GLY A 21 5.40 -8.95 1.48
CA GLY A 21 5.63 -7.70 0.77
C GLY A 21 7.08 -7.24 0.86
N GLU A 22 7.39 -6.24 0.05
CA GLU A 22 8.73 -5.62 -0.06
C GLU A 22 9.19 -4.81 1.17
N GLY A 23 9.16 -5.42 2.34
CA GLY A 23 9.60 -4.74 3.56
C GLY A 23 8.48 -4.10 4.36
N HIS A 24 7.25 -4.29 3.92
CA HIS A 24 6.07 -3.75 4.60
C HIS A 24 4.88 -4.66 4.42
N ARG A 25 3.89 -4.55 5.27
CA ARG A 25 2.69 -5.39 5.13
C ARG A 25 1.95 -5.04 3.83
N PHE A 26 1.89 -3.77 3.48
CA PHE A 26 1.22 -3.33 2.23
C PHE A 26 -0.20 -3.86 2.13
N VAL A 27 -1.03 -3.54 3.10
CA VAL A 27 -2.42 -4.05 3.03
C VAL A 27 -3.29 -3.38 1.95
N GLU A 28 -3.44 -4.10 0.84
CA GLU A 28 -4.22 -3.63 -0.31
C GLU A 28 -5.65 -3.15 0.02
N LEU A 29 -5.97 -1.98 -0.47
CA LEU A 29 -7.27 -1.37 -0.28
C LEU A 29 -8.31 -1.97 -1.22
N ALA A 30 -9.27 -2.68 -0.66
CA ALA A 30 -10.35 -3.31 -1.44
C ALA A 30 -11.37 -2.27 -1.95
N LEU A 31 -10.88 -1.19 -2.54
CA LEU A 31 -11.72 -0.14 -3.09
C LEU A 31 -12.69 -0.67 -4.14
N ARG A 32 -13.98 -0.33 -3.96
CA ARG A 32 -15.06 -0.78 -4.86
C ARG A 32 -15.06 -0.12 -6.24
N GLY A 33 -13.90 0.08 -6.83
CA GLY A 33 -13.81 0.70 -8.15
C GLY A 33 -13.88 2.22 -8.08
N GLY A 34 -14.03 2.76 -6.88
CA GLY A 34 -14.09 4.20 -6.71
C GLY A 34 -12.70 4.77 -6.52
N PRO A 35 -12.58 6.08 -6.28
CA PRO A 35 -11.23 6.63 -6.12
C PRO A 35 -10.55 6.30 -4.81
N GLY A 36 -9.24 6.41 -4.82
CA GLY A 36 -8.42 6.17 -3.66
C GLY A 36 -7.23 6.99 -4.09
N TRP A 37 -6.33 7.36 -3.20
CA TRP A 37 -5.18 8.19 -3.59
C TRP A 37 -3.84 7.62 -3.13
N CYS A 38 -2.85 7.61 -4.02
CA CYS A 38 -1.52 7.13 -3.68
C CYS A 38 -1.01 8.29 -2.84
N ASP A 39 -0.94 8.18 -1.52
CA ASP A 39 -0.53 9.33 -0.68
C ASP A 39 0.80 9.87 -1.17
N LEU A 40 1.63 8.95 -1.61
CA LEU A 40 2.93 9.24 -2.19
C LEU A 40 2.87 10.14 -3.43
N CYS A 41 2.05 9.75 -4.41
CA CYS A 41 1.93 10.51 -5.66
C CYS A 41 0.94 11.67 -5.64
N GLY A 42 -0.08 11.52 -4.81
CA GLY A 42 -1.15 12.50 -4.73
C GLY A 42 -2.07 12.27 -5.91
N ARG A 43 -1.83 11.15 -6.59
CA ARG A 43 -2.61 10.76 -7.77
C ARG A 43 -3.53 9.58 -7.49
N GLU A 44 -4.67 9.59 -8.16
CA GLU A 44 -5.68 8.55 -8.04
C GLU A 44 -5.19 7.11 -8.31
N VAL A 45 -5.53 6.21 -7.41
CA VAL A 45 -5.15 4.80 -7.53
C VAL A 45 -6.29 4.00 -8.18
N LEU A 46 -6.15 3.74 -9.47
CA LEU A 46 -7.17 2.96 -10.17
C LEU A 46 -7.31 1.56 -9.56
N ARG A 47 -6.19 0.98 -9.13
CA ARG A 47 -6.22 -0.36 -8.54
C ARG A 47 -6.21 -0.34 -7.01
N GLN A 48 -6.09 -1.52 -6.43
CA GLN A 48 -6.02 -1.71 -4.98
C GLN A 48 -4.72 -1.16 -4.38
N ALA A 49 -4.73 0.10 -3.96
CA ALA A 49 -3.54 0.70 -3.36
C ALA A 49 -2.99 -0.08 -2.16
N LEU A 50 -1.69 -0.34 -2.18
CA LEU A 50 -1.02 -1.09 -1.13
C LEU A 50 -0.73 -0.20 0.06
N ARG A 51 -1.39 -0.45 1.19
CA ARG A 51 -1.19 0.38 2.38
C ARG A 51 -0.33 -0.20 3.44
N CYS A 52 0.89 0.27 3.57
CA CYS A 52 1.70 -0.22 4.66
C CYS A 52 1.21 0.45 5.95
N ALA A 53 0.26 -0.21 6.56
CA ALA A 53 -0.34 0.26 7.79
C ALA A 53 0.68 0.26 8.92
N ASN A 54 1.82 -0.41 8.71
CA ASN A 54 2.85 -0.45 9.73
C ASN A 54 3.48 0.90 10.00
N CYS A 55 3.53 1.75 8.98
CA CYS A 55 4.17 3.03 9.10
C CYS A 55 3.96 4.06 7.99
N LYS A 56 3.96 3.60 6.74
CA LYS A 56 3.83 4.48 5.58
C LYS A 56 2.42 4.91 5.10
N PHE A 57 2.12 4.62 3.84
CA PHE A 57 0.88 5.02 3.21
C PHE A 57 0.28 4.00 2.26
N THR A 58 -0.75 4.40 1.52
CA THR A 58 -1.41 3.54 0.56
C THR A 58 -0.99 4.02 -0.84
N CYS A 59 -0.04 3.31 -1.42
CA CYS A 59 0.49 3.70 -2.73
C CYS A 59 -0.02 2.85 -3.88
N HIS A 60 0.16 3.30 -5.11
CA HIS A 60 -0.23 2.46 -6.27
C HIS A 60 0.59 1.18 -6.09
N SER A 61 0.01 0.04 -6.45
CA SER A 61 0.74 -1.23 -6.33
C SER A 61 2.06 -1.07 -7.07
N GLU A 62 2.00 -0.43 -8.23
CA GLU A 62 3.17 -0.17 -9.05
C GLU A 62 4.18 0.74 -8.31
N CYS A 63 3.67 1.79 -7.67
CA CYS A 63 4.48 2.74 -6.91
C CYS A 63 5.18 2.12 -5.71
N ARG A 64 4.75 0.94 -5.27
CA ARG A 64 5.38 0.30 -4.09
C ARG A 64 6.88 0.13 -4.38
N SER A 65 7.25 0.00 -5.64
CA SER A 65 8.64 -0.19 -6.03
C SER A 65 9.53 1.02 -5.79
N LEU A 66 8.94 2.15 -5.43
CA LEU A 66 9.69 3.36 -5.16
C LEU A 66 10.05 3.42 -3.68
N ILE A 67 9.60 2.44 -2.93
CA ILE A 67 9.86 2.39 -1.50
C ILE A 67 11.26 1.82 -1.23
N GLN A 68 12.20 2.71 -0.98
CA GLN A 68 13.60 2.32 -0.73
C GLN A 68 13.95 2.13 0.76
N LEU A 69 12.95 2.00 1.64
CA LEU A 69 13.23 1.83 3.07
C LEU A 69 12.06 1.16 3.81
N ASP A 70 12.37 0.09 4.52
CA ASP A 70 11.44 -0.76 5.31
C ASP A 70 10.60 -0.06 6.38
N CYS A 71 9.78 -0.84 7.08
CA CYS A 71 8.94 -0.29 8.10
C CYS A 71 9.72 0.51 9.16
N ARG A 72 9.30 1.76 9.23
CA ARG A 72 9.85 2.77 10.15
C ARG A 72 9.70 2.36 11.62
N PRO A 14 -6.20 -19.27 10.10
CA PRO A 14 -4.95 -19.40 9.31
C PRO A 14 -4.33 -18.02 9.15
N ARG A 15 -3.40 -17.85 8.21
CA ARG A 15 -2.73 -16.55 7.96
C ARG A 15 -3.63 -15.49 7.28
N VAL A 16 -4.93 -15.66 7.37
CA VAL A 16 -5.88 -14.73 6.75
C VAL A 16 -5.71 -13.29 7.28
N LEU A 17 -5.51 -13.15 8.58
CA LEU A 17 -5.29 -11.85 9.19
C LEU A 17 -4.07 -11.18 8.55
N ALA A 18 -4.23 -9.96 8.07
CA ALA A 18 -3.12 -9.24 7.45
C ALA A 18 -1.91 -9.25 8.40
N GLU A 19 -0.75 -9.60 7.84
CA GLU A 19 0.49 -9.73 8.60
C GLU A 19 1.03 -8.56 9.44
N ARG A 20 1.94 -8.93 10.33
CA ARG A 20 2.61 -8.00 11.25
C ARG A 20 3.62 -7.04 10.57
N GLY A 21 4.48 -6.41 11.37
CA GLY A 21 5.46 -5.46 10.85
C GLY A 21 6.83 -5.96 10.44
N GLU A 22 7.03 -7.26 10.38
CA GLU A 22 8.34 -7.83 9.99
C GLU A 22 8.68 -7.59 8.50
N GLY A 23 7.73 -7.02 7.79
CA GLY A 23 7.90 -6.71 6.38
C GLY A 23 6.67 -5.90 6.05
N HIS A 24 6.68 -5.12 4.98
CA HIS A 24 5.51 -4.30 4.63
C HIS A 24 4.24 -5.12 4.44
N ARG A 25 3.28 -4.93 5.34
CA ARG A 25 2.01 -5.64 5.25
C ARG A 25 1.22 -5.27 3.99
N PHE A 26 1.31 -4.00 3.58
CA PHE A 26 0.61 -3.51 2.37
C PHE A 26 -0.88 -3.80 2.39
N VAL A 27 -1.59 -3.30 3.38
CA VAL A 27 -3.04 -3.55 3.45
C VAL A 27 -3.86 -2.77 2.41
N GLU A 28 -4.35 -3.48 1.40
CA GLU A 28 -5.15 -2.93 0.32
C GLU A 28 -6.40 -2.11 0.69
N LEU A 29 -6.55 -0.99 0.00
CA LEU A 29 -7.64 -0.07 0.16
C LEU A 29 -8.62 -0.33 -0.99
N ALA A 30 -9.57 -1.22 -0.75
CA ALA A 30 -10.56 -1.57 -1.77
C ALA A 30 -11.31 -0.34 -2.30
N LEU A 31 -11.33 -0.19 -3.62
CA LEU A 31 -12.01 0.94 -4.28
C LEU A 31 -13.48 0.98 -3.91
N ARG A 32 -14.13 -0.18 -3.98
CA ARG A 32 -15.55 -0.33 -3.66
C ARG A 32 -16.27 0.59 -4.67
N GLY A 33 -17.11 1.51 -4.21
CA GLY A 33 -17.85 2.38 -5.11
C GLY A 33 -17.17 3.66 -5.59
N GLY A 34 -15.90 3.89 -5.26
CA GLY A 34 -15.25 5.13 -5.71
C GLY A 34 -13.76 5.03 -5.89
N PRO A 35 -13.11 6.13 -6.31
CA PRO A 35 -11.65 6.16 -6.51
C PRO A 35 -10.84 5.92 -5.25
N GLY A 36 -9.54 5.77 -5.41
CA GLY A 36 -8.68 5.59 -4.26
C GLY A 36 -7.52 6.49 -4.59
N TRP A 37 -6.70 6.85 -3.63
CA TRP A 37 -5.58 7.75 -3.88
C TRP A 37 -4.24 7.24 -3.34
N CYS A 38 -3.19 7.32 -4.14
CA CYS A 38 -1.85 6.92 -3.72
C CYS A 38 -1.48 8.13 -2.90
N ASP A 39 -1.54 8.05 -1.57
CA ASP A 39 -1.24 9.24 -0.74
C ASP A 39 0.16 9.74 -1.02
N LEU A 40 1.01 8.81 -1.40
CA LEU A 40 2.37 9.09 -1.81
C LEU A 40 2.41 10.03 -3.03
N CYS A 41 1.67 9.67 -4.08
CA CYS A 41 1.63 10.48 -5.31
C CYS A 41 0.64 11.64 -5.33
N GLY A 42 -0.44 11.48 -4.58
CA GLY A 42 -1.51 12.46 -4.55
C GLY A 42 -2.44 12.16 -5.71
N ARG A 43 -2.08 11.15 -6.49
CA ARG A 43 -2.84 10.71 -7.66
C ARG A 43 -3.69 9.47 -7.50
N GLU A 44 -4.76 9.46 -8.27
CA GLU A 44 -5.76 8.39 -8.33
C GLU A 44 -5.15 6.99 -8.56
N VAL A 45 -5.54 6.02 -7.75
CA VAL A 45 -5.05 4.65 -7.89
C VAL A 45 -6.01 3.74 -8.65
N LEU A 46 -5.65 3.39 -9.88
CA LEU A 46 -6.49 2.50 -10.68
C LEU A 46 -6.61 1.14 -9.96
N ARG A 47 -5.54 0.74 -9.28
CA ARG A 47 -5.49 -0.53 -8.55
C ARG A 47 -5.83 -0.26 -7.09
N GLN A 48 -6.09 -1.31 -6.33
CA GLN A 48 -6.37 -1.17 -4.92
C GLN A 48 -5.05 -0.69 -4.31
N ALA A 49 -5.06 0.48 -3.70
CA ALA A 49 -3.86 1.02 -3.12
C ALA A 49 -3.36 0.16 -1.97
N LEU A 50 -2.10 -0.21 -2.01
CA LEU A 50 -1.49 -1.05 -1.00
C LEU A 50 -0.93 -0.20 0.12
N ARG A 51 -1.52 -0.30 1.31
CA ARG A 51 -1.06 0.54 2.42
C ARG A 51 -0.24 -0.14 3.44
N CYS A 52 1.05 0.05 3.42
CA CYS A 52 1.83 -0.57 4.47
C CYS A 52 1.66 0.29 5.74
N ALA A 53 0.61 -0.02 6.47
CA ALA A 53 0.25 0.67 7.70
C ALA A 53 1.33 0.53 8.76
N ASN A 54 2.30 -0.35 8.52
CA ASN A 54 3.38 -0.55 9.46
C ASN A 54 4.28 0.64 9.56
N CYS A 55 4.27 1.48 8.55
CA CYS A 55 5.18 2.60 8.54
C CYS A 55 4.86 3.75 7.59
N LYS A 56 4.63 3.36 6.36
CA LYS A 56 4.45 4.29 5.25
C LYS A 56 3.08 4.73 4.70
N PHE A 57 2.86 4.46 3.41
CA PHE A 57 1.67 4.92 2.70
C PHE A 57 0.81 3.90 1.94
N THR A 58 -0.33 4.41 1.47
CA THR A 58 -1.27 3.64 0.67
C THR A 58 -0.95 4.03 -0.75
N CYS A 59 -0.21 3.18 -1.40
CA CYS A 59 0.30 3.49 -2.73
C CYS A 59 -0.11 2.62 -3.92
N HIS A 60 0.10 3.15 -5.12
CA HIS A 60 -0.15 2.35 -6.34
C HIS A 60 0.77 1.11 -6.20
N SER A 61 0.32 -0.03 -6.69
CA SER A 61 1.13 -1.25 -6.64
C SER A 61 2.49 -0.93 -7.23
N GLU A 62 2.47 -0.28 -8.39
CA GLU A 62 3.67 0.14 -9.09
C GLU A 62 4.53 1.08 -8.24
N CYS A 63 3.88 2.03 -7.55
CA CYS A 63 4.58 3.00 -6.71
C CYS A 63 5.34 2.36 -5.55
N ARG A 64 4.97 1.14 -5.19
CA ARG A 64 5.70 0.43 -4.10
C ARG A 64 7.20 0.36 -4.44
N SER A 65 7.53 0.40 -5.72
CA SER A 65 8.92 0.35 -6.16
C SER A 65 9.78 1.45 -5.50
N LEU A 66 9.20 2.64 -5.36
CA LEU A 66 9.89 3.79 -4.77
C LEU A 66 10.21 3.63 -3.27
N ILE A 67 9.77 2.53 -2.67
CA ILE A 67 10.04 2.29 -1.25
C ILE A 67 11.48 1.79 -1.08
N GLN A 68 12.32 2.68 -0.60
CA GLN A 68 13.74 2.41 -0.38
C GLN A 68 14.10 1.28 0.60
N LEU A 69 13.32 1.04 1.65
CA LEU A 69 13.67 -0.01 2.61
C LEU A 69 12.47 -0.52 3.44
N ASP A 70 12.80 -1.27 4.49
CA ASP A 70 11.86 -1.88 5.45
C ASP A 70 10.88 -0.92 6.13
N CYS A 71 10.04 -1.44 7.01
CA CYS A 71 9.09 -0.60 7.74
C CYS A 71 9.84 0.26 8.78
N ARG A 72 10.27 1.43 8.34
CA ARG A 72 11.04 2.36 9.16
C ARG A 72 10.34 3.70 9.20
N PRO A 14 0.36 -20.50 2.95
CA PRO A 14 1.32 -19.41 3.25
C PRO A 14 0.52 -18.22 3.75
N ARG A 15 1.11 -17.03 3.72
CA ARG A 15 0.41 -15.81 4.16
C ARG A 15 -0.70 -15.44 3.18
N VAL A 16 -1.51 -14.46 3.55
CA VAL A 16 -2.62 -14.00 2.70
C VAL A 16 -2.02 -13.16 1.55
N LEU A 17 -2.60 -13.28 0.37
CA LEU A 17 -2.15 -12.56 -0.82
C LEU A 17 -2.08 -11.04 -0.60
N ALA A 18 -3.14 -10.49 -0.02
CA ALA A 18 -3.24 -9.05 0.24
C ALA A 18 -2.04 -8.46 0.98
N GLU A 19 -1.61 -9.09 2.06
CA GLU A 19 -0.47 -8.57 2.82
C GLU A 19 0.85 -9.19 2.39
N ARG A 20 1.79 -8.33 2.01
CA ARG A 20 3.12 -8.77 1.59
C ARG A 20 3.95 -9.34 2.74
N GLY A 21 3.44 -9.22 3.95
CA GLY A 21 4.14 -9.79 5.11
C GLY A 21 5.39 -9.08 5.55
N GLU A 22 6.48 -9.83 5.56
CA GLU A 22 7.79 -9.34 5.96
C GLU A 22 8.22 -8.09 5.16
N GLY A 23 8.85 -7.15 5.87
CA GLY A 23 9.24 -5.90 5.28
C GLY A 23 7.95 -5.10 5.33
N HIS A 24 7.74 -4.10 4.49
CA HIS A 24 6.47 -3.37 4.53
C HIS A 24 5.32 -4.34 4.29
N ARG A 25 4.38 -4.41 5.22
CA ARG A 25 3.23 -5.30 5.06
C ARG A 25 2.41 -4.94 3.83
N PHE A 26 2.22 -3.66 3.55
CA PHE A 26 1.47 -3.25 2.34
C PHE A 26 0.10 -3.92 2.21
N VAL A 27 -0.79 -3.68 3.14
CA VAL A 27 -2.13 -4.27 3.08
C VAL A 27 -2.89 -3.74 1.86
N GLU A 28 -3.06 -4.61 0.87
CA GLU A 28 -3.76 -4.26 -0.38
C GLU A 28 -5.27 -4.37 -0.25
N LEU A 29 -6.00 -3.26 -0.39
CA LEU A 29 -7.47 -3.31 -0.30
C LEU A 29 -8.10 -3.17 -1.68
N ALA A 30 -9.28 -3.75 -1.83
CA ALA A 30 -9.99 -3.64 -3.10
C ALA A 30 -10.59 -2.24 -3.29
N LEU A 31 -10.22 -1.56 -4.36
CA LEU A 31 -10.70 -0.21 -4.64
C LEU A 31 -11.76 -0.23 -5.76
N ARG A 32 -11.72 0.81 -6.60
CA ARG A 32 -12.62 1.00 -7.76
C ARG A 32 -14.09 1.24 -7.42
N GLY A 33 -14.44 1.23 -6.15
CA GLY A 33 -15.81 1.49 -5.75
C GLY A 33 -16.04 2.99 -5.70
N GLY A 34 -14.94 3.71 -5.85
CA GLY A 34 -14.94 5.16 -5.85
C GLY A 34 -13.48 5.54 -5.96
N PRO A 35 -13.13 6.83 -5.93
CA PRO A 35 -11.69 7.17 -6.02
C PRO A 35 -10.91 6.84 -4.76
N GLY A 36 -9.61 6.71 -4.91
CA GLY A 36 -8.75 6.45 -3.78
C GLY A 36 -7.57 7.28 -4.18
N TRP A 37 -6.69 7.65 -3.27
CA TRP A 37 -5.54 8.48 -3.61
C TRP A 37 -4.18 7.91 -3.15
N CYS A 38 -3.21 7.83 -4.04
CA CYS A 38 -1.86 7.36 -3.68
C CYS A 38 -1.29 8.58 -2.99
N ASP A 39 -1.21 8.58 -1.66
CA ASP A 39 -0.73 9.78 -0.95
C ASP A 39 0.62 10.24 -1.47
N LEU A 40 1.43 9.27 -1.84
CA LEU A 40 2.74 9.50 -2.43
C LEU A 40 2.64 10.28 -3.75
N CYS A 41 1.78 9.81 -4.66
CA CYS A 41 1.61 10.46 -5.97
C CYS A 41 0.73 11.71 -5.96
N GLY A 42 -0.24 11.72 -5.07
CA GLY A 42 -1.20 12.81 -4.97
C GLY A 42 -2.29 12.59 -6.01
N ARG A 43 -2.12 11.53 -6.80
CA ARG A 43 -3.05 11.18 -7.86
C ARG A 43 -3.98 10.02 -7.46
N GLU A 44 -4.96 9.75 -8.31
CA GLU A 44 -5.94 8.70 -8.07
C GLU A 44 -5.43 7.27 -8.27
N VAL A 45 -5.75 6.39 -7.33
CA VAL A 45 -5.38 4.99 -7.45
C VAL A 45 -6.53 4.18 -8.04
N LEU A 46 -6.48 3.96 -9.34
CA LEU A 46 -7.49 3.16 -10.02
C LEU A 46 -7.17 1.73 -9.63
N ARG A 47 -5.89 1.43 -9.74
CA ARG A 47 -5.33 0.13 -9.38
C ARG A 47 -5.48 -0.02 -7.87
N GLN A 48 -5.55 -1.25 -7.37
CA GLN A 48 -5.68 -1.47 -5.93
C GLN A 48 -4.45 -0.96 -5.20
N ALA A 49 -4.73 -0.14 -4.21
CA ALA A 49 -3.69 0.48 -3.40
C ALA A 49 -3.18 -0.38 -2.27
N LEU A 50 -1.89 -0.29 -2.03
CA LEU A 50 -1.23 -1.05 -0.97
C LEU A 50 -0.90 -0.13 0.18
N ARG A 51 -1.34 -0.52 1.36
CA ARG A 51 -1.16 0.28 2.56
C ARG A 51 -0.26 -0.29 3.61
N CYS A 52 0.98 0.14 3.71
CA CYS A 52 1.80 -0.42 4.77
C CYS A 52 1.40 0.32 6.05
N ALA A 53 0.33 -0.15 6.66
CA ALA A 53 -0.24 0.44 7.87
C ALA A 53 0.78 0.46 9.00
N ASN A 54 1.79 -0.37 8.90
CA ASN A 54 2.83 -0.42 9.90
C ASN A 54 3.74 0.76 10.02
N CYS A 55 3.69 1.67 9.08
CA CYS A 55 4.55 2.81 9.17
C CYS A 55 4.06 4.00 8.37
N LYS A 56 3.96 3.73 7.09
CA LYS A 56 3.73 4.77 6.10
C LYS A 56 2.43 5.04 5.31
N PHE A 57 2.53 4.86 4.01
CA PHE A 57 1.48 5.17 3.03
C PHE A 57 0.59 4.16 2.32
N THR A 58 -0.44 4.74 1.70
CA THR A 58 -1.39 4.03 0.87
C THR A 58 -1.09 4.43 -0.58
N CYS A 59 -0.33 3.61 -1.26
CA CYS A 59 0.09 3.91 -2.63
C CYS A 59 -0.38 3.01 -3.77
N HIS A 60 -0.15 3.44 -5.02
CA HIS A 60 -0.48 2.60 -6.20
C HIS A 60 0.35 1.30 -6.10
N SER A 61 -0.07 0.25 -6.78
CA SER A 61 0.70 -1.00 -6.76
C SER A 61 2.14 -0.79 -7.23
N GLU A 62 2.28 -0.14 -8.36
CA GLU A 62 3.58 0.16 -8.94
C GLU A 62 4.43 1.05 -8.02
N CYS A 63 3.76 1.84 -7.20
CA CYS A 63 4.44 2.70 -6.27
C CYS A 63 5.03 1.93 -5.07
N ARG A 64 4.38 0.85 -4.62
CA ARG A 64 4.96 0.13 -3.47
C ARG A 64 6.32 -0.46 -3.81
N SER A 65 6.55 -0.74 -5.07
CA SER A 65 7.81 -1.34 -5.49
C SER A 65 8.97 -0.34 -5.41
N LEU A 66 8.66 0.92 -5.16
CA LEU A 66 9.69 1.94 -5.06
C LEU A 66 10.34 1.89 -3.66
N ILE A 67 9.62 1.38 -2.67
CA ILE A 67 10.17 1.26 -1.31
C ILE A 67 9.77 -0.13 -0.83
N GLN A 68 10.67 -1.10 -0.88
CA GLN A 68 10.31 -2.47 -0.48
C GLN A 68 10.93 -2.98 0.83
N LEU A 69 11.71 -2.15 1.50
CA LEU A 69 12.33 -2.57 2.78
C LEU A 69 11.30 -2.58 3.93
N ASP A 70 11.75 -2.65 5.17
CA ASP A 70 10.84 -2.68 6.32
C ASP A 70 10.23 -1.34 6.77
N CYS A 71 9.27 -1.43 7.68
CA CYS A 71 8.56 -0.28 8.22
C CYS A 71 9.40 0.76 9.03
N ARG A 72 9.65 1.90 8.38
CA ARG A 72 10.47 3.00 8.93
C ARG A 72 9.71 4.32 9.14
N PRO A 14 -2.01 -19.54 -0.06
CA PRO A 14 -2.46 -18.32 0.65
C PRO A 14 -1.49 -17.81 1.73
N ARG A 15 -0.17 -17.87 1.47
CA ARG A 15 0.84 -17.39 2.44
C ARG A 15 0.92 -15.86 2.57
N VAL A 16 -0.22 -15.18 2.58
CA VAL A 16 -0.31 -13.71 2.72
C VAL A 16 -0.09 -13.37 4.21
N LEU A 17 1.04 -13.80 4.75
CA LEU A 17 1.39 -13.58 6.15
C LEU A 17 1.48 -12.10 6.54
N ALA A 18 1.42 -11.23 5.55
CA ALA A 18 1.45 -9.77 5.75
C ALA A 18 0.28 -9.33 6.65
N GLU A 19 -0.73 -10.17 6.74
CA GLU A 19 -1.90 -9.91 7.58
C GLU A 19 -1.49 -9.64 9.03
N ARG A 20 -0.47 -10.36 9.49
CA ARG A 20 0.05 -10.21 10.86
C ARG A 20 1.52 -9.82 10.90
N GLY A 21 2.30 -10.25 9.91
CA GLY A 21 3.72 -9.95 9.88
C GLY A 21 4.03 -8.47 9.92
N GLU A 22 4.92 -8.10 10.82
CA GLU A 22 5.31 -6.71 10.99
C GLU A 22 6.23 -6.25 9.84
N GLY A 23 6.79 -5.06 9.96
CA GLY A 23 7.64 -4.54 8.91
C GLY A 23 6.74 -4.01 7.82
N HIS A 24 7.24 -3.72 6.63
CA HIS A 24 6.35 -3.23 5.59
C HIS A 24 5.38 -4.30 5.10
N ARG A 25 4.15 -4.25 5.60
CA ARG A 25 3.15 -5.22 5.18
C ARG A 25 2.40 -4.86 3.91
N PHE A 26 2.10 -3.57 3.73
CA PHE A 26 1.37 -3.11 2.54
C PHE A 26 0.06 -3.85 2.36
N VAL A 27 -0.80 -3.76 3.37
CA VAL A 27 -2.11 -4.43 3.30
C VAL A 27 -3.01 -3.81 2.22
N GLU A 28 -3.29 -4.60 1.20
CA GLU A 28 -4.10 -4.18 0.05
C GLU A 28 -5.58 -3.79 0.29
N LEU A 29 -5.92 -2.55 -0.04
CA LEU A 29 -7.29 -2.04 0.07
C LEU A 29 -8.04 -2.40 -1.21
N ALA A 30 -8.63 -3.60 -1.24
CA ALA A 30 -9.39 -4.09 -2.40
C ALA A 30 -10.73 -3.36 -2.69
N LEU A 31 -10.73 -2.03 -2.76
CA LEU A 31 -11.94 -1.26 -3.04
C LEU A 31 -12.53 -1.73 -4.36
N ARG A 32 -13.81 -2.05 -4.38
CA ARG A 32 -14.48 -2.52 -5.59
C ARG A 32 -14.52 -1.47 -6.72
N GLY A 33 -14.22 -0.24 -6.38
CA GLY A 33 -14.20 0.84 -7.36
C GLY A 33 -14.19 2.17 -6.65
N GLY A 34 -14.32 3.25 -7.40
CA GLY A 34 -14.33 4.59 -6.84
C GLY A 34 -12.91 5.13 -6.66
N PRO A 35 -12.77 6.39 -6.23
CA PRO A 35 -11.42 6.96 -6.07
C PRO A 35 -10.67 6.49 -4.82
N GLY A 36 -9.35 6.44 -4.97
CA GLY A 36 -8.49 6.07 -3.87
C GLY A 36 -7.31 6.94 -4.20
N TRP A 37 -6.39 7.18 -3.28
CA TRP A 37 -5.24 8.03 -3.56
C TRP A 37 -3.91 7.42 -3.15
N CYS A 38 -2.92 7.46 -4.05
CA CYS A 38 -1.58 6.95 -3.75
C CYS A 38 -1.01 8.09 -2.93
N ASP A 39 -0.93 7.95 -1.62
CA ASP A 39 -0.44 9.04 -0.74
C ASP A 39 0.89 9.54 -1.28
N LEU A 40 1.69 8.59 -1.71
CA LEU A 40 3.00 8.84 -2.30
C LEU A 40 2.93 9.74 -3.54
N CYS A 41 2.08 9.40 -4.50
CA CYS A 41 1.96 10.18 -5.72
C CYS A 41 1.13 11.46 -5.59
N GLY A 42 0.13 11.39 -4.71
CA GLY A 42 -0.79 12.49 -4.52
C GLY A 42 -1.88 12.37 -5.56
N ARG A 43 -1.71 11.39 -6.46
CA ARG A 43 -2.65 11.14 -7.55
C ARG A 43 -3.62 10.02 -7.22
N GLU A 44 -4.57 9.81 -8.11
CA GLU A 44 -5.59 8.78 -7.95
C GLU A 44 -5.09 7.36 -8.24
N VAL A 45 -5.51 6.40 -7.44
CA VAL A 45 -5.17 5.00 -7.67
C VAL A 45 -6.36 4.41 -8.41
N LEU A 46 -6.21 4.22 -9.71
CA LEU A 46 -7.33 3.67 -10.50
C LEU A 46 -7.75 2.30 -9.94
N ARG A 47 -6.78 1.52 -9.46
CA ARG A 47 -7.08 0.19 -8.90
C ARG A 47 -6.80 0.16 -7.39
N GLN A 48 -6.88 -1.03 -6.85
CA GLN A 48 -6.63 -1.32 -5.45
C GLN A 48 -5.16 -1.02 -5.06
N ALA A 49 -5.00 -0.17 -4.05
CA ALA A 49 -3.69 0.25 -3.56
C ALA A 49 -3.25 -0.58 -2.36
N LEU A 50 -1.97 -0.57 -2.04
CA LEU A 50 -1.45 -1.36 -0.91
C LEU A 50 -0.98 -0.45 0.22
N ARG A 51 -1.49 -0.65 1.44
CA ARG A 51 -1.19 0.21 2.61
C ARG A 51 -0.32 -0.35 3.70
N CYS A 52 0.91 0.10 3.84
CA CYS A 52 1.70 -0.37 4.97
C CYS A 52 1.21 0.43 6.19
N ALA A 53 0.17 -0.09 6.83
CA ALA A 53 -0.44 0.54 7.99
C ALA A 53 0.54 0.68 9.13
N ASN A 54 1.61 -0.11 9.09
CA ASN A 54 2.63 -0.07 10.12
C ASN A 54 3.40 1.21 10.26
N CYS A 55 3.39 2.04 9.23
CA CYS A 55 4.13 3.28 9.34
C CYS A 55 3.86 4.33 8.26
N LYS A 56 3.93 3.88 7.03
CA LYS A 56 3.79 4.76 5.88
C LYS A 56 2.44 4.94 5.19
N PHE A 57 2.40 4.63 3.90
CA PHE A 57 1.21 4.86 3.10
C PHE A 57 0.57 3.76 2.24
N THR A 58 -0.47 4.18 1.51
CA THR A 58 -1.20 3.32 0.59
C THR A 58 -0.87 3.75 -0.85
N CYS A 59 0.03 3.04 -1.48
CA CYS A 59 0.47 3.39 -2.83
C CYS A 59 -0.02 2.49 -3.98
N HIS A 60 0.12 2.97 -5.22
CA HIS A 60 -0.26 2.14 -6.39
C HIS A 60 0.59 0.88 -6.39
N SER A 61 0.07 -0.19 -6.98
CA SER A 61 0.83 -1.44 -7.06
C SER A 61 2.17 -1.16 -7.73
N GLU A 62 2.15 -0.43 -8.84
CA GLU A 62 3.37 -0.07 -9.55
C GLU A 62 4.25 0.89 -8.74
N CYS A 63 3.65 1.74 -7.90
CA CYS A 63 4.41 2.67 -7.08
C CYS A 63 5.09 1.97 -5.91
N ARG A 64 4.75 0.71 -5.66
CA ARG A 64 5.43 -0.03 -4.58
C ARG A 64 6.93 -0.04 -4.81
N SER A 65 7.33 0.02 -6.07
CA SER A 65 8.75 0.04 -6.45
C SER A 65 9.54 1.20 -5.81
N LEU A 66 8.92 2.36 -5.71
CA LEU A 66 9.51 3.58 -5.14
C LEU A 66 9.85 3.49 -3.65
N ILE A 67 9.54 2.39 -2.98
CA ILE A 67 9.84 2.30 -1.56
C ILE A 67 11.33 2.02 -1.26
N GLN A 68 12.05 3.07 -0.90
CA GLN A 68 13.47 2.98 -0.59
C GLN A 68 13.76 2.94 0.92
N LEU A 69 12.73 2.68 1.73
CA LEU A 69 12.90 2.64 3.19
C LEU A 69 11.75 1.95 3.93
N ASP A 70 12.10 0.98 4.76
CA ASP A 70 11.15 0.22 5.59
C ASP A 70 10.63 0.95 6.82
N CYS A 71 9.85 0.23 7.63
CA CYS A 71 9.28 0.79 8.82
C CYS A 71 10.34 1.51 9.65
N ARG A 72 10.01 2.77 9.89
CA ARG A 72 10.86 3.70 10.67
C ARG A 72 11.20 3.13 12.05
N PRO A 14 1.24 -12.40 12.82
CA PRO A 14 2.04 -12.99 11.72
C PRO A 14 1.41 -14.17 10.95
N ARG A 15 0.08 -14.25 10.88
CA ARG A 15 -0.58 -15.37 10.18
C ARG A 15 -0.16 -15.51 8.71
N VAL A 16 -0.40 -14.48 7.91
CA VAL A 16 -0.03 -14.51 6.49
C VAL A 16 1.35 -13.83 6.42
N LEU A 17 2.06 -13.96 5.31
CA LEU A 17 3.39 -13.35 5.17
C LEU A 17 3.39 -11.85 5.45
N ALA A 18 2.45 -11.11 4.87
CA ALA A 18 2.37 -9.66 5.09
C ALA A 18 2.24 -9.33 6.58
N GLU A 19 1.36 -10.05 7.25
CA GLU A 19 1.08 -9.86 8.68
C GLU A 19 2.33 -10.06 9.57
N ARG A 20 3.38 -10.68 9.04
CA ARG A 20 4.63 -10.88 9.79
C ARG A 20 5.23 -9.54 10.22
N GLY A 21 4.98 -8.51 9.42
CA GLY A 21 5.49 -7.18 9.72
C GLY A 21 6.91 -6.93 9.23
N GLU A 22 7.48 -7.95 8.61
CA GLU A 22 8.84 -7.87 8.06
C GLU A 22 8.82 -7.00 6.80
N GLY A 23 9.15 -5.72 6.95
CA GLY A 23 9.13 -4.82 5.81
C GLY A 23 7.71 -4.34 5.57
N HIS A 24 7.51 -3.45 4.60
CA HIS A 24 6.16 -2.94 4.33
C HIS A 24 5.12 -4.03 4.09
N ARG A 25 4.20 -4.19 5.02
CA ARG A 25 3.15 -5.20 4.83
C ARG A 25 2.27 -4.86 3.65
N PHE A 26 2.02 -3.55 3.43
CA PHE A 26 1.20 -3.11 2.29
C PHE A 26 -0.19 -3.74 2.29
N VAL A 27 -0.99 -3.51 3.31
CA VAL A 27 -2.34 -4.10 3.37
C VAL A 27 -3.28 -3.50 2.31
N GLU A 28 -3.53 -4.29 1.29
CA GLU A 28 -4.42 -3.93 0.16
C GLU A 28 -5.85 -3.70 0.60
N LEU A 29 -6.42 -2.52 0.35
CA LEU A 29 -7.81 -2.28 0.74
C LEU A 29 -8.66 -2.27 -0.53
N ALA A 30 -9.92 -2.64 -0.41
CA ALA A 30 -10.79 -2.64 -1.58
C ALA A 30 -11.32 -1.22 -1.78
N LEU A 31 -11.07 -0.64 -2.94
CA LEU A 31 -11.55 0.71 -3.24
C LEU A 31 -13.04 0.71 -3.56
N ARG A 32 -13.57 -0.50 -3.76
CA ARG A 32 -15.00 -0.74 -4.09
C ARG A 32 -15.32 -0.03 -5.43
N GLY A 33 -14.27 0.19 -6.22
CA GLY A 33 -14.43 0.84 -7.52
C GLY A 33 -14.50 2.35 -7.46
N GLY A 34 -14.42 2.92 -6.26
CA GLY A 34 -14.46 4.37 -6.11
C GLY A 34 -13.07 4.96 -6.15
N PRO A 35 -12.94 6.29 -6.05
CA PRO A 35 -11.58 6.87 -6.07
C PRO A 35 -10.80 6.63 -4.78
N GLY A 36 -9.50 6.47 -4.92
CA GLY A 36 -8.65 6.30 -3.76
C GLY A 36 -7.48 7.14 -4.16
N TRP A 37 -6.61 7.52 -3.25
CA TRP A 37 -5.47 8.37 -3.59
C TRP A 37 -4.14 7.80 -3.09
N CYS A 38 -3.11 7.75 -3.95
CA CYS A 38 -1.80 7.24 -3.54
C CYS A 38 -1.21 8.40 -2.74
N ASP A 39 -1.11 8.26 -1.42
CA ASP A 39 -0.62 9.35 -0.55
C ASP A 39 0.69 9.89 -1.11
N LEU A 40 1.52 8.95 -1.52
CA LEU A 40 2.81 9.23 -2.13
C LEU A 40 2.72 10.08 -3.41
N CYS A 41 1.87 9.66 -4.35
CA CYS A 41 1.71 10.38 -5.62
C CYS A 41 0.86 11.65 -5.58
N GLY A 42 -0.24 11.56 -4.86
CA GLY A 42 -1.21 12.64 -4.78
C GLY A 42 -2.22 12.36 -5.90
N ARG A 43 -1.88 11.37 -6.72
CA ARG A 43 -2.70 10.92 -7.84
C ARG A 43 -3.61 9.76 -7.48
N GLU A 44 -4.77 9.73 -8.12
CA GLU A 44 -5.78 8.69 -7.94
C GLU A 44 -5.23 7.27 -8.16
N VAL A 45 -5.58 6.34 -7.28
CA VAL A 45 -5.13 4.97 -7.44
C VAL A 45 -6.10 4.15 -8.26
N LEU A 46 -5.77 3.98 -9.53
CA LEU A 46 -6.61 3.16 -10.40
C LEU A 46 -6.18 1.74 -10.08
N ARG A 47 -4.89 1.61 -9.79
CA ARG A 47 -4.27 0.34 -9.41
C ARG A 47 -4.83 -0.05 -8.05
N GLN A 48 -4.62 -1.29 -7.64
CA GLN A 48 -5.07 -1.75 -6.32
C GLN A 48 -4.25 -0.93 -5.33
N ALA A 49 -4.87 -0.40 -4.28
CA ALA A 49 -4.13 0.41 -3.33
C ALA A 49 -3.71 -0.38 -2.12
N LEU A 50 -2.44 -0.31 -1.82
CA LEU A 50 -1.90 -1.06 -0.69
C LEU A 50 -1.37 -0.14 0.39
N ARG A 51 -1.73 -0.42 1.62
CA ARG A 51 -1.36 0.45 2.75
C ARG A 51 -0.40 -0.15 3.73
N CYS A 52 0.84 0.29 3.78
CA CYS A 52 1.72 -0.27 4.78
C CYS A 52 1.35 0.33 6.15
N ALA A 53 0.49 -0.39 6.86
CA ALA A 53 0.01 0.00 8.17
C ALA A 53 1.15 0.11 9.18
N ASN A 54 2.29 -0.51 8.87
CA ASN A 54 3.43 -0.46 9.77
C ASN A 54 4.00 0.90 9.99
N CYS A 55 3.82 1.79 9.03
CA CYS A 55 4.40 3.10 9.16
C CYS A 55 3.94 4.18 8.20
N LYS A 56 3.97 3.82 6.93
CA LYS A 56 3.68 4.76 5.86
C LYS A 56 2.28 5.01 5.25
N PHE A 57 2.13 4.72 3.97
CA PHE A 57 0.90 5.03 3.24
C PHE A 57 0.21 4.06 2.29
N THR A 58 -0.95 4.49 1.78
CA THR A 58 -1.72 3.79 0.81
C THR A 58 -1.17 4.14 -0.57
N CYS A 59 -0.36 3.29 -1.18
CA CYS A 59 0.21 3.60 -2.48
C CYS A 59 -0.34 2.78 -3.63
N HIS A 60 -0.09 3.22 -4.87
CA HIS A 60 -0.49 2.41 -6.03
C HIS A 60 0.32 1.11 -5.90
N SER A 61 -0.25 -0.01 -6.32
CA SER A 61 0.47 -1.30 -6.26
C SER A 61 1.78 -1.09 -7.03
N GLU A 62 1.65 -0.39 -8.13
CA GLU A 62 2.76 -0.02 -9.01
C GLU A 62 3.85 0.77 -8.25
N CYS A 63 3.42 1.76 -7.47
CA CYS A 63 4.30 2.60 -6.66
C CYS A 63 5.05 1.84 -5.57
N ARG A 64 4.53 0.68 -5.16
CA ARG A 64 5.22 -0.11 -4.11
C ARG A 64 6.66 -0.42 -4.48
N SER A 65 6.94 -0.56 -5.77
CA SER A 65 8.29 -0.89 -6.23
C SER A 65 9.26 0.28 -6.15
N LEU A 66 8.76 1.45 -5.78
CA LEU A 66 9.59 2.64 -5.67
C LEU A 66 10.09 2.83 -4.26
N ILE A 67 9.69 1.96 -3.36
CA ILE A 67 10.12 2.08 -1.97
C ILE A 67 10.44 0.68 -1.44
N GLN A 68 11.74 0.50 -1.18
CA GLN A 68 12.35 -0.76 -0.70
C GLN A 68 11.93 -1.38 0.66
N LEU A 69 10.62 -1.42 0.90
CA LEU A 69 10.02 -2.01 2.13
C LEU A 69 10.39 -1.29 3.43
N ASP A 70 10.87 -0.07 3.35
CA ASP A 70 11.31 0.71 4.51
C ASP A 70 10.30 0.99 5.65
N CYS A 71 10.29 0.17 6.67
CA CYS A 71 9.45 0.41 7.83
C CYS A 71 10.37 1.00 8.91
N ARG A 72 10.05 2.21 9.33
CA ARG A 72 10.83 2.91 10.37
C ARG A 72 10.76 2.22 11.75
N PRO A 14 -9.42 -8.28 0.45
CA PRO A 14 -8.91 -7.69 -0.81
C PRO A 14 -8.19 -8.84 -1.47
N ARG A 15 -7.35 -8.63 -2.47
CA ARG A 15 -6.63 -9.75 -3.06
C ARG A 15 -5.66 -10.28 -2.02
N VAL A 16 -4.78 -9.41 -1.53
CA VAL A 16 -3.81 -9.83 -0.51
C VAL A 16 -4.31 -9.43 0.87
N LEU A 17 -4.26 -10.37 1.79
CA LEU A 17 -4.70 -10.13 3.16
C LEU A 17 -3.47 -9.61 3.93
N ALA A 18 -3.53 -9.60 5.25
CA ALA A 18 -2.39 -9.15 6.08
C ALA A 18 -1.34 -10.28 6.17
N GLU A 19 -1.16 -10.99 5.07
CA GLU A 19 -0.23 -12.11 4.93
C GLU A 19 1.20 -11.72 5.26
N ARG A 20 1.55 -10.50 4.86
CA ARG A 20 2.87 -9.93 5.07
C ARG A 20 3.07 -9.46 6.50
N GLY A 21 3.20 -10.37 7.45
CA GLY A 21 3.37 -9.95 8.83
C GLY A 21 4.78 -9.40 9.02
N GLU A 22 5.67 -9.78 8.12
CA GLU A 22 7.06 -9.34 8.15
C GLU A 22 7.30 -8.16 7.20
N GLY A 23 7.94 -7.11 7.68
CA GLY A 23 8.22 -5.96 6.84
C GLY A 23 6.96 -5.21 6.45
N HIS A 24 6.98 -4.55 5.29
CA HIS A 24 5.80 -3.82 4.84
C HIS A 24 4.62 -4.71 4.60
N ARG A 25 3.61 -4.56 5.45
CA ARG A 25 2.39 -5.34 5.33
C ARG A 25 1.63 -5.05 4.05
N PHE A 26 1.64 -3.79 3.61
CA PHE A 26 0.95 -3.39 2.38
C PHE A 26 -0.50 -3.81 2.38
N VAL A 27 -1.25 -3.36 3.36
CA VAL A 27 -2.66 -3.75 3.41
C VAL A 27 -3.51 -3.08 2.32
N GLU A 28 -3.76 -3.84 1.26
CA GLU A 28 -4.54 -3.42 0.10
C GLU A 28 -5.90 -2.81 0.50
N LEU A 29 -6.18 -1.65 -0.05
CA LEU A 29 -7.39 -0.90 0.19
C LEU A 29 -8.61 -1.60 -0.41
N ALA A 30 -9.54 -1.99 0.45
CA ALA A 30 -10.78 -2.66 0.04
C ALA A 30 -11.83 -1.71 -0.58
N LEU A 31 -11.42 -0.75 -1.39
CA LEU A 31 -12.36 0.19 -2.00
C LEU A 31 -13.43 -0.53 -2.82
N ARG A 32 -14.69 -0.29 -2.49
CA ARG A 32 -15.82 -0.90 -3.22
C ARG A 32 -16.00 -0.05 -4.49
N GLY A 33 -15.02 -0.12 -5.37
CA GLY A 33 -15.03 0.67 -6.59
C GLY A 33 -14.74 2.11 -6.24
N GLY A 34 -14.93 3.02 -7.20
CA GLY A 34 -14.67 4.42 -6.95
C GLY A 34 -13.19 4.74 -6.93
N PRO A 35 -12.80 5.98 -6.60
CA PRO A 35 -11.38 6.33 -6.57
C PRO A 35 -10.66 5.90 -5.31
N GLY A 36 -9.34 5.79 -5.40
CA GLY A 36 -8.53 5.44 -4.26
C GLY A 36 -7.37 6.36 -4.46
N TRP A 37 -6.56 6.63 -3.45
CA TRP A 37 -5.44 7.56 -3.60
C TRP A 37 -4.08 7.07 -3.13
N CYS A 38 -3.06 7.20 -3.98
CA CYS A 38 -1.68 6.82 -3.64
C CYS A 38 -1.34 8.03 -2.81
N ASP A 39 -1.39 7.96 -1.48
CA ASP A 39 -1.14 9.17 -0.67
C ASP A 39 0.25 9.71 -0.96
N LEU A 40 1.12 8.79 -1.35
CA LEU A 40 2.47 9.10 -1.76
C LEU A 40 2.48 10.07 -2.97
N CYS A 41 1.75 9.70 -4.02
CA CYS A 41 1.68 10.51 -5.23
C CYS A 41 0.68 11.67 -5.17
N GLY A 42 -0.36 11.46 -4.39
CA GLY A 42 -1.44 12.43 -4.27
C GLY A 42 -2.40 12.18 -5.42
N ARG A 43 -2.03 11.19 -6.24
CA ARG A 43 -2.78 10.77 -7.41
C ARG A 43 -3.61 9.51 -7.28
N GLU A 44 -4.73 9.57 -7.97
CA GLU A 44 -5.69 8.48 -8.04
C GLU A 44 -5.11 7.13 -8.45
N VAL A 45 -5.37 6.12 -7.63
CA VAL A 45 -4.90 4.76 -7.89
C VAL A 45 -5.86 3.97 -8.73
N LEU A 46 -5.48 3.72 -9.97
CA LEU A 46 -6.32 2.96 -10.86
C LEU A 46 -6.50 1.55 -10.27
N ARG A 47 -5.46 1.07 -9.61
CA ARG A 47 -5.48 -0.28 -9.00
C ARG A 47 -5.82 -0.17 -7.51
N GLN A 48 -5.72 -1.27 -6.80
CA GLN A 48 -6.00 -1.32 -5.38
C GLN A 48 -4.74 -0.89 -4.62
N ALA A 49 -4.76 0.30 -4.05
CA ALA A 49 -3.61 0.82 -3.30
C ALA A 49 -3.13 -0.06 -2.16
N LEU A 50 -1.83 -0.30 -2.11
CA LEU A 50 -1.21 -1.12 -1.07
C LEU A 50 -0.74 -0.21 0.05
N ARG A 51 -1.35 -0.32 1.22
CA ARG A 51 -0.96 0.56 2.33
C ARG A 51 -0.14 -0.08 3.41
N CYS A 52 1.14 0.17 3.50
CA CYS A 52 1.85 -0.43 4.60
C CYS A 52 1.52 0.40 5.86
N ALA A 53 0.46 -0.03 6.52
CA ALA A 53 -0.05 0.62 7.71
C ALA A 53 0.99 0.62 8.82
N ASN A 54 1.99 -0.23 8.69
CA ASN A 54 3.05 -0.29 9.68
C ASN A 54 3.91 0.92 9.80
N CYS A 55 3.83 1.82 8.84
CA CYS A 55 4.66 2.97 8.93
C CYS A 55 4.28 4.14 8.05
N LYS A 56 4.36 3.83 6.80
CA LYS A 56 4.22 4.80 5.72
C LYS A 56 2.95 5.13 4.92
N PHE A 57 2.71 4.45 3.81
CA PHE A 57 1.56 4.80 2.97
C PHE A 57 0.89 3.85 2.01
N THR A 58 -0.28 4.29 1.55
CA THR A 58 -1.09 3.67 0.62
C THR A 58 -0.58 4.03 -0.76
N CYS A 59 0.14 3.16 -1.41
CA CYS A 59 0.68 3.51 -2.72
C CYS A 59 0.05 2.79 -3.90
N HIS A 60 0.21 3.34 -5.11
CA HIS A 60 -0.28 2.63 -6.31
C HIS A 60 0.45 1.28 -6.22
N SER A 61 -0.18 0.21 -6.68
CA SER A 61 0.45 -1.09 -6.63
C SER A 61 1.80 -0.95 -7.33
N GLU A 62 1.79 -0.23 -8.45
CA GLU A 62 2.97 0.06 -9.24
C GLU A 62 4.01 0.86 -8.42
N CYS A 63 3.53 1.86 -7.69
CA CYS A 63 4.36 2.73 -6.86
C CYS A 63 5.03 2.03 -5.69
N ARG A 64 4.60 0.82 -5.34
CA ARG A 64 5.25 0.13 -4.20
C ARG A 64 6.75 0.00 -4.51
N SER A 65 7.08 -0.07 -5.79
CA SER A 65 8.45 -0.20 -6.26
C SER A 65 9.34 0.93 -5.76
N LEU A 66 8.78 2.12 -5.68
CA LEU A 66 9.49 3.32 -5.24
C LEU A 66 9.95 3.23 -3.78
N ILE A 67 9.41 2.29 -3.03
CA ILE A 67 9.81 2.13 -1.64
C ILE A 67 11.12 1.35 -1.61
N GLN A 68 12.22 2.07 -1.41
CA GLN A 68 13.55 1.45 -1.39
C GLN A 68 14.06 1.17 0.04
N LEU A 69 13.17 1.18 1.02
CA LEU A 69 13.58 0.93 2.40
C LEU A 69 12.44 0.42 3.28
N ASP A 70 12.84 -0.21 4.38
CA ASP A 70 11.95 -0.80 5.40
C ASP A 70 10.95 0.15 6.10
N CYS A 71 10.17 -0.41 7.03
CA CYS A 71 9.19 0.36 7.79
C CYS A 71 9.94 1.36 8.71
N ARG A 72 9.92 2.64 8.34
CA ARG A 72 10.61 3.66 9.13
C ARG A 72 9.73 4.21 10.23
N PRO A 14 -4.70 -16.53 16.16
CA PRO A 14 -3.73 -15.81 15.29
C PRO A 14 -3.52 -14.33 15.63
N ARG A 15 -3.49 -13.98 16.92
CA ARG A 15 -3.27 -12.58 17.35
C ARG A 15 -1.78 -12.19 17.17
N VAL A 16 -1.34 -12.12 15.92
CA VAL A 16 0.05 -11.78 15.62
C VAL A 16 0.26 -10.30 15.95
N LEU A 17 1.26 -10.01 16.78
CA LEU A 17 1.62 -8.64 17.20
C LEU A 17 2.23 -7.78 16.05
N ALA A 18 1.62 -7.89 14.88
CA ALA A 18 2.02 -7.20 13.65
C ALA A 18 1.85 -5.65 13.65
N GLU A 19 2.20 -5.01 14.74
CA GLU A 19 2.10 -3.55 14.89
C GLU A 19 3.03 -2.84 13.85
N ARG A 20 4.30 -2.64 14.21
CA ARG A 20 5.26 -1.99 13.29
C ARG A 20 6.46 -2.92 13.11
N GLY A 21 7.31 -2.63 12.12
CA GLY A 21 8.51 -3.44 11.89
C GLY A 21 8.28 -4.81 11.28
N GLU A 22 7.05 -5.07 10.87
CA GLU A 22 6.65 -6.36 10.24
C GLU A 22 7.29 -6.49 8.85
N GLY A 23 7.78 -5.37 8.34
CA GLY A 23 8.34 -5.30 7.00
C GLY A 23 7.13 -4.70 6.32
N HIS A 24 7.24 -4.00 5.21
CA HIS A 24 6.02 -3.41 4.63
C HIS A 24 4.90 -4.39 4.27
N ARG A 25 3.88 -4.46 5.12
CA ARG A 25 2.75 -5.34 4.88
C ARG A 25 1.97 -4.95 3.63
N PHE A 26 1.83 -3.65 3.38
CA PHE A 26 1.12 -3.14 2.18
C PHE A 26 -0.29 -3.74 2.07
N VAL A 27 -1.11 -3.53 3.08
CA VAL A 27 -2.48 -4.08 3.06
C VAL A 27 -3.43 -3.34 2.14
N GLU A 28 -3.88 -4.03 1.10
CA GLU A 28 -4.79 -3.49 0.11
C GLU A 28 -6.08 -2.83 0.65
N LEU A 29 -6.40 -1.67 0.09
CA LEU A 29 -7.55 -0.90 0.44
C LEU A 29 -8.57 -1.15 -0.69
N ALA A 30 -9.36 -2.20 -0.54
CA ALA A 30 -10.35 -2.55 -1.55
C ALA A 30 -11.26 -1.35 -1.85
N LEU A 31 -11.36 -0.99 -3.13
CA LEU A 31 -12.17 0.15 -3.54
C LEU A 31 -13.52 -0.35 -4.06
N ARG A 32 -14.13 0.41 -4.97
CA ARG A 32 -15.43 0.02 -5.54
C ARG A 32 -15.57 0.59 -6.95
N GLY A 33 -14.44 0.76 -7.61
CA GLY A 33 -14.43 1.30 -8.96
C GLY A 33 -14.38 2.82 -8.95
N GLY A 34 -14.46 3.39 -7.77
CA GLY A 34 -14.39 4.83 -7.62
C GLY A 34 -12.96 5.23 -7.35
N PRO A 35 -12.68 6.51 -7.08
CA PRO A 35 -11.29 6.89 -6.82
C PRO A 35 -10.75 6.47 -5.45
N GLY A 36 -9.44 6.53 -5.35
CA GLY A 36 -8.74 6.22 -4.13
C GLY A 36 -7.50 7.01 -4.44
N TRP A 37 -6.64 7.31 -3.48
CA TRP A 37 -5.44 8.11 -3.78
C TRP A 37 -4.13 7.51 -3.25
N CYS A 38 -3.10 7.48 -4.10
CA CYS A 38 -1.78 6.97 -3.71
C CYS A 38 -1.30 8.18 -2.91
N ASP A 39 -1.42 8.14 -1.59
CA ASP A 39 -1.04 9.34 -0.80
C ASP A 39 0.42 9.70 -1.08
N LEU A 40 1.19 8.69 -1.43
CA LEU A 40 2.57 8.84 -1.81
C LEU A 40 2.72 9.75 -3.06
N CYS A 41 1.97 9.42 -4.11
CA CYS A 41 2.02 10.18 -5.38
C CYS A 41 1.12 11.42 -5.46
N GLY A 42 0.02 11.38 -4.75
CA GLY A 42 -0.97 12.43 -4.78
C GLY A 42 -1.92 12.14 -5.95
N ARG A 43 -1.58 11.12 -6.72
CA ARG A 43 -2.35 10.69 -7.89
C ARG A 43 -3.35 9.56 -7.61
N GLU A 44 -4.47 9.62 -8.29
CA GLU A 44 -5.56 8.62 -8.19
C GLU A 44 -5.10 7.17 -8.42
N VAL A 45 -5.56 6.27 -7.58
CA VAL A 45 -5.21 4.85 -7.71
C VAL A 45 -6.26 3.98 -8.37
N LEU A 46 -6.06 3.69 -9.65
CA LEU A 46 -7.00 2.81 -10.35
C LEU A 46 -6.81 1.43 -9.74
N ARG A 47 -5.54 1.03 -9.63
CA ARG A 47 -5.16 -0.24 -9.02
C ARG A 47 -5.49 -0.05 -7.55
N GLN A 48 -6.04 -1.03 -6.85
CA GLN A 48 -6.35 -0.87 -5.44
C GLN A 48 -5.06 -0.66 -4.66
N ALA A 49 -4.99 0.50 -4.03
CA ALA A 49 -3.86 0.96 -3.25
C ALA A 49 -3.47 0.03 -2.11
N LEU A 50 -2.19 -0.26 -1.98
CA LEU A 50 -1.71 -1.14 -0.93
C LEU A 50 -1.14 -0.28 0.19
N ARG A 51 -1.61 -0.46 1.41
CA ARG A 51 -1.17 0.36 2.55
C ARG A 51 -0.29 -0.28 3.58
N CYS A 52 0.97 0.11 3.64
CA CYS A 52 1.80 -0.44 4.67
C CYS A 52 1.45 0.29 5.99
N ALA A 53 0.45 -0.25 6.67
CA ALA A 53 -0.05 0.30 7.92
C ALA A 53 1.01 0.28 9.01
N ASN A 54 2.09 -0.45 8.76
CA ASN A 54 3.18 -0.54 9.71
C ASN A 54 3.92 0.75 9.90
N CYS A 55 3.77 1.69 8.98
CA CYS A 55 4.52 2.92 9.11
C CYS A 55 4.10 4.05 8.20
N LYS A 56 3.99 3.70 6.93
CA LYS A 56 3.76 4.69 5.89
C LYS A 56 2.39 4.91 5.20
N PHE A 57 2.37 4.70 3.89
CA PHE A 57 1.23 4.98 3.03
C PHE A 57 0.48 3.91 2.25
N THR A 58 -0.60 4.35 1.60
CA THR A 58 -1.43 3.50 0.74
C THR A 58 -1.07 3.97 -0.68
N CYS A 59 -0.21 3.21 -1.32
CA CYS A 59 0.26 3.58 -2.63
C CYS A 59 -0.18 2.68 -3.76
N HIS A 60 -0.02 3.14 -4.99
CA HIS A 60 -0.35 2.26 -6.14
C HIS A 60 0.55 1.02 -5.94
N SER A 61 0.03 -0.16 -6.23
CA SER A 61 0.83 -1.38 -6.07
C SER A 61 2.13 -1.20 -6.87
N GLU A 62 1.99 -0.59 -8.03
CA GLU A 62 3.11 -0.29 -8.92
C GLU A 62 4.12 0.65 -8.21
N CYS A 63 3.59 1.70 -7.58
CA CYS A 63 4.37 2.70 -6.87
C CYS A 63 5.15 2.12 -5.69
N ARG A 64 4.79 0.93 -5.22
CA ARG A 64 5.57 0.32 -4.13
C ARG A 64 7.04 0.21 -4.53
N SER A 65 7.30 0.10 -5.82
CA SER A 65 8.66 -0.01 -6.34
C SER A 65 9.50 1.26 -6.18
N LEU A 66 8.88 2.32 -5.68
CA LEU A 66 9.56 3.61 -5.50
C LEU A 66 10.06 3.77 -4.07
N ILE A 67 9.77 2.80 -3.20
CA ILE A 67 10.23 2.88 -1.82
C ILE A 67 11.09 1.63 -1.54
N GLN A 68 12.40 1.85 -1.56
CA GLN A 68 13.39 0.79 -1.37
C GLN A 68 13.87 0.63 0.09
N LEU A 69 13.13 1.14 1.05
CA LEU A 69 13.50 1.02 2.47
C LEU A 69 12.30 0.67 3.34
N ASP A 70 12.53 -0.32 4.21
CA ASP A 70 11.55 -0.90 5.16
C ASP A 70 10.86 0.08 6.13
N CYS A 71 10.01 -0.47 6.98
CA CYS A 71 9.26 0.30 7.95
C CYS A 71 10.12 1.17 8.89
N ARG A 72 10.06 2.48 8.68
CA ARG A 72 10.81 3.45 9.50
C ARG A 72 9.86 4.08 10.50
N PRO A 14 1.14 -13.68 16.88
CA PRO A 14 0.53 -14.04 18.19
C PRO A 14 -0.64 -13.13 18.59
N ARG A 15 -0.37 -11.90 19.00
CA ARG A 15 -1.41 -10.96 19.39
C ARG A 15 -2.35 -10.77 18.20
N VAL A 16 -1.78 -10.36 17.08
CA VAL A 16 -2.54 -10.14 15.85
C VAL A 16 -2.30 -11.39 15.00
N LEU A 17 -3.28 -11.82 14.21
CA LEU A 17 -3.09 -13.00 13.35
C LEU A 17 -1.85 -12.84 12.46
N ALA A 18 -1.88 -11.81 11.60
CA ALA A 18 -0.77 -11.51 10.70
C ALA A 18 0.22 -10.53 11.33
N GLU A 19 0.51 -10.71 12.61
CA GLU A 19 1.44 -9.84 13.35
C GLU A 19 2.82 -9.70 12.71
N ARG A 20 3.33 -10.78 12.14
CA ARG A 20 4.66 -10.77 11.51
C ARG A 20 4.81 -9.64 10.49
N GLY A 21 5.93 -8.94 10.57
CA GLY A 21 6.20 -7.83 9.68
C GLY A 21 7.65 -7.77 9.22
N GLU A 22 8.08 -8.77 8.47
CA GLU A 22 9.47 -8.86 7.98
C GLU A 22 9.79 -7.77 6.94
N GLY A 23 8.80 -6.95 6.62
CA GLY A 23 8.96 -5.88 5.66
C GLY A 23 7.60 -5.23 5.59
N HIS A 24 7.44 -4.21 4.76
CA HIS A 24 6.15 -3.54 4.64
C HIS A 24 5.02 -4.50 4.35
N ARG A 25 4.02 -4.56 5.22
CA ARG A 25 2.90 -5.44 4.95
C ARG A 25 2.10 -5.02 3.71
N PHE A 26 1.95 -3.71 3.49
CA PHE A 26 1.22 -3.19 2.33
C PHE A 26 -0.18 -3.77 2.22
N VAL A 27 -1.00 -3.56 3.25
CA VAL A 27 -2.37 -4.11 3.22
C VAL A 27 -3.27 -3.41 2.18
N GLU A 28 -3.64 -4.14 1.15
CA GLU A 28 -4.48 -3.62 0.06
C GLU A 28 -5.84 -3.02 0.44
N LEU A 29 -6.12 -1.83 -0.06
CA LEU A 29 -7.41 -1.19 0.20
C LEU A 29 -8.43 -1.70 -0.81
N ALA A 30 -9.56 -2.19 -0.35
CA ALA A 30 -10.59 -2.68 -1.26
C ALA A 30 -11.08 -1.54 -2.15
N LEU A 31 -10.99 -1.69 -3.47
CA LEU A 31 -11.46 -0.66 -4.41
C LEU A 31 -12.98 -0.48 -4.35
N ARG A 32 -13.63 -1.38 -3.63
CA ARG A 32 -15.10 -1.33 -3.46
C ARG A 32 -15.54 -0.07 -2.71
N GLY A 33 -14.58 0.62 -2.09
CA GLY A 33 -14.87 1.82 -1.34
C GLY A 33 -14.92 3.09 -2.17
N GLY A 34 -14.82 2.96 -3.49
CA GLY A 34 -14.83 4.13 -4.35
C GLY A 34 -13.39 4.54 -4.60
N PRO A 35 -13.13 5.77 -5.12
CA PRO A 35 -11.73 6.12 -5.36
C PRO A 35 -10.85 6.05 -4.13
N GLY A 36 -9.55 6.00 -4.36
CA GLY A 36 -8.61 5.99 -3.29
C GLY A 36 -7.52 6.88 -3.81
N TRP A 37 -6.64 7.36 -2.97
CA TRP A 37 -5.56 8.23 -3.40
C TRP A 37 -4.22 7.66 -2.97
N CYS A 38 -3.23 7.66 -3.86
CA CYS A 38 -1.90 7.17 -3.51
C CYS A 38 -1.36 8.32 -2.68
N ASP A 39 -1.25 8.13 -1.37
CA ASP A 39 -0.81 9.23 -0.48
C ASP A 39 0.47 9.83 -1.04
N LEU A 40 1.34 8.93 -1.47
CA LEU A 40 2.60 9.27 -2.09
C LEU A 40 2.46 10.13 -3.38
N CYS A 41 1.63 9.68 -4.32
CA CYS A 41 1.45 10.39 -5.59
C CYS A 41 0.55 11.63 -5.54
N GLY A 42 -0.43 11.61 -4.65
CA GLY A 42 -1.38 12.71 -4.55
C GLY A 42 -2.47 12.53 -5.60
N ARG A 43 -2.32 11.49 -6.41
CA ARG A 43 -3.25 11.18 -7.50
C ARG A 43 -4.13 9.98 -7.14
N GLU A 44 -5.13 9.70 -7.96
CA GLU A 44 -6.04 8.59 -7.71
C GLU A 44 -5.47 7.21 -8.02
N VAL A 45 -5.84 6.24 -7.21
CA VAL A 45 -5.41 4.86 -7.40
C VAL A 45 -6.54 4.04 -8.03
N LEU A 46 -6.62 4.07 -9.35
CA LEU A 46 -7.63 3.28 -10.05
C LEU A 46 -7.18 1.84 -9.90
N ARG A 47 -5.86 1.69 -9.90
CA ARG A 47 -5.20 0.39 -9.75
C ARG A 47 -5.22 0.08 -8.25
N GLN A 48 -5.08 -1.18 -7.87
CA GLN A 48 -5.11 -1.56 -6.46
C GLN A 48 -3.98 -0.95 -5.64
N ALA A 49 -4.34 -0.11 -4.68
CA ALA A 49 -3.38 0.54 -3.79
C ALA A 49 -3.15 -0.29 -2.54
N LEU A 50 -1.89 -0.44 -2.18
CA LEU A 50 -1.53 -1.22 -1.01
C LEU A 50 -0.97 -0.33 0.10
N ARG A 51 -1.47 -0.50 1.32
CA ARG A 51 -1.06 0.37 2.43
C ARG A 51 -0.21 -0.20 3.52
N CYS A 52 1.06 0.17 3.60
CA CYS A 52 1.83 -0.35 4.71
C CYS A 52 1.49 0.54 5.91
N ALA A 53 0.41 0.17 6.58
CA ALA A 53 -0.10 0.89 7.73
C ALA A 53 0.91 0.97 8.87
N ASN A 54 1.91 0.10 8.83
CA ASN A 54 2.94 0.07 9.85
C ASN A 54 3.82 1.30 9.93
N CYS A 55 3.94 2.02 8.82
CA CYS A 55 4.78 3.19 8.82
C CYS A 55 4.41 4.23 7.79
N LYS A 56 4.25 3.77 6.57
CA LYS A 56 3.97 4.64 5.44
C LYS A 56 2.53 4.89 4.96
N PHE A 57 2.25 4.58 3.71
CA PHE A 57 0.95 4.88 3.11
C PHE A 57 0.33 3.87 2.15
N THR A 58 -0.80 4.25 1.56
CA THR A 58 -1.49 3.43 0.57
C THR A 58 -0.99 3.92 -0.79
N CYS A 59 -0.06 3.19 -1.35
CA CYS A 59 0.51 3.58 -2.62
C CYS A 59 0.01 2.72 -3.77
N HIS A 60 0.08 3.21 -5.00
CA HIS A 60 -0.32 2.39 -6.17
C HIS A 60 0.53 1.13 -6.12
N SER A 61 0.08 0.05 -6.73
CA SER A 61 0.87 -1.18 -6.75
C SER A 61 2.27 -0.90 -7.30
N GLU A 62 2.36 -0.20 -8.42
CA GLU A 62 3.66 0.14 -9.00
C GLU A 62 4.50 0.95 -8.02
N CYS A 63 3.85 1.84 -7.28
CA CYS A 63 4.53 2.67 -6.31
C CYS A 63 5.19 1.87 -5.17
N ARG A 64 4.62 0.75 -4.72
CA ARG A 64 5.28 0.01 -3.61
C ARG A 64 6.66 -0.49 -4.00
N SER A 65 6.84 -0.75 -5.28
CA SER A 65 8.14 -1.22 -5.81
C SER A 65 9.25 -0.24 -5.46
N LEU A 66 8.92 1.05 -5.54
CA LEU A 66 9.87 2.14 -5.27
C LEU A 66 10.39 2.20 -3.82
N ILE A 67 9.85 1.37 -2.92
CA ILE A 67 10.31 1.39 -1.53
C ILE A 67 10.68 -0.04 -1.13
N GLN A 68 11.97 -0.31 -1.14
CA GLN A 68 12.48 -1.63 -0.81
C GLN A 68 12.66 -1.97 0.68
N LEU A 69 11.59 -2.52 1.25
CA LEU A 69 11.54 -3.00 2.65
C LEU A 69 11.79 -2.01 3.80
N ASP A 70 11.79 -0.70 3.55
CA ASP A 70 12.01 0.26 4.65
C ASP A 70 10.74 0.39 5.53
N CYS A 71 10.49 -0.58 6.39
CA CYS A 71 9.32 -0.57 7.26
C CYS A 71 9.79 -0.60 8.72
N ARG A 72 9.70 0.56 9.36
CA ARG A 72 10.11 0.75 10.74
C ARG A 72 8.90 0.70 11.68
N PRO A 14 -9.12 -14.03 6.05
CA PRO A 14 -9.17 -12.87 5.13
C PRO A 14 -7.76 -12.53 4.67
N ARG A 15 -7.54 -11.32 4.16
CA ARG A 15 -6.19 -10.94 3.69
C ARG A 15 -5.15 -10.80 4.81
N VAL A 16 -5.61 -10.87 6.06
CA VAL A 16 -4.72 -10.74 7.21
C VAL A 16 -3.85 -11.97 7.46
N LEU A 17 -3.82 -12.89 6.50
CA LEU A 17 -3.00 -14.10 6.58
C LEU A 17 -1.55 -13.67 6.84
N ALA A 18 -1.12 -12.67 6.06
CA ALA A 18 0.21 -12.09 6.16
C ALA A 18 0.39 -11.20 7.42
N GLU A 19 -0.13 -11.64 8.56
CA GLU A 19 -0.03 -10.88 9.81
C GLU A 19 1.41 -10.51 10.17
N ARG A 20 2.34 -11.41 9.87
CA ARG A 20 3.77 -11.19 10.13
C ARG A 20 4.26 -9.89 9.49
N GLY A 21 4.85 -9.04 10.32
CA GLY A 21 5.35 -7.74 9.86
C GLY A 21 6.74 -7.82 9.27
N GLU A 22 6.86 -8.58 8.19
CA GLU A 22 8.13 -8.78 7.47
C GLU A 22 8.53 -7.52 6.68
N GLY A 23 8.55 -6.39 7.35
CA GLY A 23 8.87 -5.12 6.71
C GLY A 23 7.64 -4.48 6.09
N HIS A 24 7.85 -3.60 5.12
CA HIS A 24 6.75 -2.89 4.46
C HIS A 24 5.70 -3.82 3.84
N ARG A 25 4.59 -3.99 4.54
CA ARG A 25 3.52 -4.87 4.06
C ARG A 25 2.76 -4.37 2.82
N PHE A 26 2.36 -3.10 2.82
CA PHE A 26 1.59 -2.50 1.72
C PHE A 26 0.35 -3.36 1.42
N VAL A 27 -0.57 -3.45 2.37
CA VAL A 27 -1.77 -4.27 2.17
C VAL A 27 -2.93 -3.52 1.52
N GLU A 28 -3.48 -4.08 0.46
CA GLU A 28 -4.60 -3.46 -0.27
C GLU A 28 -5.78 -3.01 0.60
N LEU A 29 -6.12 -1.73 0.52
CA LEU A 29 -7.26 -1.22 1.25
C LEU A 29 -8.44 -1.17 0.27
N ALA A 30 -9.63 -1.52 0.75
CA ALA A 30 -10.80 -1.50 -0.12
C ALA A 30 -11.07 -0.10 -0.65
N LEU A 31 -11.16 0.05 -1.97
CA LEU A 31 -11.43 1.36 -2.60
C LEU A 31 -12.80 1.90 -2.22
N ARG A 32 -13.75 0.98 -2.04
CA ARG A 32 -15.16 1.32 -1.69
C ARG A 32 -15.75 2.06 -2.89
N GLY A 33 -16.67 2.98 -2.66
CA GLY A 33 -17.27 3.73 -3.74
C GLY A 33 -16.40 4.91 -4.08
N GLY A 34 -16.14 5.11 -5.37
CA GLY A 34 -15.32 6.23 -5.82
C GLY A 34 -13.83 5.93 -5.79
N PRO A 35 -12.99 6.85 -6.31
CA PRO A 35 -11.54 6.67 -6.34
C PRO A 35 -10.85 6.79 -4.99
N GLY A 36 -9.53 6.61 -4.99
CA GLY A 36 -8.75 6.77 -3.78
C GLY A 36 -7.46 7.21 -4.42
N TRP A 37 -6.48 7.70 -3.69
CA TRP A 37 -5.24 8.15 -4.32
C TRP A 37 -4.02 7.52 -3.64
N CYS A 38 -2.88 7.61 -4.30
CA CYS A 38 -1.62 7.10 -3.79
C CYS A 38 -1.15 8.26 -2.91
N ASP A 39 -1.11 8.10 -1.59
CA ASP A 39 -0.72 9.20 -0.69
C ASP A 39 0.60 9.80 -1.18
N LEU A 40 1.48 8.90 -1.55
CA LEU A 40 2.78 9.22 -2.10
C LEU A 40 2.72 10.10 -3.37
N CYS A 41 1.94 9.67 -4.36
CA CYS A 41 1.84 10.43 -5.62
C CYS A 41 0.90 11.63 -5.60
N GLY A 42 -0.16 11.52 -4.81
CA GLY A 42 -1.18 12.54 -4.74
C GLY A 42 -2.10 12.31 -5.93
N ARG A 43 -1.80 11.25 -6.69
CA ARG A 43 -2.58 10.89 -7.89
C ARG A 43 -3.45 9.67 -7.63
N GLU A 44 -4.64 9.67 -8.21
CA GLU A 44 -5.61 8.59 -8.09
C GLU A 44 -5.10 7.16 -8.40
N VAL A 45 -5.52 6.22 -7.56
CA VAL A 45 -5.19 4.80 -7.68
C VAL A 45 -6.33 3.95 -8.26
N LEU A 46 -6.26 3.62 -9.54
CA LEU A 46 -7.30 2.79 -10.15
C LEU A 46 -7.26 1.38 -9.51
N ARG A 47 -6.13 1.03 -8.92
CA ARG A 47 -5.93 -0.27 -8.26
C ARG A 47 -6.21 -0.09 -6.77
N GLN A 48 -6.46 -1.17 -6.04
CA GLN A 48 -6.67 -1.07 -4.60
C GLN A 48 -5.34 -0.62 -4.03
N ALA A 49 -5.27 0.61 -3.55
CA ALA A 49 -4.05 1.14 -3.00
C ALA A 49 -3.47 0.24 -1.90
N LEU A 50 -2.20 -0.04 -2.01
CA LEU A 50 -1.49 -0.89 -1.09
C LEU A 50 -0.98 -0.06 0.08
N ARG A 51 -1.50 -0.31 1.27
CA ARG A 51 -1.12 0.46 2.45
C ARG A 51 -0.27 -0.25 3.45
N CYS A 52 0.95 0.22 3.64
CA CYS A 52 1.77 -0.41 4.65
C CYS A 52 1.25 0.16 5.99
N ALA A 53 0.28 -0.54 6.54
CA ALA A 53 -0.38 -0.15 7.79
C ALA A 53 0.63 -0.09 8.94
N ASN A 54 1.77 -0.72 8.75
CA ASN A 54 2.82 -0.72 9.76
C ASN A 54 3.45 0.60 10.08
N CYS A 55 3.25 1.60 9.25
CA CYS A 55 3.90 2.84 9.49
C CYS A 55 3.39 4.05 8.70
N LYS A 56 3.48 3.86 7.41
CA LYS A 56 3.22 4.92 6.45
C LYS A 56 1.92 5.05 5.62
N PHE A 57 2.09 4.97 4.32
CA PHE A 57 1.01 5.20 3.33
C PHE A 57 0.43 4.12 2.44
N THR A 58 -0.58 4.53 1.67
CA THR A 58 -1.29 3.68 0.69
C THR A 58 -0.92 4.11 -0.73
N CYS A 59 -0.06 3.33 -1.37
CA CYS A 59 0.42 3.68 -2.71
C CYS A 59 -0.10 2.81 -3.86
N HIS A 60 0.16 3.22 -5.10
CA HIS A 60 -0.23 2.38 -6.27
C HIS A 60 0.57 1.08 -6.13
N SER A 61 0.10 0.02 -6.75
CA SER A 61 0.81 -1.25 -6.70
C SER A 61 2.21 -1.00 -7.24
N GLU A 62 2.26 -0.37 -8.40
CA GLU A 62 3.51 -0.03 -9.05
C GLU A 62 4.43 0.79 -8.12
N CYS A 63 3.82 1.69 -7.35
CA CYS A 63 4.55 2.53 -6.43
C CYS A 63 5.24 1.80 -5.26
N ARG A 64 4.69 0.70 -4.75
CA ARG A 64 5.40 0.04 -3.61
C ARG A 64 6.79 -0.40 -3.99
N SER A 65 7.02 -0.72 -5.26
CA SER A 65 8.33 -1.18 -5.72
C SER A 65 9.36 -0.05 -5.75
N LEU A 66 8.90 1.18 -5.55
CA LEU A 66 9.78 2.33 -5.55
C LEU A 66 10.19 2.69 -4.13
N ILE A 67 9.68 1.95 -3.14
CA ILE A 67 10.00 2.25 -1.75
C ILE A 67 10.78 1.10 -1.10
N GLN A 68 12.09 1.28 -0.99
CA GLN A 68 12.96 0.28 -0.38
C GLN A 68 12.93 0.41 1.14
N LEU A 69 12.74 1.65 1.58
CA LEU A 69 12.70 2.01 3.00
C LEU A 69 11.74 1.17 3.85
N ASP A 70 12.23 0.62 4.95
CA ASP A 70 11.45 -0.18 5.90
C ASP A 70 10.32 0.60 6.61
N CYS A 71 9.56 -0.07 7.50
CA CYS A 71 8.48 0.60 8.21
C CYS A 71 9.03 1.59 9.26
N ARG A 72 9.04 2.86 8.90
CA ARG A 72 9.63 3.92 9.73
C ARG A 72 8.69 5.11 9.95
N PRO A 14 -1.73 -21.81 2.70
CA PRO A 14 -1.36 -21.86 1.26
C PRO A 14 -0.22 -20.88 1.03
N ARG A 15 0.05 -20.49 -0.21
CA ARG A 15 1.13 -19.53 -0.50
C ARG A 15 0.94 -18.23 0.27
N VAL A 16 -0.28 -17.71 0.22
CA VAL A 16 -0.64 -16.44 0.89
C VAL A 16 -0.82 -16.67 2.41
N LEU A 17 0.21 -17.18 3.07
CA LEU A 17 0.19 -17.44 4.52
C LEU A 17 0.60 -16.10 5.18
N ALA A 18 -0.18 -15.06 4.86
CA ALA A 18 0.06 -13.70 5.33
C ALA A 18 0.19 -13.46 6.84
N GLU A 19 1.42 -13.50 7.32
CA GLU A 19 1.75 -13.24 8.73
C GLU A 19 2.01 -11.70 8.64
N ARG A 20 2.64 -11.03 9.59
CA ARG A 20 2.92 -9.59 9.45
C ARG A 20 3.77 -9.45 8.20
N GLY A 21 4.72 -10.36 8.09
CA GLY A 21 5.68 -10.37 7.00
C GLY A 21 6.91 -9.63 7.48
N GLU A 22 8.06 -9.92 6.92
CA GLU A 22 9.30 -9.24 7.31
C GLU A 22 9.34 -7.73 7.03
N GLY A 23 8.95 -7.33 5.83
CA GLY A 23 8.94 -5.92 5.46
C GLY A 23 7.55 -5.32 5.51
N HIS A 24 7.34 -4.29 4.70
CA HIS A 24 6.04 -3.62 4.63
C HIS A 24 4.90 -4.58 4.32
N ARG A 25 3.93 -4.67 5.21
CA ARG A 25 2.81 -5.56 4.95
C ARG A 25 1.99 -5.12 3.72
N PHE A 26 1.83 -3.81 3.50
CA PHE A 26 1.09 -3.31 2.33
C PHE A 26 -0.33 -3.88 2.23
N VAL A 27 -1.15 -3.64 3.22
CA VAL A 27 -2.52 -4.19 3.19
C VAL A 27 -3.43 -3.56 2.11
N GLU A 28 -3.61 -4.31 1.05
CA GLU A 28 -4.42 -3.92 -0.10
C GLU A 28 -5.87 -3.53 0.21
N LEU A 29 -6.37 -2.52 -0.52
CA LEU A 29 -7.74 -2.06 -0.36
C LEU A 29 -8.66 -2.57 -1.44
N ALA A 30 -9.90 -2.80 -1.04
CA ALA A 30 -10.96 -3.27 -1.95
C ALA A 30 -11.62 -2.10 -2.68
N LEU A 31 -10.83 -1.24 -3.31
CA LEU A 31 -11.36 -0.07 -4.03
C LEU A 31 -12.28 -0.40 -5.22
N ARG A 32 -12.25 -1.65 -5.68
CA ARG A 32 -13.09 -2.13 -6.80
C ARG A 32 -12.84 -1.37 -8.11
N GLY A 33 -11.68 -0.76 -8.23
CA GLY A 33 -11.36 0.00 -9.42
C GLY A 33 -11.82 1.45 -9.38
N GLY A 34 -12.43 1.85 -8.27
CA GLY A 34 -12.89 3.22 -8.12
C GLY A 34 -11.78 4.09 -7.58
N PRO A 35 -12.05 5.37 -7.30
CA PRO A 35 -10.95 6.20 -6.78
C PRO A 35 -10.51 5.90 -5.36
N GLY A 36 -9.34 6.43 -5.07
CA GLY A 36 -8.69 6.32 -3.78
C GLY A 36 -7.49 7.13 -4.18
N TRP A 37 -6.62 7.53 -3.27
CA TRP A 37 -5.46 8.34 -3.66
C TRP A 37 -4.13 7.81 -3.12
N CYS A 38 -3.11 7.72 -3.98
CA CYS A 38 -1.77 7.27 -3.57
C CYS A 38 -1.29 8.51 -2.86
N ASP A 39 -1.28 8.55 -1.53
CA ASP A 39 -0.88 9.81 -0.86
C ASP A 39 0.52 10.22 -1.27
N LEU A 40 1.32 9.21 -1.57
CA LEU A 40 2.67 9.38 -2.04
C LEU A 40 2.70 10.17 -3.36
N CYS A 41 1.89 9.76 -4.33
CA CYS A 41 1.84 10.43 -5.63
C CYS A 41 0.92 11.64 -5.76
N GLY A 42 -0.17 11.59 -5.02
CA GLY A 42 -1.18 12.63 -5.09
C GLY A 42 -2.12 12.27 -6.23
N ARG A 43 -1.75 11.21 -6.95
CA ARG A 43 -2.53 10.70 -8.08
C ARG A 43 -3.48 9.59 -7.67
N GLU A 44 -4.64 9.55 -8.29
CA GLU A 44 -5.65 8.52 -8.00
C GLU A 44 -5.20 7.07 -8.18
N VAL A 45 -5.56 6.22 -7.23
CA VAL A 45 -5.23 4.80 -7.31
C VAL A 45 -6.46 4.04 -7.77
N LEU A 46 -6.58 3.87 -9.08
CA LEU A 46 -7.70 3.12 -9.63
C LEU A 46 -7.32 1.65 -9.59
N ARG A 47 -6.06 1.42 -9.27
CA ARG A 47 -5.51 0.08 -9.18
C ARG A 47 -5.60 -0.39 -7.72
N GLN A 48 -4.99 -1.53 -7.44
CA GLN A 48 -4.95 -2.12 -6.10
C GLN A 48 -4.12 -1.30 -5.10
N ALA A 49 -4.74 -0.33 -4.43
CA ALA A 49 -4.03 0.49 -3.45
C ALA A 49 -3.48 -0.37 -2.32
N LEU A 50 -2.22 -0.20 -2.01
CA LEU A 50 -1.53 -0.95 -0.96
C LEU A 50 -1.17 -0.09 0.25
N ARG A 51 -1.65 -0.45 1.42
CA ARG A 51 -1.38 0.32 2.65
C ARG A 51 -0.43 -0.26 3.64
N CYS A 52 0.82 0.16 3.69
CA CYS A 52 1.66 -0.42 4.72
C CYS A 52 1.34 0.33 6.02
N ALA A 53 0.30 -0.14 6.69
CA ALA A 53 -0.18 0.45 7.94
C ALA A 53 0.90 0.44 9.01
N ASN A 54 1.91 -0.39 8.79
CA ASN A 54 3.03 -0.51 9.70
C ASN A 54 3.93 0.70 9.82
N CYS A 55 3.79 1.66 8.92
CA CYS A 55 4.65 2.82 8.98
C CYS A 55 4.18 3.99 8.12
N LYS A 56 4.05 3.67 6.87
CA LYS A 56 3.79 4.67 5.82
C LYS A 56 2.39 4.97 5.24
N PHE A 57 2.24 4.76 3.95
CA PHE A 57 1.04 5.11 3.18
C PHE A 57 0.26 4.12 2.34
N THR A 58 -0.81 4.67 1.75
CA THR A 58 -1.66 3.97 0.82
C THR A 58 -1.14 4.35 -0.56
N CYS A 59 -0.34 3.49 -1.14
CA CYS A 59 0.28 3.78 -2.43
C CYS A 59 -0.18 2.91 -3.60
N HIS A 60 -0.02 3.40 -4.83
CA HIS A 60 -0.33 2.54 -5.99
C HIS A 60 0.56 1.30 -5.86
N SER A 61 0.04 0.13 -6.23
CA SER A 61 0.85 -1.10 -6.16
C SER A 61 2.11 -0.82 -7.00
N GLU A 62 1.90 -0.23 -8.15
CA GLU A 62 2.99 0.14 -9.06
C GLU A 62 4.06 0.97 -8.32
N CYS A 63 3.62 1.94 -7.55
CA CYS A 63 4.48 2.83 -6.79
C CYS A 63 5.29 2.19 -5.66
N ARG A 64 4.82 1.10 -5.04
CA ARG A 64 5.64 0.54 -3.94
C ARG A 64 7.03 0.11 -4.41
N SER A 65 7.19 -0.09 -5.70
CA SER A 65 8.48 -0.51 -6.25
C SER A 65 9.62 0.43 -5.84
N LEU A 66 9.39 1.74 -5.83
CA LEU A 66 10.43 2.71 -5.44
C LEU A 66 10.77 2.74 -3.94
N ILE A 67 10.05 1.97 -3.13
CA ILE A 67 10.29 1.96 -1.69
C ILE A 67 11.53 1.14 -1.32
N GLN A 68 12.60 1.87 -1.08
CA GLN A 68 13.91 1.30 -0.74
C GLN A 68 14.25 1.28 0.77
N LEU A 69 13.25 1.40 1.65
CA LEU A 69 13.51 1.39 3.10
C LEU A 69 12.40 0.67 3.87
N ASP A 70 12.80 0.05 4.97
CA ASP A 70 11.96 -0.74 5.90
C ASP A 70 10.79 0.06 6.51
N CYS A 71 9.99 -0.58 7.37
CA CYS A 71 8.89 0.11 8.04
C CYS A 71 9.53 1.03 9.11
N ARG A 72 9.82 2.24 8.70
CA ARG A 72 10.50 3.25 9.52
C ARG A 72 9.60 4.46 9.73
N PRO A 14 0.94 -6.87 0.16
CA PRO A 14 -0.35 -7.07 -0.52
C PRO A 14 -1.33 -7.69 0.48
N ARG A 15 -2.49 -8.12 0.01
CA ARG A 15 -3.53 -8.70 0.86
C ARG A 15 -3.10 -9.90 1.70
N VAL A 16 -2.23 -10.74 1.15
CA VAL A 16 -1.75 -11.92 1.89
C VAL A 16 -1.05 -11.59 3.23
N LEU A 17 -0.25 -10.54 3.26
CA LEU A 17 0.44 -10.13 4.51
C LEU A 17 -0.51 -9.35 5.45
N ALA A 18 -1.78 -9.73 5.49
CA ALA A 18 -2.76 -9.06 6.33
C ALA A 18 -2.31 -8.97 7.79
N GLU A 19 -1.95 -10.12 8.35
CA GLU A 19 -1.52 -10.21 9.75
C GLU A 19 -0.01 -10.25 10.01
N ARG A 20 0.53 -11.45 9.83
CA ARG A 20 1.94 -11.79 10.09
C ARG A 20 3.07 -11.09 9.33
N GLY A 21 2.79 -10.24 8.35
CA GLY A 21 3.89 -9.60 7.64
C GLY A 21 4.74 -8.72 8.54
N GLU A 22 6.04 -8.99 8.55
CA GLU A 22 7.02 -8.27 9.36
C GLU A 22 7.33 -6.85 8.87
N GLY A 23 7.75 -6.76 7.61
CA GLY A 23 8.08 -5.48 7.00
C GLY A 23 6.85 -4.88 6.36
N HIS A 24 7.01 -4.01 5.37
CA HIS A 24 5.84 -3.40 4.73
C HIS A 24 4.79 -4.38 4.26
N ARG A 25 3.74 -4.53 5.06
CA ARG A 25 2.65 -5.43 4.73
C ARG A 25 1.95 -4.99 3.48
N PHE A 26 1.80 -3.67 3.30
CA PHE A 26 1.14 -3.12 2.11
C PHE A 26 -0.24 -3.73 1.93
N VAL A 27 -1.09 -3.57 2.91
CA VAL A 27 -2.43 -4.15 2.81
C VAL A 27 -3.34 -3.40 1.85
N GLU A 28 -3.62 -4.06 0.73
CA GLU A 28 -4.48 -3.52 -0.32
C GLU A 28 -5.82 -3.01 0.22
N LEU A 29 -6.09 -1.74 -0.04
CA LEU A 29 -7.29 -1.07 0.39
C LEU A 29 -8.53 -1.61 -0.34
N ALA A 30 -9.56 -1.93 0.43
CA ALA A 30 -10.84 -2.46 -0.07
C ALA A 30 -11.70 -1.50 -0.93
N LEU A 31 -11.11 -0.90 -1.95
CA LEU A 31 -11.82 0.02 -2.86
C LEU A 31 -12.98 -0.65 -3.59
N ARG A 32 -14.19 -0.48 -3.07
CA ARG A 32 -15.43 -1.04 -3.65
C ARG A 32 -15.83 -0.24 -4.92
N GLY A 33 -14.89 -0.05 -5.83
CA GLY A 33 -15.14 0.69 -7.06
C GLY A 33 -15.04 2.20 -6.87
N GLY A 34 -14.78 2.64 -5.66
CA GLY A 34 -14.65 4.06 -5.39
C GLY A 34 -13.22 4.52 -5.61
N PRO A 35 -12.96 5.83 -5.66
CA PRO A 35 -11.59 6.29 -5.86
C PRO A 35 -10.71 6.08 -4.64
N GLY A 36 -9.41 6.04 -4.87
CA GLY A 36 -8.46 5.89 -3.78
C GLY A 36 -7.32 6.75 -4.23
N TRP A 37 -6.42 7.11 -3.34
CA TRP A 37 -5.30 7.97 -3.70
C TRP A 37 -3.95 7.43 -3.21
N CYS A 38 -2.95 7.43 -4.08
CA CYS A 38 -1.61 6.97 -3.74
C CYS A 38 -1.14 8.18 -2.95
N ASP A 39 -1.18 8.14 -1.63
CA ASP A 39 -0.82 9.33 -0.82
C ASP A 39 0.59 9.79 -1.19
N LEU A 40 1.40 8.83 -1.58
CA LEU A 40 2.76 9.06 -2.02
C LEU A 40 2.80 9.99 -3.26
N CYS A 41 2.03 9.63 -4.29
CA CYS A 41 1.98 10.40 -5.54
C CYS A 41 0.98 11.58 -5.53
N GLY A 42 -0.05 11.41 -4.72
CA GLY A 42 -1.12 12.38 -4.63
C GLY A 42 -2.02 12.16 -5.82
N ARG A 43 -1.79 11.05 -6.53
CA ARG A 43 -2.58 10.71 -7.73
C ARG A 43 -3.52 9.54 -7.50
N GLU A 44 -4.65 9.57 -8.18
CA GLU A 44 -5.68 8.54 -8.12
C GLU A 44 -5.20 7.11 -8.40
N VAL A 45 -5.58 6.17 -7.55
CA VAL A 45 -5.21 4.76 -7.71
C VAL A 45 -6.30 3.89 -8.33
N LEU A 46 -6.15 3.60 -9.62
CA LEU A 46 -7.11 2.75 -10.31
C LEU A 46 -7.15 1.36 -9.64
N ARG A 47 -5.99 0.91 -9.14
CA ARG A 47 -5.87 -0.38 -8.46
C ARG A 47 -6.01 -0.21 -6.95
N GLN A 48 -6.23 -1.31 -6.24
CA GLN A 48 -6.35 -1.29 -4.78
C GLN A 48 -5.01 -0.87 -4.16
N ALA A 49 -4.96 0.35 -3.67
CA ALA A 49 -3.75 0.89 -3.07
C ALA A 49 -3.16 0.09 -1.91
N LEU A 50 -1.88 -0.19 -2.04
CA LEU A 50 -1.11 -0.93 -1.06
C LEU A 50 -0.78 -0.12 0.18
N ARG A 51 -1.48 -0.35 1.28
CA ARG A 51 -1.25 0.41 2.52
C ARG A 51 -0.38 -0.28 3.52
N CYS A 52 0.87 0.11 3.65
CA CYS A 52 1.65 -0.50 4.70
C CYS A 52 1.22 0.20 6.00
N ALA A 53 0.28 -0.43 6.66
CA ALA A 53 -0.29 0.07 7.92
C ALA A 53 0.76 0.19 9.01
N ASN A 54 1.88 -0.51 8.84
CA ASN A 54 2.96 -0.47 9.83
C ASN A 54 3.62 0.84 10.04
N CYS A 55 3.48 1.74 9.10
CA CYS A 55 4.14 2.99 9.27
C CYS A 55 3.77 4.12 8.34
N LYS A 56 4.03 3.85 7.08
CA LYS A 56 3.91 4.88 6.05
C LYS A 56 2.75 5.18 5.10
N PHE A 57 2.68 4.58 3.92
CA PHE A 57 1.63 4.94 2.96
C PHE A 57 0.82 3.90 2.21
N THR A 58 -0.23 4.38 1.54
CA THR A 58 -1.11 3.60 0.70
C THR A 58 -0.82 4.03 -0.74
N CYS A 59 -0.02 3.25 -1.44
CA CYS A 59 0.40 3.62 -2.79
C CYS A 59 -0.13 2.78 -3.95
N HIS A 60 0.08 3.26 -5.18
CA HIS A 60 -0.29 2.46 -6.36
C HIS A 60 0.53 1.18 -6.23
N SER A 61 -0.03 0.05 -6.66
CA SER A 61 0.71 -1.20 -6.58
C SER A 61 2.05 -1.00 -7.28
N GLU A 62 1.98 -0.34 -8.42
CA GLU A 62 3.14 -0.02 -9.23
C GLU A 62 4.15 0.83 -8.44
N CYS A 63 3.63 1.84 -7.74
CA CYS A 63 4.44 2.75 -6.95
C CYS A 63 5.17 2.12 -5.78
N ARG A 64 4.74 0.95 -5.31
CA ARG A 64 5.46 0.36 -4.14
C ARG A 64 6.94 0.20 -4.47
N SER A 65 7.26 0.04 -5.75
CA SER A 65 8.64 -0.15 -6.20
C SER A 65 9.58 0.95 -5.70
N LEU A 66 9.09 2.17 -5.66
CA LEU A 66 9.86 3.34 -5.25
C LEU A 66 10.27 3.37 -3.76
N ILE A 67 9.85 2.38 -2.98
CA ILE A 67 10.20 2.41 -1.56
C ILE A 67 11.65 1.96 -1.21
N GLN A 68 12.51 2.93 -0.97
CA GLN A 68 13.90 2.68 -0.61
C GLN A 68 14.11 2.49 0.90
N LEU A 69 13.04 2.30 1.66
CA LEU A 69 13.16 2.12 3.12
C LEU A 69 11.96 1.37 3.72
N ASP A 70 12.23 0.20 4.29
CA ASP A 70 11.21 -0.67 4.92
C ASP A 70 10.63 -0.04 6.20
N CYS A 71 9.75 -0.76 6.90
CA CYS A 71 9.13 -0.26 8.10
C CYS A 71 10.16 0.33 9.07
N ARG A 72 9.93 1.60 9.34
CA ARG A 72 10.77 2.39 10.26
C ARG A 72 10.77 1.87 11.70
N PRO A 14 -3.87 -23.73 11.19
CA PRO A 14 -2.60 -22.96 11.06
C PRO A 14 -2.77 -21.47 10.73
N ARG A 15 -3.85 -20.84 11.22
CA ARG A 15 -4.11 -19.41 10.97
C ARG A 15 -3.10 -18.59 11.79
N VAL A 16 -1.97 -18.28 11.18
CA VAL A 16 -0.92 -17.50 11.83
C VAL A 16 -1.15 -16.06 11.36
N LEU A 17 -0.35 -15.10 11.80
CA LEU A 17 -0.48 -13.71 11.40
C LEU A 17 -0.29 -13.58 9.88
N ALA A 18 -0.85 -12.55 9.27
CA ALA A 18 -0.70 -12.33 7.83
C ALA A 18 0.77 -12.09 7.49
N GLU A 19 1.35 -11.12 8.18
CA GLU A 19 2.74 -10.71 8.03
C GLU A 19 3.80 -11.77 8.25
N ARG A 20 4.91 -11.64 7.53
CA ARG A 20 6.05 -12.58 7.64
C ARG A 20 7.34 -11.88 8.05
N GLY A 21 7.28 -10.57 8.23
CA GLY A 21 8.45 -9.80 8.60
C GLY A 21 9.23 -9.40 7.36
N GLU A 22 8.70 -9.82 6.22
CA GLU A 22 9.27 -9.55 4.88
C GLU A 22 9.08 -8.07 4.46
N GLY A 23 9.49 -7.15 5.31
CA GLY A 23 9.33 -5.73 5.01
C GLY A 23 7.89 -5.28 5.15
N HIS A 24 7.51 -4.28 4.37
CA HIS A 24 6.15 -3.72 4.42
C HIS A 24 5.01 -4.72 4.28
N ARG A 25 4.08 -4.70 5.24
CA ARG A 25 2.92 -5.58 5.17
C ARG A 25 2.07 -5.24 3.94
N PHE A 26 1.92 -3.95 3.64
CA PHE A 26 1.13 -3.49 2.49
C PHE A 26 -0.29 -4.01 2.49
N VAL A 27 -1.04 -3.73 3.53
CA VAL A 27 -2.44 -4.21 3.54
C VAL A 27 -3.33 -3.44 2.53
N GLU A 28 -3.65 -4.08 1.42
CA GLU A 28 -4.46 -3.48 0.34
C GLU A 28 -5.75 -2.79 0.82
N LEU A 29 -5.86 -1.54 0.43
CA LEU A 29 -6.98 -0.68 0.73
C LEU A 29 -7.97 -0.75 -0.45
N ALA A 30 -8.80 -1.77 -0.48
CA ALA A 30 -9.80 -1.91 -1.54
C ALA A 30 -10.64 -0.62 -1.56
N LEU A 31 -10.74 0.05 -2.71
CA LEU A 31 -11.52 1.30 -2.79
C LEU A 31 -12.98 1.12 -2.42
N ARG A 32 -13.62 0.10 -3.01
CA ARG A 32 -15.04 -0.22 -2.73
C ARG A 32 -15.88 1.03 -3.06
N GLY A 33 -15.53 1.74 -4.12
CA GLY A 33 -16.25 2.95 -4.47
C GLY A 33 -15.53 3.79 -5.49
N GLY A 34 -15.54 5.11 -5.30
CA GLY A 34 -14.89 6.03 -6.22
C GLY A 34 -13.39 6.16 -5.96
N PRO A 35 -12.72 7.13 -6.60
CA PRO A 35 -11.27 7.29 -6.40
C PRO A 35 -10.82 7.54 -4.98
N GLY A 36 -9.57 7.19 -4.75
CA GLY A 36 -8.92 7.38 -3.47
C GLY A 36 -7.59 7.64 -4.10
N TRP A 37 -6.60 8.20 -3.42
CA TRP A 37 -5.32 8.47 -4.07
C TRP A 37 -4.15 7.80 -3.37
N CYS A 38 -3.08 7.73 -4.13
CA CYS A 38 -1.81 7.18 -3.72
C CYS A 38 -1.27 8.31 -2.89
N ASP A 39 -1.36 8.25 -1.57
CA ASP A 39 -0.88 9.37 -0.73
C ASP A 39 0.59 9.68 -1.03
N LEU A 40 1.29 8.66 -1.48
CA LEU A 40 2.66 8.75 -1.91
C LEU A 40 2.81 9.71 -3.14
N CYS A 41 2.03 9.43 -4.19
CA CYS A 41 2.07 10.19 -5.45
C CYS A 41 1.13 11.41 -5.58
N GLY A 42 0.00 11.33 -4.90
CA GLY A 42 -1.03 12.36 -4.96
C GLY A 42 -2.02 12.02 -6.08
N ARG A 43 -1.64 11.07 -6.92
CA ARG A 43 -2.48 10.60 -8.03
C ARG A 43 -3.46 9.51 -7.63
N GLU A 44 -4.66 9.56 -8.19
CA GLU A 44 -5.71 8.58 -7.92
C GLU A 44 -5.31 7.11 -8.11
N VAL A 45 -5.64 6.26 -7.14
CA VAL A 45 -5.31 4.85 -7.24
C VAL A 45 -6.39 4.06 -7.96
N LEU A 46 -6.37 4.14 -9.28
CA LEU A 46 -7.32 3.39 -10.10
C LEU A 46 -7.02 1.89 -9.96
N ARG A 47 -5.77 1.59 -9.59
CA ARG A 47 -5.33 0.21 -9.42
C ARG A 47 -5.43 -0.18 -7.94
N GLN A 48 -4.91 -1.34 -7.60
CA GLN A 48 -4.90 -1.81 -6.22
C GLN A 48 -3.98 -0.94 -5.37
N ALA A 49 -4.50 -0.37 -4.30
CA ALA A 49 -3.70 0.46 -3.40
C ALA A 49 -3.21 -0.36 -2.23
N LEU A 50 -1.94 -0.27 -1.92
CA LEU A 50 -1.32 -1.01 -0.82
C LEU A 50 -0.93 -0.08 0.31
N ARG A 51 -1.42 -0.34 1.51
CA ARG A 51 -1.14 0.51 2.66
C ARG A 51 -0.27 -0.19 3.66
N CYS A 52 1.00 0.15 3.84
CA CYS A 52 1.73 -0.63 4.85
C CYS A 52 1.40 -0.09 6.24
N ALA A 53 0.28 -0.52 6.82
CA ALA A 53 -0.25 -0.02 8.13
C ALA A 53 0.73 0.32 9.26
N ASN A 54 1.87 -0.31 9.29
CA ASN A 54 2.87 -0.01 10.32
C ASN A 54 3.50 1.41 10.24
N CYS A 55 3.98 1.70 9.04
CA CYS A 55 4.74 2.89 8.64
C CYS A 55 3.97 3.70 7.63
N LYS A 56 2.77 3.20 7.43
CA LYS A 56 1.83 3.65 6.46
C LYS A 56 1.75 4.91 5.66
N PHE A 57 1.31 4.55 4.47
CA PHE A 57 1.07 5.36 3.35
C PHE A 57 0.40 4.29 2.49
N THR A 58 -0.58 4.70 1.72
CA THR A 58 -1.31 3.83 0.83
C THR A 58 -1.02 4.26 -0.60
N CYS A 59 -0.11 3.52 -1.22
CA CYS A 59 0.31 3.84 -2.57
C CYS A 59 -0.18 2.91 -3.66
N HIS A 60 -0.09 3.30 -4.92
CA HIS A 60 -0.48 2.38 -6.00
C HIS A 60 0.45 1.18 -5.82
N SER A 61 -0.05 -0.03 -5.98
CA SER A 61 0.81 -1.22 -5.84
C SER A 61 1.97 -1.03 -6.80
N GLU A 62 1.64 -0.55 -7.99
CA GLU A 62 2.62 -0.29 -9.03
C GLU A 62 3.74 0.67 -8.54
N CYS A 63 3.34 1.74 -7.86
CA CYS A 63 4.27 2.73 -7.31
C CYS A 63 5.14 2.26 -6.13
N ARG A 64 4.77 1.22 -5.40
CA ARG A 64 5.61 0.82 -4.25
C ARG A 64 7.04 0.53 -4.68
N SER A 65 7.18 0.12 -5.94
CA SER A 65 8.47 -0.23 -6.53
C SER A 65 9.58 0.81 -6.28
N LEU A 66 9.25 2.08 -6.38
CA LEU A 66 10.25 3.15 -6.18
C LEU A 66 10.55 3.49 -4.71
N ILE A 67 9.85 2.88 -3.78
CA ILE A 67 10.05 3.18 -2.37
C ILE A 67 11.24 2.46 -1.74
N GLN A 68 12.35 3.17 -1.60
CA GLN A 68 13.55 2.62 -0.97
C GLN A 68 13.33 2.47 0.54
N LEU A 69 12.54 3.39 1.08
CA LEU A 69 12.19 3.46 2.50
C LEU A 69 11.51 2.18 3.05
N ASP A 70 12.22 1.47 3.92
CA ASP A 70 11.73 0.22 4.56
C ASP A 70 10.55 0.43 5.52
N CYS A 71 9.94 -0.66 5.97
CA CYS A 71 8.83 -0.59 6.90
C CYS A 71 9.32 -0.18 8.30
N ARG A 72 9.14 1.10 8.60
CA ARG A 72 9.52 1.70 9.87
C ARG A 72 8.83 1.04 11.06
N PRO A 14 0.28 -14.08 12.19
CA PRO A 14 0.17 -15.43 11.57
C PRO A 14 -0.85 -15.58 10.43
N ARG A 15 -2.17 -15.63 10.71
CA ARG A 15 -3.14 -15.81 9.61
C ARG A 15 -3.26 -14.60 8.67
N VAL A 16 -3.74 -13.47 9.16
CA VAL A 16 -3.87 -12.27 8.31
C VAL A 16 -2.64 -11.41 8.54
N LEU A 17 -2.31 -11.20 9.81
CA LEU A 17 -1.14 -10.45 10.26
C LEU A 17 0.09 -11.35 10.17
N ALA A 18 0.27 -12.00 9.02
CA ALA A 18 1.38 -12.93 8.82
C ALA A 18 2.73 -12.31 9.18
N GLU A 19 3.05 -11.20 8.56
CA GLU A 19 4.29 -10.47 8.81
C GLU A 19 4.46 -9.91 10.23
N ARG A 20 5.72 -9.83 10.65
CA ARG A 20 6.09 -9.29 11.96
C ARG A 20 6.94 -8.04 11.67
N GLY A 21 6.56 -7.29 10.65
CA GLY A 21 7.29 -6.09 10.30
C GLY A 21 8.62 -6.32 9.61
N GLU A 22 8.80 -7.46 8.96
CA GLU A 22 10.07 -7.75 8.26
C GLU A 22 10.25 -6.79 7.08
N GLY A 23 9.17 -6.14 6.70
CA GLY A 23 9.19 -5.19 5.60
C GLY A 23 7.77 -4.68 5.46
N HIS A 24 7.55 -3.67 4.62
CA HIS A 24 6.20 -3.13 4.42
C HIS A 24 5.14 -4.13 4.01
N ARG A 25 4.09 -4.27 4.83
CA ARG A 25 2.98 -5.15 4.48
C ARG A 25 2.26 -4.72 3.21
N PHE A 26 1.99 -3.42 3.09
CA PHE A 26 1.27 -2.86 1.93
C PHE A 26 -0.06 -3.60 1.71
N VAL A 27 -0.92 -3.59 2.71
CA VAL A 27 -2.21 -4.32 2.57
C VAL A 27 -3.32 -3.53 1.83
N GLU A 28 -3.81 -4.05 0.72
CA GLU A 28 -4.86 -3.36 -0.05
C GLU A 28 -6.11 -2.95 0.75
N LEU A 29 -6.67 -1.78 0.45
CA LEU A 29 -7.88 -1.34 1.15
C LEU A 29 -9.14 -1.69 0.35
N ALA A 30 -10.25 -1.81 1.08
CA ALA A 30 -11.56 -2.14 0.53
C ALA A 30 -12.24 -1.01 -0.29
N LEU A 31 -11.57 -0.44 -1.28
CA LEU A 31 -12.15 0.65 -2.09
C LEU A 31 -13.49 0.28 -2.74
N ARG A 32 -13.62 -0.97 -3.18
CA ARG A 32 -14.84 -1.47 -3.86
C ARG A 32 -14.99 -0.60 -5.14
N GLY A 33 -13.85 -0.27 -5.72
CA GLY A 33 -13.82 0.55 -6.93
C GLY A 33 -13.89 2.02 -6.58
N GLY A 34 -14.08 2.86 -7.58
CA GLY A 34 -14.15 4.30 -7.33
C GLY A 34 -12.76 4.90 -7.10
N PRO A 35 -12.69 6.19 -6.71
CA PRO A 35 -11.37 6.80 -6.49
C PRO A 35 -10.67 6.44 -5.18
N GLY A 36 -9.36 6.32 -5.26
CA GLY A 36 -8.56 6.03 -4.10
C GLY A 36 -7.33 6.85 -4.42
N TRP A 37 -6.49 7.17 -3.45
CA TRP A 37 -5.32 8.00 -3.74
C TRP A 37 -3.98 7.43 -3.22
N CYS A 38 -2.95 7.45 -4.06
CA CYS A 38 -1.62 7.00 -3.66
C CYS A 38 -1.10 8.17 -2.84
N ASP A 39 -1.05 8.06 -1.51
CA ASP A 39 -0.61 9.19 -0.65
C ASP A 39 0.71 9.73 -1.15
N LEU A 40 1.56 8.80 -1.55
CA LEU A 40 2.86 9.10 -2.09
C LEU A 40 2.82 10.00 -3.34
N CYS A 41 2.01 9.61 -4.32
CA CYS A 41 1.90 10.37 -5.57
C CYS A 41 0.94 11.56 -5.55
N GLY A 42 -0.10 11.44 -4.74
CA GLY A 42 -1.13 12.46 -4.67
C GLY A 42 -2.09 12.18 -5.81
N ARG A 43 -1.78 11.12 -6.55
CA ARG A 43 -2.55 10.67 -7.70
C ARG A 43 -3.45 9.48 -7.51
N GLU A 44 -4.55 9.53 -8.22
CA GLU A 44 -5.58 8.53 -8.24
C GLU A 44 -5.07 7.10 -8.51
N VAL A 45 -5.49 6.16 -7.68
CA VAL A 45 -5.10 4.76 -7.83
C VAL A 45 -6.18 3.92 -8.52
N LEU A 46 -5.93 3.53 -9.76
CA LEU A 46 -6.90 2.71 -10.49
C LEU A 46 -7.10 1.39 -9.72
N ARG A 47 -6.02 0.90 -9.12
CA ARG A 47 -6.05 -0.34 -8.33
C ARG A 47 -6.27 -0.05 -6.85
N GLN A 48 -6.51 -1.10 -6.09
CA GLN A 48 -6.70 -1.01 -4.66
C GLN A 48 -5.35 -0.58 -4.10
N ALA A 49 -5.26 0.66 -3.63
CA ALA A 49 -4.01 1.14 -3.06
C ALA A 49 -3.54 0.21 -1.94
N LEU A 50 -2.26 -0.10 -1.95
CA LEU A 50 -1.67 -1.02 -0.98
C LEU A 50 -1.16 -0.23 0.24
N ARG A 51 -1.75 -0.51 1.39
CA ARG A 51 -1.45 0.20 2.67
C ARG A 51 -0.43 -0.38 3.62
N CYS A 52 0.79 0.14 3.71
CA CYS A 52 1.66 -0.44 4.72
C CYS A 52 1.24 0.26 6.02
N ALA A 53 0.18 -0.28 6.60
CA ALA A 53 -0.43 0.24 7.82
C ALA A 53 0.56 0.28 8.98
N ASN A 54 1.65 -0.45 8.84
CA ASN A 54 2.68 -0.48 9.87
C ASN A 54 3.40 0.80 10.13
N CYS A 55 3.47 1.68 9.13
CA CYS A 55 4.21 2.90 9.33
C CYS A 55 3.87 4.03 8.36
N LYS A 56 3.92 3.69 7.09
CA LYS A 56 3.74 4.68 6.01
C LYS A 56 2.34 4.97 5.41
N PHE A 57 2.22 4.78 4.10
CA PHE A 57 1.02 5.08 3.31
C PHE A 57 0.35 3.99 2.48
N THR A 58 -0.64 4.40 1.70
CA THR A 58 -1.36 3.52 0.80
C THR A 58 -1.02 3.94 -0.65
N CYS A 59 -0.11 3.22 -1.27
CA CYS A 59 0.36 3.57 -2.61
C CYS A 59 -0.09 2.70 -3.80
N HIS A 60 0.17 3.14 -5.03
CA HIS A 60 -0.15 2.30 -6.19
C HIS A 60 0.73 1.04 -6.00
N SER A 61 0.21 -0.12 -6.39
CA SER A 61 0.99 -1.35 -6.26
C SER A 61 2.31 -1.14 -7.01
N GLU A 62 2.21 -0.52 -8.17
CA GLU A 62 3.35 -0.22 -9.02
C GLU A 62 4.32 0.73 -8.31
N CYS A 63 3.79 1.74 -7.61
CA CYS A 63 4.60 2.70 -6.88
C CYS A 63 5.42 2.05 -5.77
N ARG A 64 5.01 0.88 -5.29
CA ARG A 64 5.81 0.21 -4.25
C ARG A 64 7.26 0.03 -4.69
N SER A 65 7.49 -0.08 -6.00
CA SER A 65 8.84 -0.24 -6.54
C SER A 65 9.79 0.87 -6.09
N LEU A 66 9.27 2.09 -6.06
CA LEU A 66 10.02 3.29 -5.67
C LEU A 66 10.40 3.34 -4.18
N ILE A 67 10.00 2.35 -3.41
CA ILE A 67 10.29 2.33 -1.98
C ILE A 67 10.78 0.94 -1.53
N GLN A 68 12.06 0.87 -1.23
CA GLN A 68 12.77 -0.36 -0.83
C GLN A 68 12.38 -1.07 0.50
N LEU A 69 11.08 -1.14 0.76
CA LEU A 69 10.47 -1.82 1.94
C LEU A 69 10.85 -1.37 3.37
N ASP A 70 11.40 -0.17 3.54
CA ASP A 70 11.78 0.35 4.88
C ASP A 70 10.63 0.55 5.89
N CYS A 71 10.28 -0.49 6.63
CA CYS A 71 9.23 -0.42 7.63
C CYS A 71 9.98 -0.33 8.97
N ARG A 72 9.79 0.77 9.68
CA ARG A 72 10.48 0.99 10.98
C ARG A 72 9.97 0.12 12.13
N PRO A 14 0.06 -13.81 7.96
CA PRO A 14 -0.16 -13.22 9.31
C PRO A 14 -1.24 -12.12 9.39
N ARG A 15 -2.39 -12.30 8.75
CA ARG A 15 -3.43 -11.24 8.79
C ARG A 15 -3.84 -10.80 10.21
N VAL A 16 -4.11 -11.74 11.10
CA VAL A 16 -4.49 -11.38 12.48
C VAL A 16 -3.25 -10.91 13.22
N LEU A 17 -2.18 -11.69 13.11
CA LEU A 17 -0.89 -11.40 13.73
C LEU A 17 -0.13 -10.38 12.85
N ALA A 18 -0.79 -9.27 12.53
CA ALA A 18 -0.23 -8.22 11.69
C ALA A 18 1.01 -7.56 12.32
N GLU A 19 1.20 -7.85 13.60
CA GLU A 19 2.32 -7.36 14.42
C GLU A 19 3.68 -7.77 13.79
N ARG A 20 4.76 -7.21 14.30
CA ARG A 20 6.16 -7.57 13.95
C ARG A 20 6.42 -8.07 12.52
N GLY A 21 5.87 -7.36 11.55
CA GLY A 21 6.04 -7.70 10.16
C GLY A 21 7.49 -7.75 9.70
N GLU A 22 7.82 -8.81 8.98
CA GLU A 22 9.16 -9.05 8.42
C GLU A 22 9.54 -7.97 7.39
N GLY A 23 8.53 -7.25 6.92
CA GLY A 23 8.70 -6.19 5.95
C GLY A 23 7.38 -5.48 5.89
N HIS A 24 7.23 -4.49 5.03
CA HIS A 24 5.96 -3.76 4.93
C HIS A 24 4.76 -4.70 4.72
N ARG A 25 3.78 -4.60 5.61
CA ARG A 25 2.59 -5.46 5.51
C ARG A 25 1.78 -5.19 4.24
N PHE A 26 1.70 -3.93 3.83
CA PHE A 26 0.97 -3.55 2.62
C PHE A 26 -0.46 -4.05 2.63
N VAL A 27 -1.22 -3.68 3.64
CA VAL A 27 -2.62 -4.13 3.69
C VAL A 27 -3.41 -3.43 2.58
N GLU A 28 -3.75 -4.19 1.55
CA GLU A 28 -4.48 -3.66 0.40
C GLU A 28 -5.82 -3.03 0.74
N LEU A 29 -6.24 -2.09 -0.10
CA LEU A 29 -7.52 -1.44 0.08
C LEU A 29 -8.53 -2.07 -0.86
N ALA A 30 -9.79 -2.02 -0.47
CA ALA A 30 -10.87 -2.59 -1.27
C ALA A 30 -11.40 -1.63 -2.36
N LEU A 31 -10.49 -1.04 -3.11
CA LEU A 31 -10.82 -0.08 -4.18
C LEU A 31 -11.46 -0.71 -5.44
N ARG A 32 -12.40 -1.62 -5.24
CA ARG A 32 -13.08 -2.28 -6.35
C ARG A 32 -13.83 -1.26 -7.21
N GLY A 33 -14.34 -0.21 -6.58
CA GLY A 33 -15.04 0.84 -7.29
C GLY A 33 -14.75 2.18 -6.65
N GLY A 34 -14.81 3.24 -7.44
CA GLY A 34 -14.56 4.59 -6.92
C GLY A 34 -13.08 4.90 -6.80
N PRO A 35 -12.71 6.18 -6.58
CA PRO A 35 -11.28 6.46 -6.49
C PRO A 35 -10.66 6.06 -5.15
N GLY A 36 -9.41 6.45 -5.00
CA GLY A 36 -8.66 6.21 -3.79
C GLY A 36 -7.47 7.05 -4.15
N TRP A 37 -6.61 7.40 -3.22
CA TRP A 37 -5.46 8.23 -3.54
C TRP A 37 -4.11 7.60 -3.12
N CYS A 38 -3.14 7.59 -4.03
CA CYS A 38 -1.80 7.06 -3.73
C CYS A 38 -1.26 8.22 -2.93
N ASP A 39 -1.28 8.13 -1.62
CA ASP A 39 -0.82 9.24 -0.77
C ASP A 39 0.61 9.65 -1.11
N LEU A 40 1.39 8.65 -1.52
CA LEU A 40 2.74 8.84 -1.98
C LEU A 40 2.77 9.78 -3.21
N CYS A 41 1.97 9.44 -4.22
CA CYS A 41 1.89 10.22 -5.47
C CYS A 41 1.02 11.48 -5.46
N GLY A 42 -0.05 11.43 -4.71
CA GLY A 42 -1.02 12.51 -4.64
C GLY A 42 -2.03 12.28 -5.76
N ARG A 43 -1.78 11.25 -6.55
CA ARG A 43 -2.59 10.87 -7.70
C ARG A 43 -3.52 9.67 -7.44
N GLU A 44 -4.67 9.67 -8.09
CA GLU A 44 -5.69 8.64 -7.98
C GLU A 44 -5.25 7.19 -8.18
N VAL A 45 -5.56 6.32 -7.23
CA VAL A 45 -5.24 4.89 -7.37
C VAL A 45 -6.46 4.19 -7.92
N LEU A 46 -6.49 4.04 -9.23
CA LEU A 46 -7.60 3.37 -9.89
C LEU A 46 -7.48 1.87 -9.65
N ARG A 47 -6.23 1.41 -9.57
CA ARG A 47 -5.95 -0.01 -9.36
C ARG A 47 -5.81 -0.30 -7.85
N GLN A 48 -5.35 -1.50 -7.53
CA GLN A 48 -5.17 -1.94 -6.15
C GLN A 48 -4.14 -1.11 -5.37
N ALA A 49 -4.58 -0.42 -4.34
CA ALA A 49 -3.69 0.38 -3.50
C ALA A 49 -3.24 -0.45 -2.32
N LEU A 50 -1.94 -0.45 -2.07
CA LEU A 50 -1.34 -1.22 -0.97
C LEU A 50 -0.86 -0.31 0.15
N ARG A 51 -1.41 -0.51 1.34
CA ARG A 51 -1.08 0.35 2.47
C ARG A 51 -0.30 -0.28 3.58
N CYS A 52 0.99 -0.01 3.70
CA CYS A 52 1.70 -0.58 4.83
C CYS A 52 1.33 0.30 6.03
N ALA A 53 0.20 -0.02 6.62
CA ALA A 53 -0.33 0.72 7.75
C ALA A 53 0.60 0.69 8.98
N ASN A 54 1.66 -0.11 8.94
CA ASN A 54 2.59 -0.14 10.07
C ASN A 54 3.30 1.15 10.23
N CYS A 55 3.43 1.89 9.16
CA CYS A 55 4.20 3.09 9.26
C CYS A 55 3.94 4.18 8.25
N LYS A 56 4.09 3.75 7.03
CA LYS A 56 4.05 4.64 5.89
C LYS A 56 2.78 4.96 5.08
N PHE A 57 2.81 4.63 3.81
CA PHE A 57 1.74 4.97 2.87
C PHE A 57 0.95 3.91 2.15
N THR A 58 -0.11 4.39 1.49
CA THR A 58 -0.98 3.59 0.68
C THR A 58 -0.77 4.01 -0.78
N CYS A 59 0.03 3.23 -1.46
CA CYS A 59 0.39 3.56 -2.83
C CYS A 59 -0.10 2.64 -3.96
N HIS A 60 0.01 3.13 -5.19
CA HIS A 60 -0.34 2.30 -6.36
C HIS A 60 0.57 1.06 -6.32
N SER A 61 0.08 -0.07 -6.83
CA SER A 61 0.86 -1.31 -6.88
C SER A 61 2.20 -0.98 -7.52
N GLU A 62 2.09 -0.28 -8.64
CA GLU A 62 3.21 0.21 -9.43
C GLU A 62 4.18 1.05 -8.59
N CYS A 63 3.64 1.99 -7.83
CA CYS A 63 4.42 2.88 -6.99
C CYS A 63 5.21 2.18 -5.90
N ARG A 64 4.82 0.95 -5.55
CA ARG A 64 5.57 0.20 -4.53
C ARG A 64 7.06 0.09 -4.93
N SER A 65 7.33 0.12 -6.22
CA SER A 65 8.70 0.07 -6.72
C SER A 65 9.59 1.18 -6.13
N LEU A 66 9.02 2.38 -6.00
CA LEU A 66 9.71 3.56 -5.48
C LEU A 66 9.97 3.53 -3.96
N ILE A 67 9.51 2.48 -3.28
CA ILE A 67 9.69 2.40 -1.84
C ILE A 67 11.12 2.00 -1.48
N GLN A 68 11.89 3.00 -1.12
CA GLN A 68 13.30 2.84 -0.75
C GLN A 68 13.57 2.94 0.76
N LEU A 69 12.54 2.79 1.58
CA LEU A 69 12.75 2.90 3.04
C LEU A 69 11.93 1.85 3.83
N ASP A 70 12.42 1.58 5.04
CA ASP A 70 11.88 0.59 6.00
C ASP A 70 10.42 0.62 6.47
N CYS A 71 10.05 -0.45 7.17
CA CYS A 71 8.74 -0.61 7.76
C CYS A 71 8.94 -0.53 9.28
N ARG A 72 8.64 0.64 9.82
CA ARG A 72 8.75 0.89 11.27
C ARG A 72 7.90 -0.08 12.07
N PRO A 14 -9.57 -12.14 10.49
CA PRO A 14 -8.45 -13.02 10.89
C PRO A 14 -7.17 -12.21 11.02
N ARG A 15 -6.01 -12.87 11.03
CA ARG A 15 -4.72 -12.16 11.16
C ARG A 15 -4.33 -11.30 9.95
N VAL A 16 -5.08 -11.45 8.86
CA VAL A 16 -4.81 -10.71 7.61
C VAL A 16 -4.73 -9.20 7.87
N LEU A 17 -5.65 -8.69 8.67
CA LEU A 17 -5.67 -7.26 9.00
C LEU A 17 -4.32 -6.80 9.55
N ALA A 18 -3.75 -7.59 10.45
CA ALA A 18 -2.45 -7.27 11.05
C ALA A 18 -1.29 -8.05 10.40
N GLU A 19 -1.36 -8.27 9.09
CA GLU A 19 -0.30 -9.00 8.38
C GLU A 19 1.05 -8.27 8.57
N ARG A 20 2.10 -9.00 8.91
CA ARG A 20 3.43 -8.37 9.10
C ARG A 20 3.94 -8.02 7.70
N GLY A 21 3.77 -8.96 6.78
CA GLY A 21 4.18 -8.78 5.39
C GLY A 21 5.68 -8.80 5.21
N GLU A 22 6.15 -8.33 4.05
CA GLU A 22 7.58 -8.27 3.73
C GLU A 22 8.29 -7.17 4.55
N GLY A 23 9.03 -6.27 3.92
CA GLY A 23 9.69 -5.21 4.68
C GLY A 23 8.63 -4.16 4.99
N HIS A 24 7.44 -4.36 4.42
CA HIS A 24 6.27 -3.52 4.61
C HIS A 24 5.05 -4.41 4.49
N ARG A 25 4.04 -4.23 5.33
CA ARG A 25 2.85 -5.07 5.21
C ARG A 25 2.11 -4.89 3.90
N PHE A 26 1.94 -3.63 3.51
CA PHE A 26 1.21 -3.26 2.29
C PHE A 26 -0.18 -3.89 2.27
N VAL A 27 -0.97 -3.68 3.30
CA VAL A 27 -2.31 -4.30 3.31
C VAL A 27 -3.25 -3.68 2.27
N GLU A 28 -3.49 -4.43 1.20
CA GLU A 28 -4.35 -3.98 0.11
C GLU A 28 -5.75 -3.63 0.60
N LEU A 29 -6.24 -2.48 0.17
CA LEU A 29 -7.54 -1.99 0.51
C LEU A 29 -8.41 -2.11 -0.74
N ALA A 30 -9.41 -2.99 -0.72
CA ALA A 30 -10.32 -3.21 -1.85
C ALA A 30 -11.27 -2.02 -2.15
N LEU A 31 -10.72 -0.83 -2.25
CA LEU A 31 -11.45 0.42 -2.52
C LEU A 31 -12.09 0.58 -3.90
N ARG A 32 -12.28 -0.53 -4.62
CA ARG A 32 -12.89 -0.49 -5.96
C ARG A 32 -14.28 0.13 -6.09
N GLY A 33 -14.89 0.51 -4.99
CA GLY A 33 -16.21 1.12 -5.04
C GLY A 33 -16.15 2.61 -5.40
N GLY A 34 -14.95 3.16 -5.52
CA GLY A 34 -14.80 4.57 -5.87
C GLY A 34 -13.34 4.96 -5.93
N PRO A 35 -13.00 6.24 -6.16
CA PRO A 35 -11.58 6.58 -6.23
C PRO A 35 -10.84 6.43 -4.91
N GLY A 36 -9.52 6.55 -4.97
CA GLY A 36 -8.71 6.47 -3.78
C GLY A 36 -7.52 7.29 -4.16
N TRP A 37 -6.70 7.72 -3.23
CA TRP A 37 -5.54 8.56 -3.57
C TRP A 37 -4.23 7.98 -3.01
N CYS A 38 -3.21 7.85 -3.85
CA CYS A 38 -1.91 7.33 -3.41
C CYS A 38 -1.20 8.44 -2.64
N ASP A 39 -1.08 8.31 -1.33
CA ASP A 39 -0.46 9.39 -0.50
C ASP A 39 0.85 9.83 -1.11
N LEU A 40 1.64 8.85 -1.50
CA LEU A 40 2.92 9.06 -2.15
C LEU A 40 2.83 9.84 -3.48
N CYS A 41 1.96 9.40 -4.39
CA CYS A 41 1.84 10.03 -5.70
C CYS A 41 0.97 11.30 -5.79
N GLY A 42 -0.04 11.37 -4.95
CA GLY A 42 -0.98 12.49 -4.96
C GLY A 42 -2.01 12.25 -6.06
N ARG A 43 -1.80 11.17 -6.80
CA ARG A 43 -2.66 10.78 -7.91
C ARG A 43 -3.61 9.63 -7.55
N GLU A 44 -4.78 9.63 -8.16
CA GLU A 44 -5.80 8.60 -7.92
C GLU A 44 -5.30 7.17 -8.14
N VAL A 45 -5.59 6.28 -7.19
CA VAL A 45 -5.19 4.89 -7.32
C VAL A 45 -6.23 4.10 -8.11
N LEU A 46 -5.96 3.99 -9.40
CA LEU A 46 -6.85 3.26 -10.29
C LEU A 46 -6.73 1.75 -10.03
N ARG A 47 -5.53 1.33 -9.66
CA ARG A 47 -5.26 -0.08 -9.39
C ARG A 47 -5.48 -0.33 -7.89
N GLN A 48 -5.12 -1.52 -7.44
CA GLN A 48 -5.24 -1.90 -6.05
C GLN A 48 -4.31 -1.04 -5.20
N ALA A 49 -4.84 -0.49 -4.12
CA ALA A 49 -4.04 0.34 -3.24
C ALA A 49 -3.48 -0.48 -2.09
N LEU A 50 -2.19 -0.38 -1.92
CA LEU A 50 -1.46 -1.10 -0.89
C LEU A 50 -1.08 -0.21 0.29
N ARG A 51 -1.59 -0.54 1.47
CA ARG A 51 -1.31 0.27 2.67
C ARG A 51 -0.33 -0.30 3.65
N CYS A 52 0.91 0.15 3.69
CA CYS A 52 1.78 -0.41 4.70
C CYS A 52 1.45 0.33 6.00
N ALA A 53 0.39 -0.15 6.64
CA ALA A 53 -0.12 0.43 7.88
C ALA A 53 0.92 0.43 8.99
N ASN A 54 1.97 -0.36 8.84
CA ASN A 54 3.02 -0.41 9.85
C ASN A 54 3.79 0.87 9.99
N CYS A 55 3.71 1.74 9.00
CA CYS A 55 4.49 2.95 9.07
C CYS A 55 4.11 4.11 8.15
N LYS A 56 3.97 3.75 6.89
CA LYS A 56 3.80 4.76 5.83
C LYS A 56 2.47 5.19 5.15
N PHE A 57 2.06 4.52 4.08
CA PHE A 57 0.88 4.93 3.32
C PHE A 57 0.21 3.98 2.33
N THR A 58 -0.90 4.47 1.76
CA THR A 58 -1.68 3.79 0.74
C THR A 58 -1.12 4.15 -0.64
N CYS A 59 -0.33 3.27 -1.19
CA CYS A 59 0.30 3.50 -2.47
C CYS A 59 -0.24 2.68 -3.64
N HIS A 60 -0.18 3.23 -4.86
CA HIS A 60 -0.59 2.46 -6.05
C HIS A 60 0.29 1.22 -6.06
N SER A 61 -0.23 0.11 -6.56
CA SER A 61 0.58 -1.11 -6.64
C SER A 61 1.87 -0.74 -7.38
N GLU A 62 1.75 -0.11 -8.53
CA GLU A 62 2.94 0.28 -9.28
C GLU A 62 3.95 1.21 -8.54
N CYS A 63 3.51 2.16 -7.72
CA CYS A 63 4.47 3.02 -7.03
C CYS A 63 5.10 2.37 -5.79
N ARG A 64 4.55 1.25 -5.30
CA ARG A 64 5.13 0.61 -4.09
C ARG A 64 6.56 0.19 -4.37
N SER A 65 6.84 -0.02 -5.65
CA SER A 65 8.15 -0.45 -6.12
C SER A 65 9.25 0.49 -5.65
N LEU A 66 8.96 1.79 -5.65
CA LEU A 66 9.94 2.80 -5.22
C LEU A 66 10.36 2.73 -3.75
N ILE A 67 9.74 1.86 -2.96
CA ILE A 67 10.13 1.73 -1.55
C ILE A 67 10.55 0.28 -1.30
N GLN A 68 11.85 0.05 -1.26
CA GLN A 68 12.42 -1.28 -1.05
C GLN A 68 12.98 -1.46 0.37
N LEU A 69 12.62 -0.57 1.28
CA LEU A 69 13.12 -0.65 2.66
C LEU A 69 12.08 -1.19 3.66
N ASP A 70 12.43 -1.15 4.94
CA ASP A 70 11.59 -1.59 6.06
C ASP A 70 10.63 -0.52 6.64
N CYS A 71 9.70 -0.94 7.51
CA CYS A 71 8.73 -0.03 8.12
C CYS A 71 9.32 0.95 9.19
N ARG A 72 9.57 2.19 8.80
CA ARG A 72 10.16 3.20 9.70
C ARG A 72 9.34 4.48 9.86
N PRO A 14 0.28 -9.88 1.14
CA PRO A 14 -0.74 -10.95 1.31
C PRO A 14 -0.32 -11.96 2.38
N ARG A 15 -0.97 -13.13 2.41
CA ARG A 15 -0.65 -14.17 3.42
C ARG A 15 0.81 -14.61 3.48
N VAL A 16 1.35 -15.05 2.34
CA VAL A 16 2.74 -15.53 2.28
C VAL A 16 3.74 -14.52 2.84
N LEU A 17 3.56 -13.25 2.49
CA LEU A 17 4.44 -12.20 2.98
C LEU A 17 4.39 -12.19 4.52
N ALA A 18 3.19 -12.13 5.08
CA ALA A 18 3.00 -12.11 6.52
C ALA A 18 3.65 -13.26 7.29
N GLU A 19 3.38 -14.49 6.88
CA GLU A 19 3.96 -15.66 7.58
C GLU A 19 5.50 -15.65 7.65
N ARG A 20 6.16 -15.17 6.60
CA ARG A 20 7.64 -15.11 6.59
C ARG A 20 8.18 -13.85 7.26
N GLY A 21 7.29 -12.92 7.56
CA GLY A 21 7.64 -11.67 8.19
C GLY A 21 7.17 -10.58 7.26
N GLU A 22 6.05 -9.94 7.57
CA GLU A 22 5.53 -8.89 6.69
C GLU A 22 6.44 -7.69 6.43
N GLY A 23 7.10 -7.15 7.46
CA GLY A 23 7.95 -6.00 7.24
C GLY A 23 7.00 -4.92 6.77
N HIS A 24 7.39 -4.17 5.74
CA HIS A 24 6.50 -3.14 5.18
C HIS A 24 5.42 -4.01 4.51
N ARG A 25 4.30 -4.13 5.20
CA ARG A 25 3.19 -4.99 4.79
C ARG A 25 2.44 -4.66 3.51
N PHE A 26 2.20 -3.38 3.24
CA PHE A 26 1.49 -3.00 2.02
C PHE A 26 0.12 -3.67 1.86
N VAL A 27 -0.64 -3.76 2.93
CA VAL A 27 -1.94 -4.41 2.87
C VAL A 27 -2.95 -3.67 1.99
N GLU A 28 -3.21 -4.27 0.85
CA GLU A 28 -4.12 -3.75 -0.15
C GLU A 28 -5.48 -3.26 0.37
N LEU A 29 -5.88 -2.06 -0.02
CA LEU A 29 -7.17 -1.52 0.39
C LEU A 29 -8.31 -2.21 -0.36
N ALA A 30 -9.52 -2.13 0.19
CA ALA A 30 -10.71 -2.74 -0.42
C ALA A 30 -11.25 -2.00 -1.68
N LEU A 31 -10.37 -1.32 -2.40
CA LEU A 31 -10.73 -0.56 -3.60
C LEU A 31 -11.12 -1.37 -4.84
N ARG A 32 -12.02 -2.32 -4.66
CA ARG A 32 -12.50 -3.17 -5.78
C ARG A 32 -13.07 -2.22 -6.83
N GLY A 33 -13.74 -1.18 -6.36
CA GLY A 33 -14.31 -0.17 -7.23
C GLY A 33 -14.20 1.19 -6.55
N GLY A 34 -14.24 2.26 -7.31
CA GLY A 34 -14.15 3.60 -6.74
C GLY A 34 -12.73 4.12 -6.59
N PRO A 35 -12.56 5.41 -6.27
CA PRO A 35 -11.22 6.02 -6.12
C PRO A 35 -10.53 5.74 -4.80
N GLY A 36 -9.27 6.15 -4.75
CA GLY A 36 -8.44 6.01 -3.57
C GLY A 36 -7.32 6.91 -4.00
N TRP A 37 -6.42 7.32 -3.11
CA TRP A 37 -5.32 8.20 -3.49
C TRP A 37 -3.95 7.72 -3.02
N CYS A 38 -2.98 7.69 -3.94
CA CYS A 38 -1.62 7.26 -3.64
C CYS A 38 -0.98 8.42 -2.90
N ASP A 39 -0.80 8.31 -1.59
CA ASP A 39 -0.23 9.43 -0.82
C ASP A 39 1.11 9.93 -1.39
N LEU A 40 1.85 8.99 -1.96
CA LEU A 40 3.11 9.27 -2.61
C LEU A 40 2.93 10.19 -3.83
N CYS A 41 2.02 9.82 -4.72
CA CYS A 41 1.79 10.57 -5.95
C CYS A 41 0.82 11.76 -5.83
N GLY A 42 -0.15 11.61 -4.95
CA GLY A 42 -1.18 12.62 -4.78
C GLY A 42 -2.20 12.37 -5.87
N ARG A 43 -1.98 11.30 -6.64
CA ARG A 43 -2.84 10.91 -7.75
C ARG A 43 -3.71 9.72 -7.40
N GLU A 44 -4.88 9.67 -8.02
CA GLU A 44 -5.83 8.60 -7.83
C GLU A 44 -5.30 7.20 -8.16
N VAL A 45 -5.58 6.26 -7.28
CA VAL A 45 -5.18 4.87 -7.48
C VAL A 45 -6.30 4.09 -8.15
N LEU A 46 -6.11 3.75 -9.41
CA LEU A 46 -7.13 3.00 -10.14
C LEU A 46 -7.40 1.66 -9.42
N ARG A 47 -6.37 1.05 -8.86
CA ARG A 47 -6.49 -0.24 -8.16
C ARG A 47 -6.33 -0.17 -6.64
N GLN A 48 -6.27 -1.34 -6.02
CA GLN A 48 -6.13 -1.50 -4.60
C GLN A 48 -4.81 -0.97 -4.09
N ALA A 49 -4.84 0.24 -3.55
CA ALA A 49 -3.66 0.86 -3.01
C ALA A 49 -3.03 -0.04 -1.95
N LEU A 50 -1.74 -0.24 -2.09
CA LEU A 50 -0.97 -1.04 -1.17
C LEU A 50 -0.66 -0.20 0.02
N ARG A 51 -1.30 -0.49 1.14
CA ARG A 51 -1.08 0.31 2.33
C ARG A 51 -0.31 -0.36 3.41
N CYS A 52 0.93 0.05 3.64
CA CYS A 52 1.68 -0.53 4.74
C CYS A 52 1.08 0.12 6.00
N ALA A 53 0.03 -0.54 6.48
CA ALA A 53 -0.73 -0.10 7.64
C ALA A 53 0.12 0.02 8.90
N ASN A 54 1.28 -0.61 8.90
CA ASN A 54 2.17 -0.53 10.05
C ASN A 54 2.69 0.83 10.32
N CYS A 55 2.58 1.72 9.35
CA CYS A 55 3.07 3.03 9.54
C CYS A 55 2.74 4.08 8.50
N LYS A 56 3.21 3.78 7.34
CA LYS A 56 3.22 4.70 6.21
C LYS A 56 2.21 4.68 5.02
N PHE A 57 2.79 4.38 3.87
CA PHE A 57 2.21 4.38 2.53
C PHE A 57 1.06 3.62 1.99
N THR A 58 0.03 4.32 1.54
CA THR A 58 -1.03 3.70 0.81
C THR A 58 -0.79 4.22 -0.63
N CYS A 59 0.04 3.50 -1.35
CA CYS A 59 0.43 3.84 -2.73
C CYS A 59 -0.10 2.95 -3.87
N HIS A 60 0.08 3.38 -5.12
CA HIS A 60 -0.32 2.51 -6.26
C HIS A 60 0.51 1.24 -6.14
N SER A 61 -0.03 0.13 -6.61
CA SER A 61 0.69 -1.13 -6.55
C SER A 61 2.04 -0.95 -7.26
N GLU A 62 2.00 -0.39 -8.45
CA GLU A 62 3.20 -0.12 -9.23
C GLU A 62 4.18 0.81 -8.49
N CYS A 63 3.63 1.77 -7.74
CA CYS A 63 4.45 2.70 -6.98
C CYS A 63 5.28 2.06 -5.88
N ARG A 64 4.81 0.97 -5.25
CA ARG A 64 5.63 0.40 -4.15
C ARG A 64 7.04 0.02 -4.61
N SER A 65 7.19 -0.23 -5.91
CA SER A 65 8.49 -0.62 -6.47
C SER A 65 9.62 0.31 -6.06
N LEU A 66 9.36 1.62 -6.08
CA LEU A 66 10.39 2.59 -5.71
C LEU A 66 10.43 2.94 -4.21
N ILE A 67 9.50 2.41 -3.44
CA ILE A 67 9.45 2.68 -2.00
C ILE A 67 10.43 1.82 -1.22
N GLN A 68 11.56 2.42 -0.87
CA GLN A 68 12.59 1.75 -0.10
C GLN A 68 12.32 1.97 1.39
N LEU A 69 11.75 3.14 1.69
CA LEU A 69 11.43 3.57 3.06
C LEU A 69 10.54 2.61 3.89
N ASP A 70 11.22 1.86 4.74
CA ASP A 70 10.62 0.87 5.65
C ASP A 70 9.74 1.37 6.80
N CYS A 71 9.25 0.42 7.59
CA CYS A 71 8.42 0.72 8.72
C CYS A 71 9.22 1.47 9.79
N ARG A 72 8.82 2.72 10.00
CA ARG A 72 9.42 3.60 11.00
C ARG A 72 9.28 3.01 12.41
N PRO A 14 -0.23 -15.53 2.21
CA PRO A 14 -0.70 -15.41 3.63
C PRO A 14 -1.43 -14.08 3.89
N ARG A 15 -2.32 -13.66 2.98
CA ARG A 15 -3.05 -12.39 3.16
C ARG A 15 -3.81 -12.28 4.49
N VAL A 16 -4.64 -13.27 4.79
CA VAL A 16 -5.43 -13.27 6.04
C VAL A 16 -4.54 -13.32 7.28
N LEU A 17 -3.59 -14.24 7.28
CA LEU A 17 -2.65 -14.41 8.40
C LEU A 17 -1.90 -13.09 8.57
N ALA A 18 -2.06 -12.42 9.70
CA ALA A 18 -1.40 -11.13 9.94
C ALA A 18 0.10 -11.16 9.68
N GLU A 19 0.55 -10.22 8.86
CA GLU A 19 1.97 -10.09 8.53
C GLU A 19 2.77 -9.84 9.83
N ARG A 20 3.98 -10.37 9.88
CA ARG A 20 4.88 -10.29 11.06
C ARG A 20 5.21 -8.88 11.59
N GLY A 21 5.28 -7.89 10.72
CA GLY A 21 5.62 -6.52 11.09
C GLY A 21 7.05 -6.30 10.67
N GLU A 22 7.62 -7.37 10.15
CA GLU A 22 8.99 -7.43 9.66
C GLU A 22 9.24 -6.53 8.44
N GLY A 23 8.29 -6.52 7.51
CA GLY A 23 8.44 -5.70 6.31
C GLY A 23 7.13 -5.06 5.91
N HIS A 24 7.16 -4.15 4.94
CA HIS A 24 5.95 -3.46 4.48
C HIS A 24 4.85 -4.42 4.04
N ARG A 25 3.82 -4.59 4.86
CA ARG A 25 2.71 -5.47 4.50
C ARG A 25 1.95 -4.96 3.29
N PHE A 26 1.81 -3.64 3.16
CA PHE A 26 1.11 -3.04 2.02
C PHE A 26 -0.28 -3.64 1.92
N VAL A 27 -1.03 -3.50 2.99
CA VAL A 27 -2.40 -4.07 3.04
C VAL A 27 -3.40 -3.31 2.20
N GLU A 28 -3.95 -3.99 1.22
CA GLU A 28 -4.93 -3.41 0.31
C GLU A 28 -6.12 -2.81 1.06
N LEU A 29 -6.51 -1.59 0.70
CA LEU A 29 -7.65 -0.97 1.37
C LEU A 29 -8.97 -1.59 0.91
N ALA A 30 -9.97 -1.48 1.76
CA ALA A 30 -11.30 -2.00 1.46
C ALA A 30 -12.15 -0.96 0.71
N LEU A 31 -11.52 -0.15 -0.13
CA LEU A 31 -12.21 0.90 -0.88
C LEU A 31 -13.23 0.38 -1.89
N ARG A 32 -13.17 -0.91 -2.19
CA ARG A 32 -14.08 -1.56 -3.17
C ARG A 32 -13.79 -0.89 -4.52
N GLY A 33 -14.81 -0.52 -5.26
CA GLY A 33 -14.61 0.14 -6.55
C GLY A 33 -14.51 1.64 -6.37
N GLY A 34 -14.44 2.38 -7.46
CA GLY A 34 -14.34 3.83 -7.39
C GLY A 34 -12.90 4.28 -7.18
N PRO A 35 -12.66 5.60 -7.07
CA PRO A 35 -11.28 6.07 -6.90
C PRO A 35 -10.69 5.82 -5.51
N GLY A 36 -9.37 5.94 -5.45
CA GLY A 36 -8.63 5.79 -4.22
C GLY A 36 -7.47 6.68 -4.53
N TRP A 37 -6.68 7.10 -3.55
CA TRP A 37 -5.55 8.00 -3.82
C TRP A 37 -4.23 7.52 -3.25
N CYS A 38 -3.16 7.56 -4.06
CA CYS A 38 -1.83 7.15 -3.61
C CYS A 38 -1.34 8.32 -2.76
N ASP A 39 -1.28 8.17 -1.45
CA ASP A 39 -0.86 9.27 -0.54
C ASP A 39 0.42 9.90 -1.06
N LEU A 40 1.32 9.02 -1.44
CA LEU A 40 2.61 9.37 -1.99
C LEU A 40 2.52 10.22 -3.28
N CYS A 41 1.74 9.78 -4.25
CA CYS A 41 1.62 10.51 -5.52
C CYS A 41 0.64 11.68 -5.54
N GLY A 42 -0.42 11.56 -4.76
CA GLY A 42 -1.46 12.57 -4.73
C GLY A 42 -2.34 12.32 -5.94
N ARG A 43 -2.05 11.25 -6.65
CA ARG A 43 -2.80 10.86 -7.86
C ARG A 43 -3.66 9.65 -7.58
N GLU A 44 -4.79 9.55 -8.26
CA GLU A 44 -5.71 8.42 -8.09
C GLU A 44 -5.08 7.07 -8.44
N VAL A 45 -5.45 6.06 -7.68
CA VAL A 45 -4.97 4.69 -7.87
C VAL A 45 -5.99 3.83 -8.62
N LEU A 46 -5.70 3.52 -9.88
CA LEU A 46 -6.59 2.68 -10.69
C LEU A 46 -6.73 1.31 -10.02
N ARG A 47 -5.65 0.86 -9.39
CA ARG A 47 -5.62 -0.43 -8.70
C ARG A 47 -5.96 -0.19 -7.23
N GLN A 48 -6.35 -1.23 -6.52
CA GLN A 48 -6.68 -1.14 -5.11
C GLN A 48 -5.40 -0.72 -4.40
N ALA A 49 -5.48 0.42 -3.75
CA ALA A 49 -4.38 1.00 -3.02
C ALA A 49 -3.83 0.06 -1.96
N LEU A 50 -2.52 -0.05 -1.91
CA LEU A 50 -1.86 -0.95 -0.95
C LEU A 50 -1.21 -0.13 0.14
N ARG A 51 -1.61 -0.38 1.38
CA ARG A 51 -1.10 0.41 2.50
C ARG A 51 -0.17 -0.24 3.46
N CYS A 52 1.08 0.20 3.49
CA CYS A 52 2.00 -0.33 4.46
C CYS A 52 1.67 0.36 5.80
N ALA A 53 0.68 -0.22 6.47
CA ALA A 53 0.17 0.25 7.75
C ALA A 53 1.23 0.13 8.82
N ASN A 54 2.34 -0.52 8.49
CA ASN A 54 3.43 -0.69 9.42
C ASN A 54 4.02 0.65 9.77
N CYS A 55 3.93 1.60 8.84
CA CYS A 55 4.54 2.88 9.06
C CYS A 55 4.11 4.02 8.16
N LYS A 56 4.09 3.72 6.89
CA LYS A 56 3.80 4.71 5.85
C LYS A 56 2.38 4.91 5.26
N PHE A 57 2.28 4.81 3.95
CA PHE A 57 1.06 5.09 3.19
C PHE A 57 0.39 4.04 2.33
N THR A 58 -0.73 4.45 1.72
CA THR A 58 -1.50 3.62 0.80
C THR A 58 -1.16 4.08 -0.62
N CYS A 59 -0.31 3.33 -1.28
CA CYS A 59 0.19 3.68 -2.61
C CYS A 59 -0.20 2.80 -3.80
N HIS A 60 0.10 3.27 -5.01
CA HIS A 60 -0.15 2.46 -6.22
C HIS A 60 0.72 1.20 -6.09
N SER A 61 0.32 0.12 -6.74
CA SER A 61 1.13 -1.11 -6.70
C SER A 61 2.55 -0.80 -7.18
N GLU A 62 2.66 -0.11 -8.29
CA GLU A 62 3.94 0.29 -8.86
C GLU A 62 4.76 1.17 -7.91
N CYS A 63 4.08 2.00 -7.13
CA CYS A 63 4.74 2.88 -6.18
C CYS A 63 5.48 2.05 -5.13
N ARG A 64 4.91 0.91 -4.74
CA ARG A 64 5.54 0.06 -3.72
C ARG A 64 7.00 -0.17 -4.06
N SER A 65 7.22 -0.62 -5.28
CA SER A 65 8.56 -0.90 -5.77
C SER A 65 9.55 0.24 -5.69
N LEU A 66 9.14 1.47 -5.98
CA LEU A 66 10.10 2.58 -5.93
C LEU A 66 10.57 2.99 -4.54
N ILE A 67 9.95 2.51 -3.48
CA ILE A 67 10.37 2.90 -2.13
C ILE A 67 10.93 1.69 -1.35
N GLN A 68 12.24 1.63 -1.32
CA GLN A 68 12.96 0.56 -0.61
C GLN A 68 13.30 0.99 0.82
N LEU A 69 12.68 2.07 1.26
CA LEU A 69 12.91 2.59 2.62
C LEU A 69 11.99 1.79 3.55
N ASP A 70 12.57 0.87 4.29
CA ASP A 70 11.88 -0.04 5.24
C ASP A 70 11.01 0.58 6.32
N CYS A 71 10.26 -0.28 7.01
CA CYS A 71 9.36 0.17 8.03
C CYS A 71 10.03 1.03 9.11
N ARG A 72 9.51 2.23 9.18
CA ARG A 72 9.94 3.28 10.13
C ARG A 72 9.85 2.86 11.59
N PRO A 14 -3.37 -21.52 4.61
CA PRO A 14 -2.03 -21.42 5.21
C PRO A 14 -2.09 -20.36 6.31
N ARG A 15 -0.93 -19.84 6.73
CA ARG A 15 -0.91 -18.80 7.76
C ARG A 15 -1.42 -17.47 7.16
N VAL A 16 -1.24 -16.37 7.88
CA VAL A 16 -1.70 -15.07 7.40
C VAL A 16 -0.53 -14.33 6.74
N LEU A 17 -0.80 -13.53 5.73
CA LEU A 17 0.25 -12.78 5.02
C LEU A 17 1.05 -11.88 5.96
N ALA A 18 0.39 -11.40 7.00
CA ALA A 18 1.00 -10.54 8.01
C ALA A 18 2.19 -11.18 8.74
N GLU A 19 2.34 -12.50 8.61
CA GLU A 19 3.43 -13.24 9.24
C GLU A 19 4.78 -12.65 8.84
N ARG A 20 4.89 -12.22 7.58
CA ARG A 20 6.12 -11.62 7.07
C ARG A 20 6.00 -10.12 6.82
N GLY A 21 5.54 -9.44 7.85
CA GLY A 21 5.36 -8.00 7.80
C GLY A 21 6.58 -7.22 8.28
N GLU A 22 7.76 -7.83 8.26
CA GLU A 22 8.99 -7.17 8.72
C GLU A 22 9.27 -5.88 7.93
N GLY A 23 9.17 -5.97 6.61
CA GLY A 23 9.40 -4.82 5.75
C GLY A 23 8.02 -4.24 5.46
N HIS A 24 7.90 -3.21 4.63
CA HIS A 24 6.56 -2.66 4.35
C HIS A 24 5.56 -3.72 3.91
N ARG A 25 4.62 -3.97 4.80
CA ARG A 25 3.56 -4.96 4.58
C ARG A 25 2.63 -4.62 3.42
N PHE A 26 2.27 -3.35 3.27
CA PHE A 26 1.39 -2.94 2.18
C PHE A 26 0.09 -3.72 2.13
N VAL A 27 -0.71 -3.60 3.18
CA VAL A 27 -2.01 -4.30 3.23
C VAL A 27 -2.93 -3.76 2.13
N GLU A 28 -3.25 -4.63 1.21
CA GLU A 28 -4.10 -4.32 0.06
C GLU A 28 -5.49 -3.82 0.48
N LEU A 29 -5.87 -2.62 0.05
CA LEU A 29 -7.17 -2.09 0.41
C LEU A 29 -8.28 -2.65 -0.47
N ALA A 30 -9.45 -2.77 0.12
CA ALA A 30 -10.64 -3.27 -0.56
C ALA A 30 -11.34 -2.16 -1.38
N LEU A 31 -10.57 -1.46 -2.19
CA LEU A 31 -11.13 -0.38 -3.00
C LEU A 31 -12.22 -0.87 -3.95
N ARG A 32 -13.39 -0.24 -3.87
CA ARG A 32 -14.56 -0.57 -4.69
C ARG A 32 -14.32 -0.37 -6.20
N GLY A 33 -13.21 0.24 -6.56
CA GLY A 33 -12.89 0.49 -7.96
C GLY A 33 -13.14 1.93 -8.35
N GLY A 34 -13.64 2.72 -7.41
CA GLY A 34 -13.88 4.13 -7.67
C GLY A 34 -12.58 4.86 -7.36
N PRO A 35 -12.54 6.20 -7.46
CA PRO A 35 -11.23 6.80 -7.14
C PRO A 35 -10.84 6.77 -5.68
N GLY A 36 -9.57 6.50 -5.45
CA GLY A 36 -9.00 6.47 -4.12
C GLY A 36 -7.66 7.00 -4.52
N TRP A 37 -6.78 7.47 -3.66
CA TRP A 37 -5.51 8.03 -4.13
C TRP A 37 -4.29 7.44 -3.43
N CYS A 38 -3.17 7.56 -4.10
CA CYS A 38 -1.87 7.12 -3.60
C CYS A 38 -1.45 8.31 -2.78
N ASP A 39 -1.55 8.25 -1.45
CA ASP A 39 -1.21 9.43 -0.62
C ASP A 39 0.21 9.88 -0.94
N LEU A 40 1.04 8.91 -1.29
CA LEU A 40 2.41 9.14 -1.69
C LEU A 40 2.46 10.04 -2.96
N CYS A 41 1.75 9.64 -4.01
CA CYS A 41 1.74 10.40 -5.26
C CYS A 41 0.84 11.65 -5.29
N GLY A 42 -0.25 11.58 -4.54
CA GLY A 42 -1.26 12.62 -4.51
C GLY A 42 -2.23 12.38 -5.66
N ARG A 43 -1.86 11.42 -6.50
CA ARG A 43 -2.65 11.04 -7.68
C ARG A 43 -3.54 9.83 -7.42
N GLU A 44 -4.71 9.82 -8.04
CA GLU A 44 -5.66 8.71 -7.91
C GLU A 44 -5.05 7.35 -8.31
N VAL A 45 -5.41 6.32 -7.57
CA VAL A 45 -4.95 4.96 -7.79
C VAL A 45 -5.91 4.13 -8.63
N LEU A 46 -5.60 4.01 -9.91
CA LEU A 46 -6.40 3.21 -10.81
C LEU A 46 -6.42 1.77 -10.27
N ARG A 47 -5.25 1.27 -9.90
CA ARG A 47 -5.10 -0.08 -9.35
C ARG A 47 -5.40 0.01 -7.85
N GLN A 48 -5.66 -1.10 -7.20
CA GLN A 48 -5.94 -1.10 -5.78
C GLN A 48 -4.71 -0.62 -5.04
N ALA A 49 -4.93 0.23 -4.05
CA ALA A 49 -3.86 0.79 -3.27
C ALA A 49 -3.52 -0.08 -2.08
N LEU A 50 -2.23 -0.28 -1.87
CA LEU A 50 -1.77 -1.10 -0.76
C LEU A 50 -1.15 -0.22 0.28
N ARG A 51 -1.52 -0.44 1.53
CA ARG A 51 -1.06 0.42 2.60
C ARG A 51 -0.21 -0.22 3.65
N CYS A 52 1.02 0.21 3.78
CA CYS A 52 1.84 -0.34 4.85
C CYS A 52 1.37 0.34 6.15
N ALA A 53 0.39 -0.30 6.77
CA ALA A 53 -0.23 0.18 7.99
C ALA A 53 0.77 0.32 9.14
N ASN A 54 1.90 -0.35 9.02
CA ASN A 54 2.92 -0.27 10.05
C ASN A 54 3.57 1.05 10.24
N CYS A 55 3.47 1.93 9.26
CA CYS A 55 4.13 3.18 9.40
C CYS A 55 3.72 4.30 8.49
N LYS A 56 3.82 3.96 7.22
CA LYS A 56 3.65 4.95 6.16
C LYS A 56 2.34 5.15 5.37
N PHE A 57 2.43 4.91 4.07
CA PHE A 57 1.35 5.17 3.12
C PHE A 57 0.57 4.09 2.39
N THR A 58 -0.52 4.54 1.76
CA THR A 58 -1.38 3.71 0.92
C THR A 58 -1.09 4.14 -0.52
N CYS A 59 -0.28 3.38 -1.20
CA CYS A 59 0.14 3.74 -2.54
C CYS A 59 -0.35 2.87 -3.69
N HIS A 60 -0.14 3.34 -4.92
CA HIS A 60 -0.46 2.52 -6.11
C HIS A 60 0.36 1.24 -5.95
N SER A 61 -0.12 0.11 -6.45
CA SER A 61 0.66 -1.14 -6.37
C SER A 61 1.99 -0.84 -7.06
N GLU A 62 1.87 -0.16 -8.18
CA GLU A 62 3.00 0.25 -9.02
C GLU A 62 4.05 0.99 -8.17
N CYS A 63 3.58 1.89 -7.32
CA CYS A 63 4.43 2.66 -6.43
C CYS A 63 5.16 1.84 -5.35
N ARG A 64 4.55 0.80 -4.80
CA ARG A 64 5.27 0.03 -3.76
C ARG A 64 6.52 -0.63 -4.31
N SER A 65 6.52 -0.96 -5.59
CA SER A 65 7.69 -1.61 -6.17
C SER A 65 8.86 -0.65 -6.37
N LEU A 66 8.65 0.61 -6.05
CA LEU A 66 9.70 1.62 -6.18
C LEU A 66 10.31 1.93 -4.82
N ILE A 67 9.80 1.32 -3.75
CA ILE A 67 10.33 1.59 -2.41
C ILE A 67 10.49 0.30 -1.59
N GLN A 68 11.73 -0.16 -1.52
CA GLN A 68 12.10 -1.37 -0.77
C GLN A 68 12.31 -1.15 0.74
N LEU A 69 12.22 0.10 1.18
CA LEU A 69 12.44 0.46 2.59
C LEU A 69 11.64 -0.31 3.66
N ASP A 70 12.15 -0.30 4.88
CA ASP A 70 11.50 -0.96 6.01
C ASP A 70 10.48 -0.06 6.67
N CYS A 71 9.68 -0.63 7.57
CA CYS A 71 8.70 0.13 8.30
C CYS A 71 9.38 1.02 9.37
N ARG A 72 9.41 2.32 9.09
CA ARG A 72 10.00 3.32 10.00
C ARG A 72 9.34 3.37 11.38
N PRO A 14 -3.85 -8.82 -1.58
CA PRO A 14 -3.62 -9.54 -2.85
C PRO A 14 -3.75 -11.01 -2.48
N ARG A 15 -3.26 -11.92 -3.31
CA ARG A 15 -3.34 -13.36 -3.00
C ARG A 15 -2.72 -13.67 -1.65
N VAL A 16 -1.47 -13.26 -1.46
CA VAL A 16 -0.77 -13.48 -0.20
C VAL A 16 -1.38 -12.58 0.87
N LEU A 17 -1.97 -13.19 1.89
CA LEU A 17 -2.59 -12.45 3.00
C LEU A 17 -1.56 -11.57 3.72
N ALA A 18 -1.85 -10.29 3.86
CA ALA A 18 -0.97 -9.33 4.56
C ALA A 18 -1.14 -9.47 6.09
N GLU A 19 -1.26 -10.72 6.55
CA GLU A 19 -1.44 -11.08 7.96
C GLU A 19 -0.37 -10.52 8.91
N ARG A 20 0.80 -11.13 8.88
CA ARG A 20 1.91 -10.79 9.78
C ARG A 20 3.25 -10.52 9.09
N GLY A 21 3.22 -9.80 7.97
CA GLY A 21 4.44 -9.49 7.27
C GLY A 21 5.41 -8.71 8.15
N GLU A 22 6.65 -9.16 8.19
CA GLU A 22 7.70 -8.53 9.00
C GLU A 22 7.98 -7.10 8.52
N GLY A 23 8.15 -6.95 7.21
CA GLY A 23 8.40 -5.66 6.61
C GLY A 23 7.09 -5.04 6.23
N HIS A 24 7.06 -4.13 5.24
CA HIS A 24 5.79 -3.51 4.87
C HIS A 24 4.67 -4.49 4.58
N ARG A 25 3.67 -4.53 5.44
CA ARG A 25 2.53 -5.42 5.23
C ARG A 25 1.77 -5.04 3.97
N PHE A 26 1.66 -3.73 3.69
CA PHE A 26 0.95 -3.27 2.49
C PHE A 26 -0.47 -3.82 2.40
N VAL A 27 -1.30 -3.51 3.37
CA VAL A 27 -2.71 -3.99 3.37
C VAL A 27 -3.49 -3.35 2.21
N GLU A 28 -3.77 -4.17 1.23
CA GLU A 28 -4.50 -3.79 0.00
C GLU A 28 -5.92 -3.28 0.28
N LEU A 29 -6.20 -2.01 0.02
CA LEU A 29 -7.55 -1.50 0.24
C LEU A 29 -8.45 -1.94 -0.91
N ALA A 30 -9.46 -2.73 -0.60
CA ALA A 30 -10.40 -3.17 -1.62
C ALA A 30 -11.08 -1.92 -2.20
N LEU A 31 -11.03 -1.76 -3.53
CA LEU A 31 -11.66 -0.60 -4.17
C LEU A 31 -13.15 -0.63 -3.86
N ARG A 32 -13.74 0.54 -3.66
CA ARG A 32 -15.18 0.63 -3.33
C ARG A 32 -15.95 1.31 -4.47
N GLY A 33 -16.95 2.11 -4.12
CA GLY A 33 -17.76 2.79 -5.12
C GLY A 33 -17.14 4.08 -5.61
N GLY A 34 -15.94 4.37 -5.12
CA GLY A 34 -15.24 5.57 -5.53
C GLY A 34 -13.75 5.33 -5.44
N PRO A 35 -12.92 6.33 -5.77
CA PRO A 35 -11.46 6.28 -5.76
C PRO A 35 -10.79 6.06 -4.41
N GLY A 36 -9.48 6.26 -4.42
CA GLY A 36 -8.65 6.14 -3.25
C GLY A 36 -7.46 6.91 -3.76
N TRP A 37 -6.51 7.30 -2.94
CA TRP A 37 -5.35 8.08 -3.41
C TRP A 37 -4.00 7.50 -3.00
N CYS A 38 -3.03 7.49 -3.91
CA CYS A 38 -1.69 7.00 -3.61
C CYS A 38 -1.07 8.15 -2.83
N ASP A 39 -0.91 8.01 -1.52
CA ASP A 39 -0.38 9.11 -0.67
C ASP A 39 0.90 9.65 -1.28
N LEU A 40 1.71 8.71 -1.74
CA LEU A 40 2.96 8.98 -2.40
C LEU A 40 2.83 9.83 -3.67
N CYS A 41 1.94 9.45 -4.57
CA CYS A 41 1.76 10.18 -5.83
C CYS A 41 0.88 11.44 -5.75
N GLY A 42 -0.08 11.40 -4.84
CA GLY A 42 -1.02 12.49 -4.69
C GLY A 42 -2.09 12.32 -5.76
N ARG A 43 -2.00 11.22 -6.52
CA ARG A 43 -2.93 10.90 -7.60
C ARG A 43 -3.83 9.73 -7.20
N GLU A 44 -5.01 9.69 -7.77
CA GLU A 44 -5.97 8.62 -7.48
C GLU A 44 -5.43 7.22 -7.85
N VAL A 45 -5.91 6.20 -7.16
CA VAL A 45 -5.46 4.83 -7.41
C VAL A 45 -6.51 3.93 -8.07
N LEU A 46 -6.61 4.06 -9.39
CA LEU A 46 -7.54 3.22 -10.16
C LEU A 46 -7.06 1.77 -10.02
N ARG A 47 -5.74 1.64 -9.95
CA ARG A 47 -5.08 0.34 -9.78
C ARG A 47 -5.02 0.23 -8.26
N GLN A 48 -5.45 -0.89 -7.69
CA GLN A 48 -5.49 -1.06 -6.23
C GLN A 48 -4.22 -0.67 -5.49
N ALA A 49 -4.46 0.10 -4.44
CA ALA A 49 -3.41 0.62 -3.58
C ALA A 49 -3.23 -0.20 -2.32
N LEU A 50 -1.98 -0.43 -1.96
CA LEU A 50 -1.68 -1.22 -0.78
C LEU A 50 -1.09 -0.33 0.29
N ARG A 51 -1.61 -0.46 1.51
CA ARG A 51 -1.20 0.40 2.62
C ARG A 51 -0.39 -0.22 3.70
N CYS A 52 0.88 0.13 3.81
CA CYS A 52 1.62 -0.44 4.89
C CYS A 52 1.27 0.32 6.17
N ALA A 53 0.30 -0.22 6.88
CA ALA A 53 -0.20 0.35 8.12
C ALA A 53 0.89 0.43 9.17
N ASN A 54 1.98 -0.33 8.98
CA ASN A 54 3.09 -0.31 9.93
C ASN A 54 3.82 0.96 10.07
N CYS A 55 3.66 1.88 9.14
CA CYS A 55 4.41 3.08 9.25
C CYS A 55 3.95 4.26 8.43
N LYS A 56 4.06 4.01 7.16
CA LYS A 56 3.89 5.03 6.13
C LYS A 56 2.64 5.25 5.27
N PHE A 57 2.53 4.61 4.11
CA PHE A 57 1.38 4.88 3.23
C PHE A 57 0.75 3.83 2.33
N THR A 58 -0.32 4.27 1.66
CA THR A 58 -1.06 3.47 0.71
C THR A 58 -0.71 3.90 -0.71
N CYS A 59 0.16 3.13 -1.33
CA CYS A 59 0.62 3.43 -2.68
C CYS A 59 0.05 2.51 -3.74
N HIS A 60 0.04 2.91 -5.00
CA HIS A 60 -0.43 2.00 -6.07
C HIS A 60 0.48 0.76 -5.96
N SER A 61 -0.02 -0.41 -6.34
CA SER A 61 0.78 -1.63 -6.28
C SER A 61 2.07 -1.39 -7.04
N GLU A 62 1.91 -0.74 -8.19
CA GLU A 62 3.00 -0.38 -9.07
C GLU A 62 3.96 0.59 -8.36
N CYS A 63 3.40 1.57 -7.67
CA CYS A 63 4.17 2.56 -6.94
C CYS A 63 5.01 1.97 -5.80
N ARG A 64 4.72 0.74 -5.36
CA ARG A 64 5.57 0.15 -4.30
C ARG A 64 7.03 0.16 -4.74
N SER A 65 7.27 0.08 -6.04
CA SER A 65 8.62 0.10 -6.59
C SER A 65 9.43 1.32 -6.14
N LEU A 66 8.77 2.47 -6.10
CA LEU A 66 9.39 3.74 -5.70
C LEU A 66 9.81 3.83 -4.23
N ILE A 67 9.53 2.79 -3.43
CA ILE A 67 9.92 2.81 -2.02
C ILE A 67 10.67 1.51 -1.68
N GLN A 68 11.99 1.63 -1.65
CA GLN A 68 12.86 0.50 -1.34
C GLN A 68 13.26 0.54 0.14
N LEU A 69 12.55 1.34 0.91
CA LEU A 69 12.83 1.49 2.34
C LEU A 69 11.69 0.98 3.21
N ASP A 70 11.96 -0.10 3.93
CA ASP A 70 11.00 -0.76 4.84
C ASP A 70 10.46 0.13 5.96
N CYS A 71 9.60 -0.44 6.81
CA CYS A 71 9.00 0.30 7.90
C CYS A 71 10.09 0.92 8.79
N ARG A 72 10.13 2.25 8.80
CA ARG A 72 11.12 2.99 9.59
C ARG A 72 10.47 3.47 10.89
N PRO A 14 -2.18 -16.75 -0.03
CA PRO A 14 -1.09 -15.85 -0.49
C PRO A 14 -1.60 -14.82 -1.49
N ARG A 15 -2.83 -14.35 -1.30
CA ARG A 15 -3.44 -13.38 -2.19
C ARG A 15 -2.70 -12.05 -2.02
N VAL A 16 -2.67 -11.54 -0.80
CA VAL A 16 -2.01 -10.25 -0.51
C VAL A 16 -0.59 -10.47 0.01
N LEU A 17 0.27 -9.49 -0.23
CA LEU A 17 1.68 -9.54 0.19
C LEU A 17 1.88 -9.84 1.68
N ALA A 18 1.10 -9.17 2.51
CA ALA A 18 1.16 -9.29 3.97
C ALA A 18 1.14 -10.73 4.49
N GLU A 19 0.45 -11.63 3.80
CA GLU A 19 0.38 -13.03 4.23
C GLU A 19 1.77 -13.67 4.37
N ARG A 20 2.71 -13.26 3.53
CA ARG A 20 4.06 -13.83 3.55
C ARG A 20 4.99 -13.30 4.66
N GLY A 21 4.61 -12.21 5.29
CA GLY A 21 5.42 -11.65 6.35
C GLY A 21 4.98 -10.23 6.64
N GLU A 22 5.40 -9.67 7.77
CA GLU A 22 5.01 -8.31 8.10
C GLU A 22 6.11 -7.37 7.55
N GLY A 23 6.71 -6.52 8.38
CA GLY A 23 7.71 -5.60 7.85
C GLY A 23 6.87 -4.69 6.98
N HIS A 24 7.35 -4.30 5.80
CA HIS A 24 6.52 -3.48 4.94
C HIS A 24 5.47 -4.48 4.44
N ARG A 25 4.29 -4.45 5.05
CA ARG A 25 3.23 -5.41 4.71
C ARG A 25 2.37 -5.07 3.52
N PHE A 26 2.09 -3.78 3.33
CA PHE A 26 1.27 -3.35 2.19
C PHE A 26 -0.10 -3.99 2.16
N VAL A 27 -0.87 -3.79 3.21
CA VAL A 27 -2.23 -4.36 3.26
C VAL A 27 -3.17 -3.60 2.29
N GLU A 28 -3.32 -4.17 1.11
CA GLU A 28 -4.17 -3.61 0.05
C GLU A 28 -5.62 -3.43 0.49
N LEU A 29 -6.21 -2.27 0.24
CA LEU A 29 -7.61 -2.06 0.64
C LEU A 29 -8.57 -2.04 -0.55
N ALA A 30 -9.82 -2.36 -0.27
CA ALA A 30 -10.86 -2.37 -1.29
C ALA A 30 -11.48 -0.98 -1.39
N LEU A 31 -11.51 -0.41 -2.60
CA LEU A 31 -12.11 0.91 -2.79
C LEU A 31 -13.61 0.84 -2.48
N ARG A 32 -14.07 1.63 -1.52
CA ARG A 32 -15.50 1.65 -1.13
C ARG A 32 -16.34 2.02 -2.35
N GLY A 33 -15.82 2.95 -3.14
CA GLY A 33 -16.49 3.41 -4.34
C GLY A 33 -15.77 4.67 -4.73
N GLY A 34 -15.72 4.97 -6.02
CA GLY A 34 -15.03 6.17 -6.47
C GLY A 34 -13.53 5.97 -6.36
N PRO A 35 -12.71 6.99 -6.66
CA PRO A 35 -11.27 6.83 -6.56
C PRO A 35 -10.76 6.76 -5.12
N GLY A 36 -9.45 6.58 -4.99
CA GLY A 36 -8.79 6.55 -3.70
C GLY A 36 -7.49 7.08 -4.18
N TRP A 37 -6.54 7.54 -3.37
CA TRP A 37 -5.28 8.07 -3.91
C TRP A 37 -4.05 7.41 -3.31
N CYS A 38 -2.93 7.61 -4.02
CA CYS A 38 -1.63 7.10 -3.62
C CYS A 38 -1.14 8.23 -2.73
N ASP A 39 -1.09 8.05 -1.41
CA ASP A 39 -0.67 9.14 -0.50
C ASP A 39 0.65 9.71 -1.00
N LEU A 40 1.49 8.79 -1.45
CA LEU A 40 2.79 9.09 -2.01
C LEU A 40 2.73 10.02 -3.24
N CYS A 41 1.91 9.66 -4.23
CA CYS A 41 1.83 10.46 -5.46
C CYS A 41 0.90 11.68 -5.37
N GLY A 42 -0.12 11.56 -4.54
CA GLY A 42 -1.13 12.59 -4.38
C GLY A 42 -2.17 12.44 -5.47
N ARG A 43 -1.97 11.44 -6.33
CA ARG A 43 -2.87 11.18 -7.46
C ARG A 43 -3.69 9.91 -7.23
N GLU A 44 -4.89 9.89 -7.79
CA GLU A 44 -5.77 8.73 -7.66
C GLU A 44 -5.17 7.38 -8.11
N VAL A 45 -5.47 6.33 -7.36
CA VAL A 45 -5.01 4.99 -7.62
C VAL A 45 -6.01 4.12 -8.37
N LEU A 46 -5.81 3.97 -9.67
CA LEU A 46 -6.70 3.11 -10.44
C LEU A 46 -6.49 1.68 -9.91
N ARG A 47 -5.25 1.42 -9.53
CA ARG A 47 -4.82 0.13 -8.97
C ARG A 47 -5.36 0.03 -7.54
N GLN A 48 -5.68 -1.16 -7.05
CA GLN A 48 -6.10 -1.26 -5.65
C GLN A 48 -4.84 -0.88 -4.88
N ALA A 49 -4.93 0.12 -4.03
CA ALA A 49 -3.78 0.61 -3.29
C ALA A 49 -3.25 -0.27 -2.15
N LEU A 50 -1.95 -0.49 -2.18
CA LEU A 50 -1.22 -1.28 -1.19
C LEU A 50 -0.88 -0.41 0.01
N ARG A 51 -1.44 -0.67 1.19
CA ARG A 51 -1.15 0.21 2.32
C ARG A 51 -0.29 -0.35 3.40
N CYS A 52 0.97 0.05 3.50
CA CYS A 52 1.75 -0.48 4.61
C CYS A 52 1.32 0.40 5.79
N ALA A 53 0.22 0.00 6.40
CA ALA A 53 -0.39 0.71 7.52
C ALA A 53 0.57 0.87 8.70
N ASN A 54 1.60 0.05 8.70
CA ASN A 54 2.59 0.09 9.76
C ASN A 54 3.43 1.32 9.89
N CYS A 55 3.54 2.09 8.83
CA CYS A 55 4.39 3.25 8.92
C CYS A 55 4.07 4.37 7.98
N LYS A 56 4.10 4.00 6.73
CA LYS A 56 3.94 4.94 5.64
C LYS A 56 2.62 5.26 4.97
N PHE A 57 2.25 4.54 3.91
CA PHE A 57 1.03 4.86 3.19
C PHE A 57 0.36 3.83 2.29
N THR A 58 -0.69 4.27 1.61
CA THR A 58 -1.44 3.46 0.66
C THR A 58 -1.06 3.96 -0.73
N CYS A 59 -0.19 3.23 -1.38
CA CYS A 59 0.33 3.62 -2.69
C CYS A 59 -0.26 2.81 -3.85
N HIS A 60 -0.03 3.26 -5.08
CA HIS A 60 -0.48 2.46 -6.23
C HIS A 60 0.25 1.13 -6.07
N SER A 61 -0.37 0.04 -6.50
CA SER A 61 0.28 -1.26 -6.39
C SER A 61 1.64 -1.14 -7.09
N GLU A 62 1.64 -0.58 -8.28
CA GLU A 62 2.87 -0.37 -9.04
C GLU A 62 3.87 0.57 -8.32
N CYS A 63 3.38 1.59 -7.62
CA CYS A 63 4.23 2.53 -6.88
C CYS A 63 4.94 1.88 -5.69
N ARG A 64 4.45 0.74 -5.22
CA ARG A 64 5.09 0.08 -4.05
C ARG A 64 6.57 -0.19 -4.29
N SER A 65 6.95 -0.37 -5.54
CA SER A 65 8.34 -0.67 -5.88
C SER A 65 9.29 0.52 -5.79
N LEU A 66 8.76 1.71 -5.54
CA LEU A 66 9.58 2.89 -5.41
C LEU A 66 10.02 3.05 -3.97
N ILE A 67 9.56 2.15 -3.13
CA ILE A 67 9.91 2.16 -1.71
C ILE A 67 10.81 0.96 -1.47
N GLN A 68 12.04 1.21 -1.02
CA GLN A 68 13.05 0.17 -0.75
C GLN A 68 12.73 -0.75 0.46
N LEU A 69 11.46 -1.09 0.61
CA LEU A 69 10.89 -1.95 1.66
C LEU A 69 11.03 -1.40 3.08
N ASP A 70 11.49 -0.17 3.20
CA ASP A 70 11.61 0.48 4.50
C ASP A 70 10.28 0.74 5.15
N CYS A 71 10.09 -0.01 6.21
CA CYS A 71 8.95 0.07 7.04
C CYS A 71 9.53 0.88 8.20
N ARG A 72 8.93 0.60 9.32
CA ARG A 72 9.26 1.22 10.61
C ARG A 72 10.73 1.09 10.96
N PRO A 14 6.39 -12.35 3.39
CA PRO A 14 5.37 -13.43 3.40
C PRO A 14 5.65 -14.55 4.41
N ARG A 15 6.13 -14.20 5.60
CA ARG A 15 6.45 -15.20 6.63
C ARG A 15 5.23 -16.04 7.02
N VAL A 16 4.24 -15.37 7.58
CA VAL A 16 3.01 -16.04 8.03
C VAL A 16 2.01 -15.74 6.91
N LEU A 17 0.79 -16.28 6.98
CA LEU A 17 -0.24 -16.02 5.96
C LEU A 17 -0.38 -14.50 5.80
N ALA A 18 -0.64 -13.82 6.90
CA ALA A 18 -0.74 -12.37 6.88
C ALA A 18 0.66 -11.92 7.27
N GLU A 19 1.28 -11.05 6.49
CA GLU A 19 2.63 -10.61 6.80
C GLU A 19 2.80 -9.92 8.17
N ARG A 20 3.69 -10.49 8.99
CA ARG A 20 4.01 -9.97 10.33
C ARG A 20 4.58 -8.55 10.28
N GLY A 21 5.40 -8.29 9.27
CA GLY A 21 6.03 -7.00 9.12
C GLY A 21 7.54 -7.07 8.90
N GLU A 22 8.03 -8.15 8.27
CA GLU A 22 9.48 -8.29 7.99
C GLU A 22 9.93 -7.23 6.98
N GLY A 23 8.94 -6.60 6.37
CA GLY A 23 9.14 -5.57 5.38
C GLY A 23 7.73 -5.04 5.26
N HIS A 24 7.49 -4.00 4.48
CA HIS A 24 6.12 -3.47 4.36
C HIS A 24 5.05 -4.48 4.01
N ARG A 25 4.06 -4.67 4.90
CA ARG A 25 2.98 -5.61 4.59
C ARG A 25 2.16 -5.13 3.40
N PHE A 26 1.93 -3.82 3.29
CA PHE A 26 1.17 -3.25 2.18
C PHE A 26 -0.21 -3.86 2.05
N VAL A 27 -0.98 -3.74 3.10
CA VAL A 27 -2.34 -4.28 3.08
C VAL A 27 -3.26 -3.46 2.18
N GLU A 28 -3.52 -3.97 0.98
CA GLU A 28 -4.37 -3.29 0.00
C GLU A 28 -5.73 -2.92 0.59
N LEU A 29 -6.14 -1.67 0.39
CA LEU A 29 -7.41 -1.22 0.94
C LEU A 29 -8.67 -1.73 0.30
N ALA A 30 -9.58 -2.10 1.16
CA ALA A 30 -10.90 -2.63 0.78
C ALA A 30 -11.90 -1.47 0.68
N LEU A 31 -11.48 -0.36 0.07
CA LEU A 31 -12.35 0.82 -0.04
C LEU A 31 -13.66 0.55 -0.79
N ARG A 32 -13.59 -0.32 -1.79
CA ARG A 32 -14.75 -0.75 -2.63
C ARG A 32 -15.52 0.41 -3.28
N GLY A 33 -14.88 1.56 -3.35
CA GLY A 33 -15.48 2.74 -3.95
C GLY A 33 -14.95 2.96 -5.35
N GLY A 34 -14.97 4.20 -5.80
CA GLY A 34 -14.46 4.53 -7.12
C GLY A 34 -12.98 4.83 -7.01
N PRO A 35 -12.55 6.11 -7.14
CA PRO A 35 -11.11 6.33 -6.99
C PRO A 35 -10.57 6.06 -5.60
N GLY A 36 -9.27 6.12 -5.51
CA GLY A 36 -8.57 5.95 -4.25
C GLY A 36 -7.38 6.82 -4.54
N TRP A 37 -6.60 7.23 -3.57
CA TRP A 37 -5.47 8.12 -3.82
C TRP A 37 -4.14 7.60 -3.25
N CYS A 38 -3.08 7.62 -4.04
CA CYS A 38 -1.76 7.19 -3.58
C CYS A 38 -1.23 8.35 -2.74
N ASP A 39 -1.14 8.19 -1.43
CA ASP A 39 -0.68 9.30 -0.54
C ASP A 39 0.60 9.89 -1.08
N LEU A 40 1.48 8.99 -1.49
CA LEU A 40 2.76 9.32 -2.07
C LEU A 40 2.65 10.18 -3.35
N CYS A 41 1.82 9.74 -4.29
CA CYS A 41 1.65 10.45 -5.55
C CYS A 41 0.72 11.67 -5.56
N GLY A 42 -0.31 11.60 -4.74
CA GLY A 42 -1.31 12.66 -4.69
C GLY A 42 -2.29 12.43 -5.83
N ARG A 43 -2.04 11.39 -6.60
CA ARG A 43 -2.86 10.99 -7.74
C ARG A 43 -3.68 9.73 -7.52
N GLU A 44 -4.71 9.56 -8.34
CA GLU A 44 -5.62 8.42 -8.28
C GLU A 44 -4.98 7.05 -8.50
N VAL A 45 -5.34 6.09 -7.66
CA VAL A 45 -4.84 4.71 -7.77
C VAL A 45 -5.85 3.83 -8.52
N LEU A 46 -5.51 3.46 -9.75
CA LEU A 46 -6.40 2.62 -10.54
C LEU A 46 -6.65 1.26 -9.85
N ARG A 47 -5.64 0.73 -9.17
CA ARG A 47 -5.78 -0.56 -8.47
C ARG A 47 -6.03 -0.23 -6.98
N GLN A 48 -6.46 -1.19 -6.19
CA GLN A 48 -6.66 -1.02 -4.76
C GLN A 48 -5.29 -0.72 -4.17
N ALA A 49 -5.14 0.49 -3.66
CA ALA A 49 -3.90 0.95 -3.08
C ALA A 49 -3.33 0.10 -1.94
N LEU A 50 -2.06 -0.22 -2.08
CA LEU A 50 -1.30 -1.01 -1.11
C LEU A 50 -0.97 -0.17 0.11
N ARG A 51 -1.53 -0.47 1.27
CA ARG A 51 -1.28 0.37 2.43
C ARG A 51 -0.45 -0.25 3.49
N CYS A 52 0.81 0.14 3.60
CA CYS A 52 1.60 -0.42 4.67
C CYS A 52 1.22 0.36 5.93
N ALA A 53 0.15 -0.08 6.57
CA ALA A 53 -0.37 0.55 7.78
C ALA A 53 0.67 0.50 8.90
N ASN A 54 1.66 -0.35 8.73
CA ASN A 54 2.72 -0.50 9.71
C ASN A 54 3.58 0.72 9.92
N CYS A 55 3.60 1.60 8.95
CA CYS A 55 4.42 2.77 9.10
C CYS A 55 4.09 3.93 8.17
N LYS A 56 4.05 3.59 6.90
CA LYS A 56 3.86 4.57 5.82
C LYS A 56 2.44 4.88 5.25
N PHE A 57 2.30 4.70 3.94
CA PHE A 57 1.07 5.04 3.22
C PHE A 57 0.34 4.01 2.34
N THR A 58 -0.78 4.47 1.75
CA THR A 58 -1.58 3.67 0.83
C THR A 58 -1.23 4.13 -0.60
N CYS A 59 -0.38 3.35 -1.24
CA CYS A 59 0.16 3.69 -2.58
C CYS A 59 -0.26 2.83 -3.78
N HIS A 60 0.08 3.29 -4.99
CA HIS A 60 -0.19 2.47 -6.19
C HIS A 60 0.64 1.20 -6.04
N SER A 61 0.16 0.09 -6.58
CA SER A 61 0.93 -1.13 -6.51
C SER A 61 2.32 -0.91 -7.11
N GLU A 62 2.36 -0.32 -8.29
CA GLU A 62 3.61 -0.02 -8.95
C GLU A 62 4.48 0.95 -8.13
N CYS A 63 3.85 1.86 -7.39
CA CYS A 63 4.58 2.79 -6.55
C CYS A 63 5.36 2.11 -5.42
N ARG A 64 4.86 1.00 -4.86
CA ARG A 64 5.64 0.40 -3.75
C ARG A 64 7.03 -0.04 -4.21
N SER A 65 7.18 -0.34 -5.49
CA SER A 65 8.47 -0.79 -6.01
C SER A 65 9.49 0.34 -6.11
N LEU A 66 9.02 1.57 -5.89
CA LEU A 66 9.88 2.74 -5.95
C LEU A 66 10.47 3.08 -4.58
N ILE A 67 10.11 2.33 -3.56
CA ILE A 67 10.60 2.62 -2.22
C ILE A 67 10.91 1.34 -1.42
N GLN A 68 12.20 1.00 -1.36
CA GLN A 68 12.66 -0.18 -0.62
C GLN A 68 12.84 0.11 0.88
N LEU A 69 12.49 1.33 1.28
CA LEU A 69 12.61 1.75 2.68
C LEU A 69 11.49 1.19 3.55
N ASP A 70 11.66 -0.06 3.98
CA ASP A 70 10.70 -0.81 4.82
C ASP A 70 10.22 -0.20 6.15
N CYS A 71 9.37 -0.96 6.83
CA CYS A 71 8.76 -0.54 8.06
C CYS A 71 9.68 0.08 9.11
N ARG A 72 9.30 1.31 9.43
CA ARG A 72 9.98 2.14 10.44
C ARG A 72 10.03 1.46 11.79
N PRO A 14 -6.80 -13.85 5.72
CA PRO A 14 -7.42 -12.50 5.64
C PRO A 14 -6.70 -11.57 6.62
N ARG A 15 -7.29 -10.43 6.94
CA ARG A 15 -6.67 -9.47 7.88
C ARG A 15 -6.31 -10.06 9.24
N VAL A 16 -7.28 -10.70 9.89
CA VAL A 16 -7.02 -11.32 11.20
C VAL A 16 -5.85 -12.31 11.14
N LEU A 17 -5.78 -13.10 10.08
CA LEU A 17 -4.70 -14.07 9.91
C LEU A 17 -3.51 -13.45 9.16
N ALA A 18 -3.19 -12.19 9.46
CA ALA A 18 -2.07 -11.51 8.81
C ALA A 18 -0.77 -12.30 9.02
N GLU A 19 -0.04 -12.52 7.95
CA GLU A 19 1.23 -13.25 8.03
C GLU A 19 2.19 -12.53 8.99
N ARG A 20 2.98 -13.31 9.72
CA ARG A 20 3.95 -12.79 10.70
C ARG A 20 5.11 -12.01 10.09
N GLY A 21 5.23 -12.07 8.77
CA GLY A 21 6.32 -11.39 8.08
C GLY A 21 6.44 -9.89 8.33
N GLU A 22 7.65 -9.50 8.62
CA GLU A 22 8.03 -8.11 8.87
C GLU A 22 8.16 -7.33 7.55
N GLY A 23 8.68 -6.11 7.62
CA GLY A 23 8.84 -5.31 6.42
C GLY A 23 7.50 -4.71 6.02
N HIS A 24 7.46 -3.95 4.92
CA HIS A 24 6.18 -3.37 4.50
C HIS A 24 5.15 -4.42 4.11
N ARG A 25 4.22 -4.72 5.01
CA ARG A 25 3.18 -5.70 4.73
C ARG A 25 2.25 -5.28 3.59
N PHE A 26 1.99 -3.98 3.45
CA PHE A 26 1.15 -3.48 2.36
C PHE A 26 -0.30 -3.95 2.35
N VAL A 27 -1.03 -3.61 3.39
CA VAL A 27 -2.44 -4.00 3.47
C VAL A 27 -3.26 -3.24 2.41
N GLU A 28 -3.68 -3.96 1.40
CA GLU A 28 -4.45 -3.45 0.27
C GLU A 28 -5.75 -2.68 0.63
N LEU A 29 -5.86 -1.50 0.08
CA LEU A 29 -7.02 -0.64 0.24
C LEU A 29 -8.12 -1.14 -0.69
N ALA A 30 -9.09 -1.88 -0.15
CA ALA A 30 -10.18 -2.38 -0.98
C ALA A 30 -10.90 -1.21 -1.67
N LEU A 31 -10.97 -1.25 -2.99
CA LEU A 31 -11.61 -0.18 -3.74
C LEU A 31 -13.08 -0.48 -4.03
N ARG A 32 -13.96 0.12 -3.24
CA ARG A 32 -15.42 -0.06 -3.40
C ARG A 32 -15.94 0.50 -4.73
N GLY A 33 -15.10 1.24 -5.42
CA GLY A 33 -15.48 1.86 -6.68
C GLY A 33 -15.21 3.34 -6.55
N GLY A 34 -15.04 4.03 -7.67
CA GLY A 34 -14.75 5.46 -7.62
C GLY A 34 -13.28 5.68 -7.36
N PRO A 35 -12.86 6.92 -7.10
CA PRO A 35 -11.42 7.16 -6.86
C PRO A 35 -10.92 6.73 -5.48
N GLY A 36 -9.61 6.63 -5.39
CA GLY A 36 -8.93 6.30 -4.16
C GLY A 36 -7.69 7.10 -4.44
N TRP A 37 -6.83 7.40 -3.48
CA TRP A 37 -5.65 8.21 -3.77
C TRP A 37 -4.33 7.63 -3.24
N CYS A 38 -3.30 7.63 -4.08
CA CYS A 38 -1.96 7.14 -3.71
C CYS A 38 -1.47 8.31 -2.86
N ASP A 39 -1.56 8.22 -1.54
CA ASP A 39 -1.13 9.32 -0.66
C ASP A 39 0.31 9.70 -0.94
N LEU A 40 1.06 8.72 -1.37
CA LEU A 40 2.45 8.88 -1.78
C LEU A 40 2.57 9.83 -3.01
N CYS A 41 1.83 9.53 -4.07
CA CYS A 41 1.86 10.31 -5.32
C CYS A 41 0.95 11.54 -5.41
N GLY A 42 -0.16 11.48 -4.72
CA GLY A 42 -1.16 12.53 -4.76
C GLY A 42 -2.12 12.22 -5.91
N ARG A 43 -1.76 11.21 -6.70
CA ARG A 43 -2.54 10.78 -7.86
C ARG A 43 -3.52 9.65 -7.57
N GLU A 44 -4.64 9.68 -8.25
CA GLU A 44 -5.70 8.67 -8.12
C GLU A 44 -5.25 7.22 -8.33
N VAL A 45 -5.66 6.33 -7.44
CA VAL A 45 -5.30 4.91 -7.58
C VAL A 45 -6.42 4.11 -8.23
N LEU A 46 -6.35 3.99 -9.54
CA LEU A 46 -7.35 3.21 -10.28
C LEU A 46 -7.04 1.76 -9.84
N ARG A 47 -5.76 1.46 -9.90
CA ARG A 47 -5.22 0.17 -9.49
C ARG A 47 -5.44 0.03 -7.98
N GLN A 48 -5.73 -1.15 -7.48
CA GLN A 48 -5.93 -1.32 -6.04
C GLN A 48 -4.64 -1.01 -5.30
N ALA A 49 -4.71 0.02 -4.46
CA ALA A 49 -3.58 0.48 -3.68
C ALA A 49 -3.20 -0.44 -2.51
N LEU A 50 -1.96 -0.35 -2.08
CA LEU A 50 -1.37 -1.13 -0.98
C LEU A 50 -0.93 -0.24 0.16
N ARG A 51 -1.40 -0.46 1.39
CA ARG A 51 -1.00 0.41 2.48
C ARG A 51 -0.18 -0.23 3.55
N CYS A 52 1.09 0.09 3.63
CA CYS A 52 1.86 -0.47 4.72
C CYS A 52 1.48 0.31 6.00
N ALA A 53 0.44 -0.18 6.66
CA ALA A 53 -0.10 0.41 7.87
C ALA A 53 0.91 0.41 9.00
N ASN A 54 2.00 -0.34 8.83
CA ASN A 54 3.05 -0.40 9.83
C ASN A 54 3.70 0.93 10.05
N CYS A 55 3.61 1.81 9.06
CA CYS A 55 4.28 3.06 9.20
C CYS A 55 3.96 4.19 8.24
N LYS A 56 4.03 3.83 6.98
CA LYS A 56 3.91 4.79 5.88
C LYS A 56 2.59 5.10 5.16
N PHE A 57 2.57 4.84 3.86
CA PHE A 57 1.46 5.17 2.96
C PHE A 57 0.70 4.08 2.21
N THR A 58 -0.39 4.50 1.58
CA THR A 58 -1.23 3.66 0.75
C THR A 58 -0.97 4.13 -0.68
N CYS A 59 -0.11 3.41 -1.35
CA CYS A 59 0.29 3.78 -2.69
C CYS A 59 -0.19 2.85 -3.78
N HIS A 60 -0.11 3.29 -5.04
CA HIS A 60 -0.47 2.41 -6.17
C HIS A 60 0.40 1.17 -5.98
N SER A 61 -0.13 -0.01 -6.29
CA SER A 61 0.67 -1.22 -6.11
C SER A 61 2.01 -1.07 -6.83
N GLU A 62 1.99 -0.61 -8.06
CA GLU A 62 3.21 -0.39 -8.81
C GLU A 62 4.15 0.66 -8.17
N CYS A 63 3.59 1.71 -7.57
CA CYS A 63 4.42 2.73 -6.93
C CYS A 63 5.16 2.16 -5.72
N ARG A 64 4.65 1.09 -5.12
CA ARG A 64 5.32 0.56 -3.92
C ARG A 64 6.76 0.14 -4.23
N SER A 65 7.00 -0.27 -5.47
CA SER A 65 8.33 -0.72 -5.90
C SER A 65 9.38 0.36 -5.68
N LEU A 66 8.96 1.61 -5.83
CA LEU A 66 9.82 2.79 -5.68
C LEU A 66 10.37 2.98 -4.26
N ILE A 67 9.91 2.18 -3.31
CA ILE A 67 10.37 2.31 -1.92
C ILE A 67 11.22 1.14 -1.47
N GLN A 68 12.52 1.36 -1.48
CA GLN A 68 13.48 0.35 -1.04
C GLN A 68 13.52 0.32 0.50
N LEU A 69 13.30 1.49 1.09
CA LEU A 69 13.33 1.66 2.55
C LEU A 69 12.12 1.13 3.32
N ASP A 70 12.32 0.03 4.02
CA ASP A 70 11.30 -0.63 4.87
C ASP A 70 10.72 0.21 6.01
N CYS A 71 9.85 -0.41 6.80
CA CYS A 71 9.18 0.25 7.88
C CYS A 71 10.15 1.01 8.81
N ARG A 72 9.91 2.31 8.89
CA ARG A 72 10.69 3.25 9.70
C ARG A 72 10.63 2.80 11.17
N PRO A 14 3.77 -11.98 9.02
CA PRO A 14 2.90 -13.16 9.23
C PRO A 14 1.82 -13.15 8.17
N ARG A 15 0.77 -13.95 8.32
CA ARG A 15 -0.31 -14.01 7.32
C ARG A 15 -1.22 -12.75 7.29
N VAL A 16 -0.69 -11.65 6.78
CA VAL A 16 -1.45 -10.40 6.67
C VAL A 16 -1.99 -10.43 5.24
N LEU A 17 -2.07 -9.30 4.54
CA LEU A 17 -2.52 -9.32 3.14
C LEU A 17 -1.53 -10.26 2.44
N ALA A 18 -0.26 -9.85 2.48
CA ALA A 18 0.85 -10.62 1.94
C ALA A 18 0.93 -11.94 2.73
N GLU A 19 1.06 -13.06 2.04
CA GLU A 19 1.13 -14.37 2.70
C GLU A 19 2.26 -14.39 3.76
N ARG A 20 3.49 -14.05 3.37
CA ARG A 20 4.61 -14.00 4.30
C ARG A 20 4.47 -12.86 5.29
N GLY A 21 3.99 -11.74 4.77
CA GLY A 21 3.85 -10.54 5.57
C GLY A 21 5.21 -10.00 5.94
N GLU A 22 6.19 -10.40 5.15
CA GLU A 22 7.57 -10.00 5.34
C GLU A 22 7.69 -8.51 5.05
N GLY A 23 8.33 -7.75 5.93
CA GLY A 23 8.46 -6.32 5.69
C GLY A 23 7.11 -5.63 5.66
N HIS A 24 6.96 -4.67 4.76
CA HIS A 24 5.70 -3.94 4.63
C HIS A 24 4.48 -4.82 4.43
N ARG A 25 3.52 -4.77 5.34
CA ARG A 25 2.30 -5.57 5.21
C ARG A 25 1.48 -5.19 3.99
N PHE A 26 1.41 -3.90 3.67
CA PHE A 26 0.66 -3.43 2.50
C PHE A 26 -0.79 -3.90 2.50
N VAL A 27 -1.53 -3.56 3.53
CA VAL A 27 -2.94 -4.00 3.59
C VAL A 27 -3.83 -3.36 2.51
N GLU A 28 -4.07 -4.12 1.45
CA GLU A 28 -4.89 -3.72 0.30
C GLU A 28 -6.34 -3.29 0.61
N LEU A 29 -6.66 -2.06 0.23
CA LEU A 29 -8.01 -1.52 0.42
C LEU A 29 -8.92 -2.13 -0.64
N ALA A 30 -10.14 -2.49 -0.27
CA ALA A 30 -11.12 -3.10 -1.19
C ALA A 30 -11.70 -2.15 -2.28
N LEU A 31 -10.83 -1.43 -2.99
CA LEU A 31 -11.21 -0.50 -4.06
C LEU A 31 -11.69 -1.23 -5.33
N ARG A 32 -12.63 -2.16 -5.19
CA ARG A 32 -13.15 -2.94 -6.33
C ARG A 32 -13.70 -1.95 -7.36
N GLY A 33 -14.31 -0.88 -6.90
CA GLY A 33 -14.84 0.13 -7.80
C GLY A 33 -14.64 1.51 -7.19
N GLY A 34 -14.59 2.53 -8.03
CA GLY A 34 -14.39 3.89 -7.56
C GLY A 34 -12.92 4.24 -7.39
N PRO A 35 -12.59 5.52 -7.16
CA PRO A 35 -11.19 5.93 -6.99
C PRO A 35 -10.64 5.66 -5.60
N GLY A 36 -9.38 6.03 -5.43
CA GLY A 36 -8.69 5.90 -4.17
C GLY A 36 -7.51 6.75 -4.49
N TRP A 37 -6.72 7.18 -3.52
CA TRP A 37 -5.57 8.05 -3.81
C TRP A 37 -4.27 7.57 -3.18
N CYS A 38 -3.21 7.41 -3.98
CA CYS A 38 -1.90 7.00 -3.48
C CYS A 38 -1.43 8.21 -2.73
N ASP A 39 -1.51 8.20 -1.41
CA ASP A 39 -1.15 9.41 -0.64
C ASP A 39 0.28 9.84 -0.95
N LEU A 40 1.11 8.86 -1.26
CA LEU A 40 2.48 9.10 -1.66
C LEU A 40 2.54 9.94 -2.97
N CYS A 41 1.85 9.49 -4.01
CA CYS A 41 1.87 10.18 -5.30
C CYS A 41 0.95 11.41 -5.39
N GLY A 42 -0.13 11.36 -4.65
CA GLY A 42 -1.12 12.42 -4.68
C GLY A 42 -2.05 12.21 -5.85
N ARG A 43 -1.81 11.13 -6.60
CA ARG A 43 -2.59 10.77 -7.78
C ARG A 43 -3.49 9.57 -7.49
N GLU A 44 -4.64 9.53 -8.14
CA GLU A 44 -5.59 8.44 -7.96
C GLU A 44 -5.04 7.06 -8.34
N VAL A 45 -5.41 6.07 -7.55
CA VAL A 45 -4.98 4.68 -7.73
C VAL A 45 -6.04 3.76 -8.35
N LEU A 46 -5.92 3.51 -9.65
CA LEU A 46 -6.84 2.60 -10.33
C LEU A 46 -6.75 1.22 -9.63
N ARG A 47 -5.53 0.77 -9.42
CA ARG A 47 -5.24 -0.47 -8.72
C ARG A 47 -5.62 -0.31 -7.25
N GLN A 48 -6.11 -1.37 -6.63
CA GLN A 48 -6.49 -1.36 -5.23
C GLN A 48 -5.24 -1.04 -4.41
N ALA A 49 -5.32 0.11 -3.76
CA ALA A 49 -4.24 0.65 -2.96
C ALA A 49 -3.69 -0.25 -1.87
N LEU A 50 -2.38 -0.35 -1.83
CA LEU A 50 -1.66 -1.15 -0.85
C LEU A 50 -1.19 -0.27 0.30
N ARG A 51 -1.77 -0.44 1.48
CA ARG A 51 -1.40 0.41 2.62
C ARG A 51 -0.52 -0.22 3.65
N CYS A 52 0.77 0.04 3.66
CA CYS A 52 1.59 -0.52 4.72
C CYS A 52 1.37 0.38 5.93
N ALA A 53 0.30 0.09 6.65
CA ALA A 53 -0.09 0.86 7.83
C ALA A 53 0.96 0.82 8.94
N ASN A 54 1.94 -0.07 8.81
CA ASN A 54 3.01 -0.16 9.80
C ASN A 54 3.85 1.08 9.86
N CYS A 55 3.90 1.82 8.76
CA CYS A 55 4.76 2.97 8.73
C CYS A 55 4.53 4.01 7.64
N LYS A 56 4.33 3.52 6.44
CA LYS A 56 4.18 4.36 5.28
C LYS A 56 2.76 4.80 4.84
N PHE A 57 2.42 4.51 3.59
CA PHE A 57 1.17 4.94 2.98
C PHE A 57 0.34 3.92 2.23
N THR A 58 -0.78 4.40 1.68
CA THR A 58 -1.66 3.60 0.85
C THR A 58 -1.24 3.98 -0.56
N CYS A 59 -0.43 3.14 -1.17
CA CYS A 59 0.14 3.46 -2.47
C CYS A 59 -0.21 2.64 -3.71
N HIS A 60 0.09 3.21 -4.87
CA HIS A 60 -0.07 2.50 -6.16
C HIS A 60 0.88 1.31 -6.13
N SER A 61 0.46 0.16 -6.64
CA SER A 61 1.35 -1.00 -6.69
C SER A 61 2.62 -0.59 -7.43
N GLU A 62 2.45 0.12 -8.55
CA GLU A 62 3.58 0.60 -9.33
C GLU A 62 4.54 1.58 -8.60
N CYS A 63 4.04 2.45 -7.72
CA CYS A 63 4.94 3.37 -7.02
C CYS A 63 5.71 2.60 -5.94
N ARG A 64 5.23 1.41 -5.56
CA ARG A 64 5.97 0.58 -4.58
C ARG A 64 7.37 0.32 -5.08
N SER A 65 7.55 0.35 -6.39
CA SER A 65 8.86 0.10 -7.01
C SER A 65 9.94 1.00 -6.41
N LEU A 66 9.60 2.26 -6.15
CA LEU A 66 10.56 3.21 -5.58
C LEU A 66 10.85 2.99 -4.08
N ILE A 67 10.18 2.03 -3.46
CA ILE A 67 10.40 1.78 -2.03
C ILE A 67 11.64 0.92 -1.80
N GLN A 68 12.72 1.60 -1.41
CA GLN A 68 13.99 0.96 -1.14
C GLN A 68 14.22 0.78 0.37
N LEU A 69 13.15 0.87 1.15
CA LEU A 69 13.26 0.74 2.61
C LEU A 69 11.99 0.22 3.29
N ASP A 70 12.15 -0.91 3.98
CA ASP A 70 11.08 -1.59 4.74
C ASP A 70 10.56 -0.83 5.96
N CYS A 71 9.64 -1.47 6.69
CA CYS A 71 9.04 -0.85 7.85
C CYS A 71 10.11 -0.33 8.85
N ARG A 72 10.02 0.96 9.05
CA ARG A 72 10.90 1.72 9.97
C ARG A 72 10.85 1.16 11.39
N PRO A 14 3.56 -21.34 8.72
CA PRO A 14 2.11 -21.01 8.67
C PRO A 14 1.86 -20.01 7.55
N ARG A 15 0.71 -19.33 7.57
CA ARG A 15 0.36 -18.32 6.55
C ARG A 15 1.18 -17.02 6.83
N VAL A 16 2.49 -17.13 6.74
CA VAL A 16 3.43 -16.02 7.00
C VAL A 16 3.44 -15.04 5.80
N LEU A 17 2.27 -14.52 5.44
CA LEU A 17 2.17 -13.57 4.31
C LEU A 17 3.01 -12.34 4.70
N ALA A 18 2.54 -11.61 5.69
CA ALA A 18 3.23 -10.41 6.19
C ALA A 18 3.51 -10.58 7.68
N GLU A 19 4.74 -10.33 8.10
CA GLU A 19 5.10 -10.45 9.53
C GLU A 19 4.76 -9.17 10.32
N ARG A 20 5.49 -8.95 11.41
CA ARG A 20 5.31 -7.81 12.32
C ARG A 20 5.43 -6.46 11.62
N GLY A 21 6.52 -6.32 10.88
CA GLY A 21 6.80 -5.07 10.17
C GLY A 21 8.24 -5.00 9.69
N GLU A 22 8.86 -6.16 9.51
CA GLU A 22 10.25 -6.27 9.07
C GLU A 22 10.40 -5.80 7.61
N GLY A 23 9.27 -5.49 7.01
CA GLY A 23 9.18 -5.01 5.64
C GLY A 23 7.72 -4.64 5.58
N HIS A 24 7.30 -3.73 4.72
CA HIS A 24 6.00 -3.32 4.62
C HIS A 24 4.97 -4.40 4.38
N ARG A 25 4.01 -4.45 5.28
CA ARG A 25 2.93 -5.42 5.19
C ARG A 25 2.08 -5.19 3.94
N PHE A 26 1.92 -3.93 3.55
CA PHE A 26 1.13 -3.57 2.36
C PHE A 26 -0.30 -4.10 2.36
N VAL A 27 -1.07 -3.72 3.36
CA VAL A 27 -2.46 -4.21 3.41
C VAL A 27 -3.39 -3.55 2.37
N GLU A 28 -3.57 -4.24 1.25
CA GLU A 28 -4.40 -3.80 0.13
C GLU A 28 -5.79 -3.18 0.45
N LEU A 29 -6.24 -2.25 -0.39
CA LEU A 29 -7.52 -1.57 -0.22
C LEU A 29 -8.70 -2.13 -1.00
N ALA A 30 -9.87 -2.02 -0.41
CA ALA A 30 -11.12 -2.47 -1.03
C ALA A 30 -11.72 -1.31 -1.85
N LEU A 31 -10.86 -0.57 -2.53
CA LEU A 31 -11.24 0.60 -3.34
C LEU A 31 -12.16 0.38 -4.56
N ARG A 32 -12.72 -0.81 -4.71
CA ARG A 32 -13.61 -1.09 -5.84
C ARG A 32 -14.78 -0.09 -5.90
N GLY A 33 -15.23 0.39 -4.74
CA GLY A 33 -16.34 1.32 -4.70
C GLY A 33 -16.05 2.80 -5.00
N GLY A 34 -14.80 3.22 -5.10
CA GLY A 34 -14.51 4.61 -5.40
C GLY A 34 -13.02 4.90 -5.35
N PRO A 35 -12.55 6.08 -5.75
CA PRO A 35 -11.09 6.21 -5.66
C PRO A 35 -10.52 6.33 -4.26
N GLY A 36 -9.22 6.51 -4.24
CA GLY A 36 -8.46 6.69 -3.03
C GLY A 36 -7.25 7.20 -3.75
N TRP A 37 -6.23 7.74 -3.11
CA TRP A 37 -5.07 8.25 -3.83
C TRP A 37 -3.80 7.60 -3.28
N CYS A 38 -2.72 7.71 -4.02
CA CYS A 38 -1.44 7.18 -3.63
C CYS A 38 -0.93 8.34 -2.80
N ASP A 39 -0.79 8.21 -1.49
CA ASP A 39 -0.35 9.35 -0.65
C ASP A 39 0.94 9.91 -1.23
N LEU A 40 1.76 8.98 -1.70
CA LEU A 40 3.02 9.29 -2.35
C LEU A 40 2.87 10.15 -3.62
N CYS A 41 1.99 9.75 -4.53
CA CYS A 41 1.79 10.49 -5.78
C CYS A 41 0.83 11.69 -5.70
N GLY A 42 -0.12 11.60 -4.80
CA GLY A 42 -1.15 12.62 -4.63
C GLY A 42 -2.25 12.37 -5.65
N ARG A 43 -2.04 11.37 -6.50
CA ARG A 43 -2.98 10.99 -7.55
C ARG A 43 -3.76 9.73 -7.25
N GLU A 44 -5.00 9.72 -7.71
CA GLU A 44 -5.94 8.60 -7.54
C GLU A 44 -5.35 7.23 -7.88
N VAL A 45 -5.49 6.28 -6.97
CA VAL A 45 -5.01 4.94 -7.20
C VAL A 45 -6.05 4.12 -7.95
N LEU A 46 -5.99 4.18 -9.26
CA LEU A 46 -6.90 3.38 -10.08
C LEU A 46 -6.53 1.93 -9.78
N ARG A 47 -5.23 1.67 -9.80
CA ARG A 47 -4.65 0.36 -9.49
C ARG A 47 -5.03 0.10 -8.04
N GLN A 48 -5.51 -1.08 -7.71
CA GLN A 48 -5.90 -1.39 -6.34
C GLN A 48 -4.68 -1.29 -5.42
N ALA A 49 -4.70 -0.23 -4.62
CA ALA A 49 -3.64 0.18 -3.69
C ALA A 49 -3.25 -0.72 -2.55
N LEU A 50 -1.99 -0.59 -2.16
CA LEU A 50 -1.38 -1.34 -1.07
C LEU A 50 -1.07 -0.40 0.10
N ARG A 51 -1.59 -0.66 1.30
CA ARG A 51 -1.34 0.22 2.46
C ARG A 51 -0.35 -0.30 3.46
N CYS A 52 0.89 0.15 3.50
CA CYS A 52 1.75 -0.37 4.53
C CYS A 52 1.40 0.36 5.84
N ALA A 53 0.44 -0.23 6.53
CA ALA A 53 -0.07 0.29 7.80
C ALA A 53 1.01 0.32 8.86
N ASN A 54 2.15 -0.31 8.59
CA ASN A 54 3.23 -0.32 9.55
C ASN A 54 3.81 1.04 9.79
N CYS A 55 3.64 1.93 8.81
CA CYS A 55 4.26 3.22 8.94
C CYS A 55 3.89 4.30 7.93
N LYS A 56 4.17 3.92 6.70
CA LYS A 56 4.05 4.79 5.54
C LYS A 56 2.75 5.22 4.88
N PHE A 57 2.22 4.47 3.93
CA PHE A 57 1.02 4.88 3.20
C PHE A 57 0.35 3.94 2.21
N THR A 58 -0.75 4.40 1.62
CA THR A 58 -1.48 3.68 0.60
C THR A 58 -0.89 4.03 -0.76
N CYS A 59 -0.06 3.17 -1.29
CA CYS A 59 0.59 3.45 -2.57
C CYS A 59 -0.08 2.69 -3.72
N HIS A 60 0.09 3.14 -4.96
CA HIS A 60 -0.44 2.37 -6.09
C HIS A 60 0.28 1.03 -5.95
N SER A 61 -0.36 -0.06 -6.35
CA SER A 61 0.28 -1.37 -6.25
C SER A 61 1.64 -1.26 -6.96
N GLU A 62 1.66 -0.69 -8.15
CA GLU A 62 2.91 -0.49 -8.87
C GLU A 62 3.88 0.46 -8.13
N CYS A 63 3.35 1.51 -7.49
CA CYS A 63 4.17 2.47 -6.75
C CYS A 63 4.85 1.88 -5.53
N ARG A 64 4.45 0.70 -5.09
CA ARG A 64 5.11 0.09 -3.91
C ARG A 64 6.63 0.01 -4.15
N SER A 65 6.99 -0.16 -5.42
CA SER A 65 8.39 -0.25 -5.84
C SER A 65 9.18 0.99 -5.47
N LEU A 66 8.52 2.13 -5.58
CA LEU A 66 9.15 3.43 -5.30
C LEU A 66 9.49 3.68 -3.83
N ILE A 67 9.08 2.78 -2.94
CA ILE A 67 9.40 2.97 -1.53
C ILE A 67 10.83 2.45 -1.35
N GLN A 68 11.77 3.40 -1.27
CA GLN A 68 13.20 3.09 -1.14
C GLN A 68 13.66 2.37 0.14
N LEU A 69 13.01 2.61 1.28
CA LEU A 69 13.43 1.97 2.53
C LEU A 69 12.32 1.26 3.29
N ASP A 70 12.74 0.56 4.34
CA ASP A 70 11.90 -0.20 5.27
C ASP A 70 10.87 0.59 6.07
N CYS A 71 10.12 -0.12 6.92
CA CYS A 71 9.13 0.49 7.77
C CYS A 71 9.85 1.37 8.79
N ARG A 72 9.72 2.68 8.62
CA ARG A 72 10.37 3.63 9.53
C ARG A 72 9.52 3.99 10.75
#